data_4AEQ
# 
_entry.id   4AEQ 
# 
_audit_conform.dict_name       mmcif_pdbx.dic 
_audit_conform.dict_version    5.399 
_audit_conform.dict_location   http://mmcif.pdb.org/dictionaries/ascii/mmcif_pdbx.dic 
# 
loop_
_database_2.database_id 
_database_2.database_code 
_database_2.pdbx_database_accession 
_database_2.pdbx_DOI 
PDB   4AEQ         pdb_00004aeq 10.2210/pdb4aeq/pdb 
PDBE  EBI-50937    ?            ?                   
WWPDB D_1290050937 ?            ?                   
# 
loop_
_pdbx_audit_revision_history.ordinal 
_pdbx_audit_revision_history.data_content_type 
_pdbx_audit_revision_history.major_revision 
_pdbx_audit_revision_history.minor_revision 
_pdbx_audit_revision_history.revision_date 
1 'Structure model' 1 0 2012-01-25 
2 'Structure model' 1 1 2012-02-29 
3 'Structure model' 1 2 2012-04-18 
4 'Structure model' 1 3 2024-05-01 
5 'Structure model' 1 4 2024-11-20 
# 
_pdbx_audit_revision_details.ordinal             1 
_pdbx_audit_revision_details.revision_ordinal    1 
_pdbx_audit_revision_details.data_content_type   'Structure model' 
_pdbx_audit_revision_details.provider            repository 
_pdbx_audit_revision_details.type                'Initial release' 
_pdbx_audit_revision_details.description         ? 
_pdbx_audit_revision_details.details             ? 
# 
loop_
_pdbx_audit_revision_group.ordinal 
_pdbx_audit_revision_group.revision_ordinal 
_pdbx_audit_revision_group.data_content_type 
_pdbx_audit_revision_group.group 
1 2 'Structure model' Other                    
2 3 'Structure model' Other                    
3 4 'Structure model' 'Data collection'        
4 4 'Structure model' 'Database references'    
5 4 'Structure model' 'Derived calculations'   
6 4 'Structure model' Other                    
7 4 'Structure model' 'Refinement description' 
8 5 'Structure model' 'Structure summary'      
# 
loop_
_pdbx_audit_revision_category.ordinal 
_pdbx_audit_revision_category.revision_ordinal 
_pdbx_audit_revision_category.data_content_type 
_pdbx_audit_revision_category.category 
1 4 'Structure model' chem_comp_atom                
2 4 'Structure model' chem_comp_bond                
3 4 'Structure model' database_2                    
4 4 'Structure model' pdbx_database_status          
5 4 'Structure model' pdbx_initial_refinement_model 
6 4 'Structure model' struct_site                   
7 5 'Structure model' pdbx_entry_details            
8 5 'Structure model' pdbx_modification_feature     
# 
loop_
_pdbx_audit_revision_item.ordinal 
_pdbx_audit_revision_item.revision_ordinal 
_pdbx_audit_revision_item.data_content_type 
_pdbx_audit_revision_item.item 
1 4 'Structure model' '_database_2.pdbx_DOI'                 
2 4 'Structure model' '_database_2.pdbx_database_accession'  
3 4 'Structure model' '_pdbx_database_status.status_code_sf' 
4 4 'Structure model' '_struct_site.pdbx_auth_asym_id'       
5 4 'Structure model' '_struct_site.pdbx_auth_comp_id'       
6 4 'Structure model' '_struct_site.pdbx_auth_seq_id'        
# 
_pdbx_database_status.status_code                     REL 
_pdbx_database_status.entry_id                        4AEQ 
_pdbx_database_status.deposit_site                    PDBE 
_pdbx_database_status.process_site                    PDBE 
_pdbx_database_status.SG_entry                        . 
_pdbx_database_status.recvd_initial_deposition_date   2012-01-12 
_pdbx_database_status.pdb_format_compatible           Y 
_pdbx_database_status.status_code_sf                  REL 
_pdbx_database_status.status_code_mr                  ? 
_pdbx_database_status.status_code_cs                  ? 
_pdbx_database_status.methods_development_category    ? 
_pdbx_database_status.status_code_nmr_data            ? 
# 
_pdbx_database_related.db_name        PDB 
_pdbx_database_related.db_id          2XGL 
_pdbx_database_related.content_type   unspecified 
_pdbx_database_related.details        
;THE X-RAY STRUCTURE OF THE ESCHERICHIA COLI COLICIN M IMMUNITY PROTEIN DEMONSTRATES THE PRESENCE OF A DISULPHIDE BRIDGE, WHICH IS FUNCTIONALLY ESSENTIAL
;
# 
loop_
_audit_author.name 
_audit_author.pdbx_ordinal 
'Zeth, K.'     1 
'Patzer, S.I.' 2 
'Albrecht, R.' 3 
'Uson, I.'     4 
'Braun, V.'    5 
# 
_citation.id                        primary 
_citation.title                     'The Crystal Structure of the Dimeric Colicin M Immunity' 
_citation.journal_abbrev            J.Struct.Biol. 
_citation.journal_volume            178 
_citation.page_first                45 
_citation.page_last                 ? 
_citation.year                      2012 
_citation.journal_id_ASTM           JSBIEM 
_citation.country                   US 
_citation.journal_id_ISSN           1047-8477 
_citation.journal_id_CSD            0803 
_citation.book_publisher            ? 
_citation.pdbx_database_id_PubMed   22366279 
_citation.pdbx_database_id_DOI      10.1016/J.JSB.2012.02.004 
# 
loop_
_citation_author.citation_id 
_citation_author.name 
_citation_author.ordinal 
_citation_author.identifier_ORCID 
primary 'Uson, I.'               1 ? 
primary 'Patzer, S.I.'           2 ? 
primary 'Dayana Rodriguez, D.D.' 3 ? 
primary 'Braun, V.'              4 ? 
primary 'Zeth, K.'               5 ? 
# 
loop_
_entity.id 
_entity.type 
_entity.src_method 
_entity.pdbx_description 
_entity.formula_weight 
_entity.pdbx_number_of_molecules 
_entity.pdbx_ec 
_entity.pdbx_mutation 
_entity.pdbx_fragment 
_entity.details 
1 polymer     man 'COLICIN-M IMMUNITY PROTEIN' 11670.021 1  ? ? 'RESIDUES 44-141' 
'CMI CLONED WITHOUT THE N-TERMINAL HYDROPHOBIC HELIX FOR EXPRESSION OF THE PROTEIN IN THE CYTOPLASM' 
2 non-polymer syn 'PHOSPHATE ION'              94.971    1  ? ? ?                 ? 
3 water       nat water                        18.015    54 ? ? ?                 ? 
# 
_entity_name_com.entity_id   1 
_entity_name_com.name        'CMI, MICROCIN-M IMMUNITY PROTEIN' 
# 
_entity_poly.entity_id                      1 
_entity_poly.type                           'polypeptide(L)' 
_entity_poly.nstd_linkage                   no 
_entity_poly.nstd_monomer                   no 
_entity_poly.pdbx_seq_one_letter_code       
;VFFWSEDKGPACYQVSDEQARTFVKNDYLQRMKRWDNDVQLLGTEIPKITWEKIERSLTDVEDEKTLLVPFKAEGPDGKR
MYYGMYHCEEGYVEYAND
;
_entity_poly.pdbx_seq_one_letter_code_can   
;VFFWSEDKGPACYQVSDEQARTFVKNDYLQRMKRWDNDVQLLGTEIPKITWEKIERSLTDVEDEKTLLVPFKAEGPDGKR
MYYGMYHCEEGYVEYAND
;
_entity_poly.pdbx_strand_id                 A 
_entity_poly.pdbx_target_identifier         ? 
# 
loop_
_pdbx_entity_nonpoly.entity_id 
_pdbx_entity_nonpoly.name 
_pdbx_entity_nonpoly.comp_id 
2 'PHOSPHATE ION' PO4 
3 water           HOH 
# 
loop_
_entity_poly_seq.entity_id 
_entity_poly_seq.num 
_entity_poly_seq.mon_id 
_entity_poly_seq.hetero 
1 1  VAL n 
1 2  PHE n 
1 3  PHE n 
1 4  TRP n 
1 5  SER n 
1 6  GLU n 
1 7  ASP n 
1 8  LYS n 
1 9  GLY n 
1 10 PRO n 
1 11 ALA n 
1 12 CYS n 
1 13 TYR n 
1 14 GLN n 
1 15 VAL n 
1 16 SER n 
1 17 ASP n 
1 18 GLU n 
1 19 GLN n 
1 20 ALA n 
1 21 ARG n 
1 22 THR n 
1 23 PHE n 
1 24 VAL n 
1 25 LYS n 
1 26 ASN n 
1 27 ASP n 
1 28 TYR n 
1 29 LEU n 
1 30 GLN n 
1 31 ARG n 
1 32 MET n 
1 33 LYS n 
1 34 ARG n 
1 35 TRP n 
1 36 ASP n 
1 37 ASN n 
1 38 ASP n 
1 39 VAL n 
1 40 GLN n 
1 41 LEU n 
1 42 LEU n 
1 43 GLY n 
1 44 THR n 
1 45 GLU n 
1 46 ILE n 
1 47 PRO n 
1 48 LYS n 
1 49 ILE n 
1 50 THR n 
1 51 TRP n 
1 52 GLU n 
1 53 LYS n 
1 54 ILE n 
1 55 GLU n 
1 56 ARG n 
1 57 SER n 
1 58 LEU n 
1 59 THR n 
1 60 ASP n 
1 61 VAL n 
1 62 GLU n 
1 63 ASP n 
1 64 GLU n 
1 65 LYS n 
1 66 THR n 
1 67 LEU n 
1 68 LEU n 
1 69 VAL n 
1 70 PRO n 
1 71 PHE n 
1 72 LYS n 
1 73 ALA n 
1 74 GLU n 
1 75 GLY n 
1 76 PRO n 
1 77 ASP n 
1 78 GLY n 
1 79 LYS n 
1 80 ARG n 
1 81 MET n 
1 82 TYR n 
1 83 TYR n 
1 84 GLY n 
1 85 MET n 
1 86 TYR n 
1 87 HIS n 
1 88 CYS n 
1 89 GLU n 
1 90 GLU n 
1 91 GLY n 
1 92 TYR n 
1 93 VAL n 
1 94 GLU n 
1 95 TYR n 
1 96 ALA n 
1 97 ASN n 
1 98 ASP n 
# 
_entity_src_gen.entity_id                          1 
_entity_src_gen.pdbx_src_id                        1 
_entity_src_gen.pdbx_alt_source_flag               sample 
_entity_src_gen.pdbx_seq_type                      ? 
_entity_src_gen.pdbx_beg_seq_num                   ? 
_entity_src_gen.pdbx_end_seq_num                   ? 
_entity_src_gen.gene_src_common_name               ? 
_entity_src_gen.gene_src_genus                     ? 
_entity_src_gen.pdbx_gene_src_gene                 ? 
_entity_src_gen.gene_src_species                   ? 
_entity_src_gen.gene_src_strain                    K-12 
_entity_src_gen.gene_src_tissue                    ? 
_entity_src_gen.gene_src_tissue_fraction           ? 
_entity_src_gen.gene_src_details                   ? 
_entity_src_gen.pdbx_gene_src_fragment             ? 
_entity_src_gen.pdbx_gene_src_scientific_name      'ESCHERICHIA COLI' 
_entity_src_gen.pdbx_gene_src_ncbi_taxonomy_id     83333 
_entity_src_gen.pdbx_gene_src_variant              ? 
_entity_src_gen.pdbx_gene_src_cell_line            ? 
_entity_src_gen.pdbx_gene_src_atcc                 ? 
_entity_src_gen.pdbx_gene_src_organ                ? 
_entity_src_gen.pdbx_gene_src_organelle            ? 
_entity_src_gen.pdbx_gene_src_cell                 ? 
_entity_src_gen.pdbx_gene_src_cellular_location    ? 
_entity_src_gen.host_org_common_name               ? 
_entity_src_gen.pdbx_host_org_scientific_name      'ESCHERICHIA COLI' 
_entity_src_gen.pdbx_host_org_ncbi_taxonomy_id     469008 
_entity_src_gen.host_org_genus                     ? 
_entity_src_gen.pdbx_host_org_gene                 ? 
_entity_src_gen.pdbx_host_org_organ                ? 
_entity_src_gen.host_org_species                   ? 
_entity_src_gen.pdbx_host_org_tissue               ? 
_entity_src_gen.pdbx_host_org_tissue_fraction      ? 
_entity_src_gen.pdbx_host_org_strain               'BL21(DE3)' 
_entity_src_gen.pdbx_host_org_variant              ? 
_entity_src_gen.pdbx_host_org_cell_line            ? 
_entity_src_gen.pdbx_host_org_atcc                 ? 
_entity_src_gen.pdbx_host_org_culture_collection   ? 
_entity_src_gen.pdbx_host_org_cell                 ? 
_entity_src_gen.pdbx_host_org_organelle            ? 
_entity_src_gen.pdbx_host_org_cellular_location    ? 
_entity_src_gen.pdbx_host_org_vector_type          ? 
_entity_src_gen.pdbx_host_org_vector               ? 
_entity_src_gen.host_org_details                   ? 
_entity_src_gen.expression_system_id               ? 
_entity_src_gen.plasmid_name                       ? 
_entity_src_gen.plasmid_details                    ? 
_entity_src_gen.pdbx_description                   ? 
# 
loop_
_chem_comp.id 
_chem_comp.type 
_chem_comp.mon_nstd_flag 
_chem_comp.name 
_chem_comp.pdbx_synonyms 
_chem_comp.formula 
_chem_comp.formula_weight 
ALA 'L-peptide linking' y ALANINE         ? 'C3 H7 N O2'     89.093  
ARG 'L-peptide linking' y ARGININE        ? 'C6 H15 N4 O2 1' 175.209 
ASN 'L-peptide linking' y ASPARAGINE      ? 'C4 H8 N2 O3'    132.118 
ASP 'L-peptide linking' y 'ASPARTIC ACID' ? 'C4 H7 N O4'     133.103 
CYS 'L-peptide linking' y CYSTEINE        ? 'C3 H7 N O2 S'   121.158 
GLN 'L-peptide linking' y GLUTAMINE       ? 'C5 H10 N2 O3'   146.144 
GLU 'L-peptide linking' y 'GLUTAMIC ACID' ? 'C5 H9 N O4'     147.129 
GLY 'peptide linking'   y GLYCINE         ? 'C2 H5 N O2'     75.067  
HIS 'L-peptide linking' y HISTIDINE       ? 'C6 H10 N3 O2 1' 156.162 
HOH non-polymer         . WATER           ? 'H2 O'           18.015  
ILE 'L-peptide linking' y ISOLEUCINE      ? 'C6 H13 N O2'    131.173 
LEU 'L-peptide linking' y LEUCINE         ? 'C6 H13 N O2'    131.173 
LYS 'L-peptide linking' y LYSINE          ? 'C6 H15 N2 O2 1' 147.195 
MET 'L-peptide linking' y METHIONINE      ? 'C5 H11 N O2 S'  149.211 
PHE 'L-peptide linking' y PHENYLALANINE   ? 'C9 H11 N O2'    165.189 
PO4 non-polymer         . 'PHOSPHATE ION' ? 'O4 P -3'        94.971  
PRO 'L-peptide linking' y PROLINE         ? 'C5 H9 N O2'     115.130 
SER 'L-peptide linking' y SERINE          ? 'C3 H7 N O3'     105.093 
THR 'L-peptide linking' y THREONINE       ? 'C4 H9 N O3'     119.119 
TRP 'L-peptide linking' y TRYPTOPHAN      ? 'C11 H12 N2 O2'  204.225 
TYR 'L-peptide linking' y TYROSINE        ? 'C9 H11 N O3'    181.189 
VAL 'L-peptide linking' y VALINE          ? 'C5 H11 N O2'    117.146 
# 
loop_
_pdbx_poly_seq_scheme.asym_id 
_pdbx_poly_seq_scheme.entity_id 
_pdbx_poly_seq_scheme.seq_id 
_pdbx_poly_seq_scheme.mon_id 
_pdbx_poly_seq_scheme.ndb_seq_num 
_pdbx_poly_seq_scheme.pdb_seq_num 
_pdbx_poly_seq_scheme.auth_seq_num 
_pdbx_poly_seq_scheme.pdb_mon_id 
_pdbx_poly_seq_scheme.auth_mon_id 
_pdbx_poly_seq_scheme.pdb_strand_id 
_pdbx_poly_seq_scheme.pdb_ins_code 
_pdbx_poly_seq_scheme.hetero 
A 1 1  VAL 1  19  ?   ?   ?   A . n 
A 1 2  PHE 2  20  ?   ?   ?   A . n 
A 1 3  PHE 3  21  ?   ?   ?   A . n 
A 1 4  TRP 4  22  ?   ?   ?   A . n 
A 1 5  SER 5  23  ?   ?   ?   A . n 
A 1 6  GLU 6  24  ?   ?   ?   A . n 
A 1 7  ASP 7  25  ?   ?   ?   A . n 
A 1 8  LYS 8  26  26  LYS LYS A . n 
A 1 9  GLY 9  27  27  GLY GLY A . n 
A 1 10 PRO 10 28  28  PRO PRO A . n 
A 1 11 ALA 11 29  29  ALA ALA A . n 
A 1 12 CYS 12 30  30  CYS CYS A . n 
A 1 13 TYR 13 31  31  TYR TYR A . n 
A 1 14 GLN 14 32  32  GLN GLN A . n 
A 1 15 VAL 15 33  33  VAL VAL A . n 
A 1 16 SER 16 34  34  SER SER A . n 
A 1 17 ASP 17 35  35  ASP ASP A . n 
A 1 18 GLU 18 36  36  GLU GLU A . n 
A 1 19 GLN 19 37  37  GLN GLN A . n 
A 1 20 ALA 20 38  38  ALA ALA A . n 
A 1 21 ARG 21 39  39  ARG ARG A . n 
A 1 22 THR 22 40  40  THR THR A . n 
A 1 23 PHE 23 41  41  PHE PHE A . n 
A 1 24 VAL 24 42  42  VAL VAL A . n 
A 1 25 LYS 25 43  43  LYS LYS A . n 
A 1 26 ASN 26 44  44  ASN ASN A . n 
A 1 27 ASP 27 45  45  ASP ASP A . n 
A 1 28 TYR 28 46  46  TYR TYR A . n 
A 1 29 LEU 29 47  47  LEU LEU A . n 
A 1 30 GLN 30 48  48  GLN GLN A . n 
A 1 31 ARG 31 49  49  ARG ARG A . n 
A 1 32 MET 32 50  50  MET MET A . n 
A 1 33 LYS 33 51  51  LYS LYS A . n 
A 1 34 ARG 34 52  52  ARG ARG A . n 
A 1 35 TRP 35 53  53  TRP TRP A . n 
A 1 36 ASP 36 54  54  ASP ASP A . n 
A 1 37 ASN 37 55  55  ASN ASN A . n 
A 1 38 ASP 38 56  56  ASP ASP A . n 
A 1 39 VAL 39 57  57  VAL VAL A . n 
A 1 40 GLN 40 58  58  GLN GLN A . n 
A 1 41 LEU 41 59  59  LEU LEU A . n 
A 1 42 LEU 42 60  60  LEU LEU A . n 
A 1 43 GLY 43 61  61  GLY GLY A . n 
A 1 44 THR 44 62  62  THR THR A . n 
A 1 45 GLU 45 63  63  GLU GLU A . n 
A 1 46 ILE 46 64  64  ILE ILE A . n 
A 1 47 PRO 47 65  65  PRO PRO A . n 
A 1 48 LYS 48 66  66  LYS LYS A . n 
A 1 49 ILE 49 67  67  ILE ILE A . n 
A 1 50 THR 50 68  68  THR THR A . n 
A 1 51 TRP 51 69  69  TRP TRP A . n 
A 1 52 GLU 52 70  70  GLU GLU A . n 
A 1 53 LYS 53 71  71  LYS LYS A . n 
A 1 54 ILE 54 72  72  ILE ILE A . n 
A 1 55 GLU 55 73  73  GLU GLU A . n 
A 1 56 ARG 56 74  74  ARG ARG A . n 
A 1 57 SER 57 75  75  SER SER A . n 
A 1 58 LEU 58 76  76  LEU LEU A . n 
A 1 59 THR 59 77  77  THR THR A . n 
A 1 60 ASP 60 78  78  ASP ASP A . n 
A 1 61 VAL 61 79  79  VAL VAL A . n 
A 1 62 GLU 62 80  80  GLU GLU A . n 
A 1 63 ASP 63 81  81  ASP ASP A . n 
A 1 64 GLU 64 82  82  GLU GLU A . n 
A 1 65 LYS 65 83  83  LYS LYS A . n 
A 1 66 THR 66 84  84  THR THR A . n 
A 1 67 LEU 67 85  85  LEU LEU A . n 
A 1 68 LEU 68 86  86  LEU LEU A . n 
A 1 69 VAL 69 87  87  VAL VAL A . n 
A 1 70 PRO 70 88  88  PRO PRO A . n 
A 1 71 PHE 71 89  89  PHE PHE A . n 
A 1 72 LYS 72 90  90  LYS LYS A . n 
A 1 73 ALA 73 91  91  ALA ALA A . n 
A 1 74 GLU 74 92  92  GLU GLU A . n 
A 1 75 GLY 75 93  93  GLY GLY A . n 
A 1 76 PRO 76 94  94  PRO PRO A . n 
A 1 77 ASP 77 95  95  ASP ASP A . n 
A 1 78 GLY 78 96  96  GLY GLY A . n 
A 1 79 LYS 79 97  97  LYS LYS A . n 
A 1 80 ARG 80 98  98  ARG ARG A . n 
A 1 81 MET 81 99  99  MET MET A . n 
A 1 82 TYR 82 100 100 TYR TYR A . n 
A 1 83 TYR 83 101 101 TYR TYR A . n 
A 1 84 GLY 84 102 102 GLY GLY A . n 
A 1 85 MET 85 103 103 MET MET A . n 
A 1 86 TYR 86 104 104 TYR TYR A . n 
A 1 87 HIS 87 105 105 HIS HIS A . n 
A 1 88 CYS 88 106 106 CYS CYS A . n 
A 1 89 GLU 89 107 107 GLU GLU A . n 
A 1 90 GLU 90 108 108 GLU GLU A . n 
A 1 91 GLY 91 109 109 GLY GLY A . n 
A 1 92 TYR 92 110 110 TYR TYR A . n 
A 1 93 VAL 93 111 111 VAL VAL A . n 
A 1 94 GLU 94 112 112 GLU GLU A . n 
A 1 95 TYR 95 113 113 TYR TYR A . n 
A 1 96 ALA 96 114 114 ALA ALA A . n 
A 1 97 ASN 97 115 115 ASN ASN A . n 
A 1 98 ASP 98 116 ?   ?   ?   A . n 
# 
loop_
_pdbx_nonpoly_scheme.asym_id 
_pdbx_nonpoly_scheme.entity_id 
_pdbx_nonpoly_scheme.mon_id 
_pdbx_nonpoly_scheme.ndb_seq_num 
_pdbx_nonpoly_scheme.pdb_seq_num 
_pdbx_nonpoly_scheme.auth_seq_num 
_pdbx_nonpoly_scheme.pdb_mon_id 
_pdbx_nonpoly_scheme.auth_mon_id 
_pdbx_nonpoly_scheme.pdb_strand_id 
_pdbx_nonpoly_scheme.pdb_ins_code 
B 2 PO4 1  1116 1116 PO4 PO4 A . 
C 3 HOH 1  2001 2001 HOH HOH A . 
C 3 HOH 2  2002 2002 HOH HOH A . 
C 3 HOH 3  2003 2003 HOH HOH A . 
C 3 HOH 4  2004 2004 HOH HOH A . 
C 3 HOH 5  2005 2005 HOH HOH A . 
C 3 HOH 6  2006 2006 HOH HOH A . 
C 3 HOH 7  2007 2007 HOH HOH A . 
C 3 HOH 8  2008 2008 HOH HOH A . 
C 3 HOH 9  2009 2009 HOH HOH A . 
C 3 HOH 10 2010 2010 HOH HOH A . 
C 3 HOH 11 2011 2011 HOH HOH A . 
C 3 HOH 12 2012 2012 HOH HOH A . 
C 3 HOH 13 2013 2013 HOH HOH A . 
C 3 HOH 14 2014 2014 HOH HOH A . 
C 3 HOH 15 2015 2015 HOH HOH A . 
C 3 HOH 16 2016 2016 HOH HOH A . 
C 3 HOH 17 2017 2017 HOH HOH A . 
C 3 HOH 18 2018 2018 HOH HOH A . 
C 3 HOH 19 2019 2019 HOH HOH A . 
C 3 HOH 20 2020 2020 HOH HOH A . 
C 3 HOH 21 2021 2021 HOH HOH A . 
C 3 HOH 22 2022 2022 HOH HOH A . 
C 3 HOH 23 2023 2023 HOH HOH A . 
C 3 HOH 24 2024 2024 HOH HOH A . 
C 3 HOH 25 2025 2025 HOH HOH A . 
C 3 HOH 26 2026 2026 HOH HOH A . 
C 3 HOH 27 2027 2027 HOH HOH A . 
C 3 HOH 28 2028 2028 HOH HOH A . 
C 3 HOH 29 2029 2029 HOH HOH A . 
C 3 HOH 30 2030 2030 HOH HOH A . 
C 3 HOH 31 2031 2031 HOH HOH A . 
C 3 HOH 32 2032 2032 HOH HOH A . 
C 3 HOH 33 2033 2033 HOH HOH A . 
C 3 HOH 34 2034 2034 HOH HOH A . 
C 3 HOH 35 2035 2035 HOH HOH A . 
C 3 HOH 36 2036 2036 HOH HOH A . 
C 3 HOH 37 2037 2037 HOH HOH A . 
C 3 HOH 38 2038 2038 HOH HOH A . 
C 3 HOH 39 2039 2039 HOH HOH A . 
C 3 HOH 40 2040 2040 HOH HOH A . 
C 3 HOH 41 2041 2041 HOH HOH A . 
C 3 HOH 42 2042 2042 HOH HOH A . 
C 3 HOH 43 2043 2043 HOH HOH A . 
C 3 HOH 44 2044 2044 HOH HOH A . 
C 3 HOH 45 2045 2045 HOH HOH A . 
C 3 HOH 46 2046 2046 HOH HOH A . 
C 3 HOH 47 2047 2047 HOH HOH A . 
C 3 HOH 48 2048 2048 HOH HOH A . 
C 3 HOH 49 2049 2049 HOH HOH A . 
C 3 HOH 50 2050 2050 HOH HOH A . 
C 3 HOH 51 2051 2051 HOH HOH A . 
C 3 HOH 52 2052 2052 HOH HOH A . 
C 3 HOH 53 2053 2053 HOH HOH A . 
C 3 HOH 54 2054 2054 HOH HOH A . 
# 
loop_
_software.name 
_software.classification 
_software.version 
_software.citation_id 
_software.pdbx_ordinal 
PHENIX     refinement       '(PHENIX.REFINE)' ? 1 
XDS        'data reduction' .                 ? 2 
XSCALE     'data scaling'   .                 ? 3 
Arcimboldo phasing          .                 ? 4 
# 
_cell.entry_id           4AEQ 
_cell.length_a           66.058 
_cell.length_b           83.552 
_cell.length_c           38.281 
_cell.angle_alpha        90.00 
_cell.angle_beta         90.00 
_cell.angle_gamma        90.00 
_cell.Z_PDB              8 
_cell.pdbx_unique_axis   ? 
# 
_symmetry.entry_id                         4AEQ 
_symmetry.space_group_name_H-M             'C 2 2 21' 
_symmetry.pdbx_full_space_group_name_H-M   ? 
_symmetry.cell_setting                     ? 
_symmetry.Int_Tables_number                20 
# 
_exptl.entry_id          4AEQ 
_exptl.method            'X-RAY DIFFRACTION' 
_exptl.crystals_number   1 
# 
_exptl_crystal.id                    1 
_exptl_crystal.density_meas          ? 
_exptl_crystal.density_Matthews      2.26 
_exptl_crystal.density_percent_sol   45.65 
_exptl_crystal.description           NONE 
# 
_exptl_crystal_grow.crystal_id      1 
_exptl_crystal_grow.method          ? 
_exptl_crystal_grow.temp            ? 
_exptl_crystal_grow.temp_details    ? 
_exptl_crystal_grow.pH              ? 
_exptl_crystal_grow.pdbx_pH_range   ? 
_exptl_crystal_grow.pdbx_details    '0.2 M AMMONIUM SULFATE, 30% PEG 4000' 
# 
_diffrn.id                     1 
_diffrn.ambient_temp           100 
_diffrn.ambient_temp_details   ? 
_diffrn.crystal_id             1 
# 
_diffrn_detector.diffrn_id              1 
_diffrn_detector.detector               PIXEL 
_diffrn_detector.type                   'DECTRIS PILATUS 6M' 
_diffrn_detector.pdbx_collection_date   ? 
_diffrn_detector.details                ? 
# 
_diffrn_radiation.diffrn_id                        1 
_diffrn_radiation.wavelength_id                    1 
_diffrn_radiation.pdbx_monochromatic_or_laue_m_l   M 
_diffrn_radiation.monochromator                    ? 
_diffrn_radiation.pdbx_diffrn_protocol             'SINGLE WAVELENGTH' 
_diffrn_radiation.pdbx_scattering_type             x-ray 
# 
_diffrn_radiation_wavelength.id           1 
_diffrn_radiation_wavelength.wavelength   1 
_diffrn_radiation_wavelength.wt           1.0 
# 
_diffrn_source.diffrn_id                   1 
_diffrn_source.source                      SYNCHROTRON 
_diffrn_source.type                        'SLS BEAMLINE X10SA' 
_diffrn_source.pdbx_synchrotron_site       SLS 
_diffrn_source.pdbx_synchrotron_beamline   X10SA 
_diffrn_source.pdbx_wavelength             1 
_diffrn_source.pdbx_wavelength_list        ? 
# 
_reflns.pdbx_diffrn_id               1 
_reflns.pdbx_ordinal                 1 
_reflns.entry_id                     4AEQ 
_reflns.observed_criterion_sigma_I   2.5 
_reflns.observed_criterion_sigma_F   ? 
_reflns.d_resolution_low             50.00 
_reflns.d_resolution_high            1.89 
_reflns.number_obs                   15884 
_reflns.number_all                   ? 
_reflns.percent_possible_obs         96.6 
_reflns.pdbx_Rmerge_I_obs            0.08 
_reflns.pdbx_Rsym_value              ? 
_reflns.pdbx_netI_over_sigmaI        11.00 
_reflns.B_iso_Wilson_estimate        23.36 
_reflns.pdbx_redundancy              2.6 
# 
_reflns_shell.pdbx_diffrn_id         1 
_reflns_shell.pdbx_ordinal           1 
_reflns_shell.d_res_high             1.89 
_reflns_shell.d_res_low              2.00 
_reflns_shell.percent_possible_all   90.0 
_reflns_shell.Rmerge_I_obs           0.51 
_reflns_shell.pdbx_Rsym_value        ? 
_reflns_shell.meanI_over_sigI_obs    2.50 
_reflns_shell.pdbx_redundancy        2.5 
# 
_refine.pdbx_refine_id                           'X-RAY DIFFRACTION' 
_refine.entry_id                                 4AEQ 
_refine.pdbx_diffrn_id                           1 
_refine.pdbx_TLS_residual_ADP_flag               ? 
_refine.ls_number_reflns_obs                     8676 
_refine.ls_number_reflns_all                     ? 
_refine.pdbx_ls_sigma_I                          ? 
_refine.pdbx_ls_sigma_F                          2.03 
_refine.pdbx_data_cutoff_high_absF               ? 
_refine.pdbx_data_cutoff_low_absF                ? 
_refine.pdbx_data_cutoff_high_rms_absF           ? 
_refine.ls_d_res_low                             28.224 
_refine.ls_d_res_high                            1.892 
_refine.ls_percent_reflns_obs                    98.66 
_refine.ls_R_factor_obs                          0.2072 
_refine.ls_R_factor_all                          ? 
_refine.ls_R_factor_R_work                       0.2063 
_refine.ls_R_factor_R_free                       0.2228 
_refine.ls_R_factor_R_free_error                 ? 
_refine.ls_R_factor_R_free_error_details         ? 
_refine.ls_percent_reflns_R_free                 5.0 
_refine.ls_number_reflns_R_free                  434 
_refine.ls_number_parameters                     ? 
_refine.ls_number_restraints                     ? 
_refine.occupancy_min                            ? 
_refine.occupancy_max                            ? 
_refine.correlation_coeff_Fo_to_Fc               ? 
_refine.correlation_coeff_Fo_to_Fc_free          ? 
_refine.B_iso_mean                               ? 
_refine.aniso_B[1][1]                            1.4534 
_refine.aniso_B[2][2]                            -2.1871 
_refine.aniso_B[3][3]                            0.7337 
_refine.aniso_B[1][2]                            0.0000 
_refine.aniso_B[1][3]                            0.0000 
_refine.aniso_B[2][3]                            0.0000 
_refine.solvent_model_details                    'FLAT BULK SOLVENT MODEL' 
_refine.solvent_model_param_ksol                 0.455 
_refine.solvent_model_param_bsol                 63.597 
_refine.pdbx_solvent_vdw_probe_radii             0.80 
_refine.pdbx_solvent_ion_probe_radii             ? 
_refine.pdbx_solvent_shrinkage_radii             0.49 
_refine.pdbx_ls_cross_valid_method               ? 
_refine.details                                  ? 
_refine.pdbx_starting_model                      'ALPHA HELIX' 
_refine.pdbx_method_to_determine_struct          'DIRECT METHODS' 
_refine.pdbx_isotropic_thermal_model             ? 
_refine.pdbx_stereochemistry_target_values       ML 
_refine.pdbx_stereochem_target_val_spec_case     ? 
_refine.pdbx_R_Free_selection_details            ? 
_refine.pdbx_overall_ESU_R                       ? 
_refine.pdbx_overall_ESU_R_Free                  ? 
_refine.overall_SU_ML                            0.22 
_refine.pdbx_overall_phase_error                 23.05 
_refine.overall_SU_B                             ? 
_refine.overall_SU_R_Cruickshank_DPI             ? 
_refine.pdbx_overall_SU_R_free_Cruickshank_DPI   ? 
_refine.pdbx_overall_SU_R_Blow_DPI               ? 
_refine.pdbx_overall_SU_R_free_Blow_DPI          ? 
# 
_refine_hist.pdbx_refine_id                   'X-RAY DIFFRACTION' 
_refine_hist.cycle_id                         LAST 
_refine_hist.pdbx_number_atoms_protein        746 
_refine_hist.pdbx_number_atoms_nucleic_acid   0 
_refine_hist.pdbx_number_atoms_ligand         5 
_refine_hist.number_atoms_solvent             54 
_refine_hist.number_atoms_total               805 
_refine_hist.d_res_high                       1.892 
_refine_hist.d_res_low                        28.224 
# 
loop_
_refine_ls_restr.type 
_refine_ls_restr.dev_ideal 
_refine_ls_restr.dev_ideal_target 
_refine_ls_restr.weight 
_refine_ls_restr.number 
_refine_ls_restr.pdbx_refine_id 
_refine_ls_restr.pdbx_restraint_function 
f_bond_d           0.011  ? ? 818  'X-RAY DIFFRACTION' ? 
f_angle_d          0.878  ? ? 1055 'X-RAY DIFFRACTION' ? 
f_dihedral_angle_d 15.403 ? ? 301  'X-RAY DIFFRACTION' ? 
f_chiral_restr     0.064  ? ? 107  'X-RAY DIFFRACTION' ? 
f_plane_restr      0.003  ? ? 137  'X-RAY DIFFRACTION' ? 
# 
loop_
_refine_ls_shell.pdbx_refine_id 
_refine_ls_shell.pdbx_total_number_of_bins_used 
_refine_ls_shell.d_res_high 
_refine_ls_shell.d_res_low 
_refine_ls_shell.number_reflns_R_work 
_refine_ls_shell.R_factor_R_work 
_refine_ls_shell.percent_reflns_obs 
_refine_ls_shell.R_factor_R_free 
_refine_ls_shell.R_factor_R_free_error 
_refine_ls_shell.percent_reflns_R_free 
_refine_ls_shell.number_reflns_R_free 
_refine_ls_shell.number_reflns_all 
_refine_ls_shell.R_factor_all 
'X-RAY DIFFRACTION' . 1.8916 2.1652  2651 0.2336 97.00  0.2995 . . 139 . . 
'X-RAY DIFFRACTION' . 2.1652 2.7276  2757 0.1971 100.00 0.2316 . . 145 . . 
'X-RAY DIFFRACTION' . 2.7276 28.2267 2834 0.2029 99.00  0.2001 . . 150 . . 
# 
_struct.entry_id                  4AEQ 
_struct.title                     'Crystal structure of the dimeric immunity protein Cmi solved by direct methods (Arcimboldo)' 
_struct.pdbx_model_details        ? 
_struct.pdbx_CASP_flag            ? 
_struct.pdbx_model_type_details   ? 
# 
_struct_keywords.entry_id        4AEQ 
_struct_keywords.pdbx_keywords   'IMMUNE SYSTEM' 
_struct_keywords.text            'IMMUNE SYSTEM, 3D DOMAIN SWAP' 
# 
loop_
_struct_asym.id 
_struct_asym.pdbx_blank_PDB_chainid_flag 
_struct_asym.pdbx_modified 
_struct_asym.entity_id 
_struct_asym.details 
A N N 1 ? 
B N N 2 ? 
C N N 3 ? 
# 
_struct_ref.id                         1 
_struct_ref.db_name                    UNP 
_struct_ref.db_code                    IMMM_ECOLX 
_struct_ref.entity_id                  1 
_struct_ref.pdbx_seq_one_letter_code   ? 
_struct_ref.pdbx_align_begin           ? 
_struct_ref.pdbx_db_accession          P18002 
_struct_ref.pdbx_db_isoform            ? 
# 
_struct_ref_seq.align_id                      1 
_struct_ref_seq.ref_id                        1 
_struct_ref_seq.pdbx_PDB_id_code              4AEQ 
_struct_ref_seq.pdbx_strand_id                A 
_struct_ref_seq.seq_align_beg                 1 
_struct_ref_seq.pdbx_seq_align_beg_ins_code   ? 
_struct_ref_seq.seq_align_end                 98 
_struct_ref_seq.pdbx_seq_align_end_ins_code   ? 
_struct_ref_seq.pdbx_db_accession             P18002 
_struct_ref_seq.db_align_beg                  44 
_struct_ref_seq.pdbx_db_align_beg_ins_code    ? 
_struct_ref_seq.db_align_end                  141 
_struct_ref_seq.pdbx_db_align_end_ins_code    ? 
_struct_ref_seq.pdbx_auth_seq_align_beg       19 
_struct_ref_seq.pdbx_auth_seq_align_end       116 
# 
_pdbx_struct_assembly.id                   1 
_pdbx_struct_assembly.details              author_and_software_defined_assembly 
_pdbx_struct_assembly.method_details       PISA 
_pdbx_struct_assembly.oligomeric_details   dimeric 
_pdbx_struct_assembly.oligomeric_count     2 
# 
loop_
_pdbx_struct_assembly_prop.biol_id 
_pdbx_struct_assembly_prop.type 
_pdbx_struct_assembly_prop.value 
_pdbx_struct_assembly_prop.details 
1 'ABSA (A^2)' 5650  ? 
1 MORE         -58.8 ? 
1 'SSA (A^2)'  10020 ? 
# 
_pdbx_struct_assembly_gen.assembly_id       1 
_pdbx_struct_assembly_gen.oper_expression   1,2 
_pdbx_struct_assembly_gen.asym_id_list      A,B,C 
# 
loop_
_pdbx_struct_oper_list.id 
_pdbx_struct_oper_list.type 
_pdbx_struct_oper_list.name 
_pdbx_struct_oper_list.symmetry_operation 
_pdbx_struct_oper_list.matrix[1][1] 
_pdbx_struct_oper_list.matrix[1][2] 
_pdbx_struct_oper_list.matrix[1][3] 
_pdbx_struct_oper_list.vector[1] 
_pdbx_struct_oper_list.matrix[2][1] 
_pdbx_struct_oper_list.matrix[2][2] 
_pdbx_struct_oper_list.matrix[2][3] 
_pdbx_struct_oper_list.vector[2] 
_pdbx_struct_oper_list.matrix[3][1] 
_pdbx_struct_oper_list.matrix[3][2] 
_pdbx_struct_oper_list.matrix[3][3] 
_pdbx_struct_oper_list.vector[3] 
1 'identity operation'         1_555 x,y,z         1.0000000000  0.0000000000 0.0000000000 0.0000000000 0.0000000000 1.0000000000  0.0000000000 0.0000000000  0.0000000000 0.0000000000 1.0000000000 0.0000000000  
2 'crystal symmetry operation' 3_655 -x+1,y,-z+1/2 -0.9377766273 0.1633323349 0.3064270641 2.7265392961 0.1633323349 -0.5712631688 0.8043512544 10.2674146924 0.3064270641 0.8043512544 0.5090397961 -6.0264105309 
# 
_struct_biol.id   1 
# 
loop_
_struct_conf.conf_type_id 
_struct_conf.id 
_struct_conf.pdbx_PDB_helix_id 
_struct_conf.beg_label_comp_id 
_struct_conf.beg_label_asym_id 
_struct_conf.beg_label_seq_id 
_struct_conf.pdbx_beg_PDB_ins_code 
_struct_conf.end_label_comp_id 
_struct_conf.end_label_asym_id 
_struct_conf.end_label_seq_id 
_struct_conf.pdbx_end_PDB_ins_code 
_struct_conf.beg_auth_comp_id 
_struct_conf.beg_auth_asym_id 
_struct_conf.beg_auth_seq_id 
_struct_conf.end_auth_comp_id 
_struct_conf.end_auth_asym_id 
_struct_conf.end_auth_seq_id 
_struct_conf.pdbx_PDB_helix_class 
_struct_conf.details 
_struct_conf.pdbx_PDB_helix_length 
HELX_P HELX_P1 1 ALA A 11 ? VAL A 15 ? ALA A 29 VAL A 33 5 ? 5  
HELX_P HELX_P2 2 SER A 16 ? GLY A 43 ? SER A 34 GLY A 61 1 ? 28 
HELX_P HELX_P3 3 ASP A 60 ? GLU A 64 ? ASP A 78 GLU A 82 5 ? 5  
# 
_struct_conf_type.id          HELX_P 
_struct_conf_type.criteria    ? 
_struct_conf_type.reference   ? 
# 
_struct_conn.id                            disulf1 
_struct_conn.conn_type_id                  disulf 
_struct_conn.pdbx_leaving_atom_flag        ? 
_struct_conn.pdbx_PDB_id                   ? 
_struct_conn.ptnr1_label_asym_id           A 
_struct_conn.ptnr1_label_comp_id           CYS 
_struct_conn.ptnr1_label_seq_id            12 
_struct_conn.ptnr1_label_atom_id           SG 
_struct_conn.pdbx_ptnr1_label_alt_id       ? 
_struct_conn.pdbx_ptnr1_PDB_ins_code       ? 
_struct_conn.pdbx_ptnr1_standard_comp_id   ? 
_struct_conn.ptnr1_symmetry                1_555 
_struct_conn.ptnr2_label_asym_id           A 
_struct_conn.ptnr2_label_comp_id           CYS 
_struct_conn.ptnr2_label_seq_id            88 
_struct_conn.ptnr2_label_atom_id           SG 
_struct_conn.pdbx_ptnr2_label_alt_id       ? 
_struct_conn.pdbx_ptnr2_PDB_ins_code       ? 
_struct_conn.ptnr1_auth_asym_id            A 
_struct_conn.ptnr1_auth_comp_id            CYS 
_struct_conn.ptnr1_auth_seq_id             30 
_struct_conn.ptnr2_auth_asym_id            A 
_struct_conn.ptnr2_auth_comp_id            CYS 
_struct_conn.ptnr2_auth_seq_id             106 
_struct_conn.ptnr2_symmetry                3_655 
_struct_conn.pdbx_ptnr3_label_atom_id      ? 
_struct_conn.pdbx_ptnr3_label_seq_id       ? 
_struct_conn.pdbx_ptnr3_label_comp_id      ? 
_struct_conn.pdbx_ptnr3_label_asym_id      ? 
_struct_conn.pdbx_ptnr3_label_alt_id       ? 
_struct_conn.pdbx_ptnr3_PDB_ins_code       ? 
_struct_conn.details                       ? 
_struct_conn.pdbx_dist_value               2.062 
_struct_conn.pdbx_value_order              ? 
_struct_conn.pdbx_role                     ? 
# 
_struct_conn_type.id          disulf 
_struct_conn_type.criteria    ? 
_struct_conn_type.reference   ? 
# 
_pdbx_modification_feature.ordinal                            1 
_pdbx_modification_feature.label_comp_id                      CYS 
_pdbx_modification_feature.label_asym_id                      A 
_pdbx_modification_feature.label_seq_id                       12 
_pdbx_modification_feature.label_alt_id                       ? 
_pdbx_modification_feature.modified_residue_label_comp_id     CYS 
_pdbx_modification_feature.modified_residue_label_asym_id     A 
_pdbx_modification_feature.modified_residue_label_seq_id      88 
_pdbx_modification_feature.modified_residue_label_alt_id      ? 
_pdbx_modification_feature.auth_comp_id                       CYS 
_pdbx_modification_feature.auth_asym_id                       A 
_pdbx_modification_feature.auth_seq_id                        30 
_pdbx_modification_feature.PDB_ins_code                       ? 
_pdbx_modification_feature.symmetry                           1_555 
_pdbx_modification_feature.modified_residue_auth_comp_id      CYS 
_pdbx_modification_feature.modified_residue_auth_asym_id      A 
_pdbx_modification_feature.modified_residue_auth_seq_id       106 
_pdbx_modification_feature.modified_residue_PDB_ins_code      ? 
_pdbx_modification_feature.modified_residue_symmetry          3_655 
_pdbx_modification_feature.comp_id_linking_atom               SG 
_pdbx_modification_feature.modified_residue_id_linking_atom   SG 
_pdbx_modification_feature.modified_residue_id                . 
_pdbx_modification_feature.ref_pcm_id                         . 
_pdbx_modification_feature.ref_comp_id                        . 
_pdbx_modification_feature.type                               None 
_pdbx_modification_feature.category                           'Disulfide bridge' 
# 
_struct_sheet.id               AA 
_struct_sheet.type             ? 
_struct_sheet.number_strands   4 
_struct_sheet.details          ? 
# 
loop_
_struct_sheet_order.sheet_id 
_struct_sheet_order.range_id_1 
_struct_sheet_order.range_id_2 
_struct_sheet_order.offset 
_struct_sheet_order.sense 
AA 1 2 ? anti-parallel 
AA 2 3 ? anti-parallel 
AA 3 4 ? anti-parallel 
# 
loop_
_struct_sheet_range.sheet_id 
_struct_sheet_range.id 
_struct_sheet_range.beg_label_comp_id 
_struct_sheet_range.beg_label_asym_id 
_struct_sheet_range.beg_label_seq_id 
_struct_sheet_range.pdbx_beg_PDB_ins_code 
_struct_sheet_range.end_label_comp_id 
_struct_sheet_range.end_label_asym_id 
_struct_sheet_range.end_label_seq_id 
_struct_sheet_range.pdbx_end_PDB_ins_code 
_struct_sheet_range.beg_auth_comp_id 
_struct_sheet_range.beg_auth_asym_id 
_struct_sheet_range.beg_auth_seq_id 
_struct_sheet_range.end_auth_comp_id 
_struct_sheet_range.end_auth_asym_id 
_struct_sheet_range.end_auth_seq_id 
AA 1 LYS A 48 ? TRP A 51 ? LYS A 66  TRP A 69  
AA 2 THR A 66 ? GLU A 74 ? THR A 84  GLU A 92  
AA 3 LYS A 79 ? HIS A 87 ? LYS A 97  HIS A 105 
AA 4 TYR A 92 ? ALA A 96 ? TYR A 110 ALA A 114 
# 
loop_
_pdbx_struct_sheet_hbond.sheet_id 
_pdbx_struct_sheet_hbond.range_id_1 
_pdbx_struct_sheet_hbond.range_id_2 
_pdbx_struct_sheet_hbond.range_1_label_atom_id 
_pdbx_struct_sheet_hbond.range_1_label_comp_id 
_pdbx_struct_sheet_hbond.range_1_label_asym_id 
_pdbx_struct_sheet_hbond.range_1_label_seq_id 
_pdbx_struct_sheet_hbond.range_1_PDB_ins_code 
_pdbx_struct_sheet_hbond.range_1_auth_atom_id 
_pdbx_struct_sheet_hbond.range_1_auth_comp_id 
_pdbx_struct_sheet_hbond.range_1_auth_asym_id 
_pdbx_struct_sheet_hbond.range_1_auth_seq_id 
_pdbx_struct_sheet_hbond.range_2_label_atom_id 
_pdbx_struct_sheet_hbond.range_2_label_comp_id 
_pdbx_struct_sheet_hbond.range_2_label_asym_id 
_pdbx_struct_sheet_hbond.range_2_label_seq_id 
_pdbx_struct_sheet_hbond.range_2_PDB_ins_code 
_pdbx_struct_sheet_hbond.range_2_auth_atom_id 
_pdbx_struct_sheet_hbond.range_2_auth_comp_id 
_pdbx_struct_sheet_hbond.range_2_auth_asym_id 
_pdbx_struct_sheet_hbond.range_2_auth_seq_id 
AA 1 2 N THR A 50 ? N THR A 68  O LYS A 72 ? O LYS A 90  
AA 2 3 N ALA A 73 ? N ALA A 91  O ARG A 80 ? O ARG A 98  
AA 3 4 N HIS A 87 ? N HIS A 105 O TYR A 92 ? O TYR A 110 
# 
_struct_site.id                   AC1 
_struct_site.pdbx_evidence_code   Software 
_struct_site.pdbx_auth_asym_id    A 
_struct_site.pdbx_auth_comp_id    PO4 
_struct_site.pdbx_auth_seq_id     1116 
_struct_site.pdbx_auth_ins_code   ? 
_struct_site.pdbx_num_residues    5 
_struct_site.details              'BINDING SITE FOR RESIDUE PO4 A 1116' 
# 
loop_
_struct_site_gen.id 
_struct_site_gen.site_id 
_struct_site_gen.pdbx_num_res 
_struct_site_gen.label_comp_id 
_struct_site_gen.label_asym_id 
_struct_site_gen.label_seq_id 
_struct_site_gen.pdbx_auth_ins_code 
_struct_site_gen.auth_comp_id 
_struct_site_gen.auth_asym_id 
_struct_site_gen.auth_seq_id 
_struct_site_gen.label_atom_id 
_struct_site_gen.label_alt_id 
_struct_site_gen.symmetry 
_struct_site_gen.details 
1 AC1 5 ARG A 31 ? ARG A 49  . ? 1_555 ? 
2 AC1 5 ARG A 31 ? ARG A 49  . ? 3_655 ? 
3 AC1 5 TRP A 35 ? TRP A 53  . ? 3_655 ? 
4 AC1 5 GLU A 94 ? GLU A 112 . ? 3_655 ? 
5 AC1 5 TYR A 95 ? TYR A 113 . ? 3_655 ? 
# 
_pdbx_entry_details.entry_id                   4AEQ 
_pdbx_entry_details.compound_details           ? 
_pdbx_entry_details.source_details             ? 
_pdbx_entry_details.nonpolymer_details         ? 
_pdbx_entry_details.sequence_details           ? 
_pdbx_entry_details.has_ligand_of_interest     ? 
_pdbx_entry_details.has_protein_modification   Y 
# 
_pdbx_struct_special_symmetry.id              1 
_pdbx_struct_special_symmetry.PDB_model_num   1 
_pdbx_struct_special_symmetry.auth_asym_id    A 
_pdbx_struct_special_symmetry.auth_comp_id    HOH 
_pdbx_struct_special_symmetry.auth_seq_id     2020 
_pdbx_struct_special_symmetry.PDB_ins_code    ? 
_pdbx_struct_special_symmetry.label_asym_id   C 
_pdbx_struct_special_symmetry.label_comp_id   HOH 
_pdbx_struct_special_symmetry.label_seq_id    . 
# 
loop_
_pdbx_refine_tls.pdbx_refine_id 
_pdbx_refine_tls.id 
_pdbx_refine_tls.details 
_pdbx_refine_tls.method 
_pdbx_refine_tls.origin_x 
_pdbx_refine_tls.origin_y 
_pdbx_refine_tls.origin_z 
_pdbx_refine_tls.T[1][1] 
_pdbx_refine_tls.T[2][2] 
_pdbx_refine_tls.T[3][3] 
_pdbx_refine_tls.T[1][2] 
_pdbx_refine_tls.T[1][3] 
_pdbx_refine_tls.T[2][3] 
_pdbx_refine_tls.L[1][1] 
_pdbx_refine_tls.L[2][2] 
_pdbx_refine_tls.L[3][3] 
_pdbx_refine_tls.L[1][2] 
_pdbx_refine_tls.L[1][3] 
_pdbx_refine_tls.L[2][3] 
_pdbx_refine_tls.S[1][1] 
_pdbx_refine_tls.S[1][2] 
_pdbx_refine_tls.S[1][3] 
_pdbx_refine_tls.S[2][1] 
_pdbx_refine_tls.S[2][2] 
_pdbx_refine_tls.S[2][3] 
_pdbx_refine_tls.S[3][1] 
_pdbx_refine_tls.S[3][2] 
_pdbx_refine_tls.S[3][3] 
'X-RAY DIFFRACTION' 1 ? refined -5.2251 10.6134 -3.2870 0.1043 0.0942 0.1090 0.0011 0.0051 0.0119 1.6063 0.7015 1.2326 0.0660 0.2864  -0.0260 0.0901 -0.0536 0.0386  0.0786  -0.0298 0.0349 0.1851 -0.1123 -0.0127 
'X-RAY DIFFRACTION' 2 ? refined 3.0402  -6.8061 1.6406  0.0487 0.0232 0.0860 0.0080 0.0000 0.0055 2.8029 2.9576 1.6577 0.1110 -0.9873 -0.2740 0.0359 -0.0505 -0.1642 -0.1088 -0.1840 0.0405 0.1503 -0.1882 0.2435 
# 
loop_
_pdbx_refine_tls_group.pdbx_refine_id 
_pdbx_refine_tls_group.id 
_pdbx_refine_tls_group.refine_tls_id 
_pdbx_refine_tls_group.beg_auth_asym_id 
_pdbx_refine_tls_group.beg_auth_seq_id 
_pdbx_refine_tls_group.beg_label_asym_id 
_pdbx_refine_tls_group.beg_label_seq_id 
_pdbx_refine_tls_group.end_auth_asym_id 
_pdbx_refine_tls_group.end_auth_seq_id 
_pdbx_refine_tls_group.end_label_asym_id 
_pdbx_refine_tls_group.end_label_seq_id 
_pdbx_refine_tls_group.selection 
_pdbx_refine_tls_group.selection_details 
'X-RAY DIFFRACTION' 1 1 ? ? ? ? ? ? ? ? ? 'CHAIN A AND (RESSEQ 26:60)'  
'X-RAY DIFFRACTION' 2 2 ? ? ? ? ? ? ? ? ? 'CHAIN A AND (RESSEQ 61:115)' 
# 
loop_
_pdbx_unobs_or_zero_occ_residues.id 
_pdbx_unobs_or_zero_occ_residues.PDB_model_num 
_pdbx_unobs_or_zero_occ_residues.polymer_flag 
_pdbx_unobs_or_zero_occ_residues.occupancy_flag 
_pdbx_unobs_or_zero_occ_residues.auth_asym_id 
_pdbx_unobs_or_zero_occ_residues.auth_comp_id 
_pdbx_unobs_or_zero_occ_residues.auth_seq_id 
_pdbx_unobs_or_zero_occ_residues.PDB_ins_code 
_pdbx_unobs_or_zero_occ_residues.label_asym_id 
_pdbx_unobs_or_zero_occ_residues.label_comp_id 
_pdbx_unobs_or_zero_occ_residues.label_seq_id 
1 1 Y 1 A VAL 19  ? A VAL 1  
2 1 Y 1 A PHE 20  ? A PHE 2  
3 1 Y 1 A PHE 21  ? A PHE 3  
4 1 Y 1 A TRP 22  ? A TRP 4  
5 1 Y 1 A SER 23  ? A SER 5  
6 1 Y 1 A GLU 24  ? A GLU 6  
7 1 Y 1 A ASP 25  ? A ASP 7  
8 1 Y 1 A ASP 116 ? A ASP 98 
# 
loop_
_chem_comp_atom.comp_id 
_chem_comp_atom.atom_id 
_chem_comp_atom.type_symbol 
_chem_comp_atom.pdbx_aromatic_flag 
_chem_comp_atom.pdbx_stereo_config 
_chem_comp_atom.pdbx_ordinal 
ALA N    N N N 1   
ALA CA   C N S 2   
ALA C    C N N 3   
ALA O    O N N 4   
ALA CB   C N N 5   
ALA OXT  O N N 6   
ALA H    H N N 7   
ALA H2   H N N 8   
ALA HA   H N N 9   
ALA HB1  H N N 10  
ALA HB2  H N N 11  
ALA HB3  H N N 12  
ALA HXT  H N N 13  
ARG N    N N N 14  
ARG CA   C N S 15  
ARG C    C N N 16  
ARG O    O N N 17  
ARG CB   C N N 18  
ARG CG   C N N 19  
ARG CD   C N N 20  
ARG NE   N N N 21  
ARG CZ   C N N 22  
ARG NH1  N N N 23  
ARG NH2  N N N 24  
ARG OXT  O N N 25  
ARG H    H N N 26  
ARG H2   H N N 27  
ARG HA   H N N 28  
ARG HB2  H N N 29  
ARG HB3  H N N 30  
ARG HG2  H N N 31  
ARG HG3  H N N 32  
ARG HD2  H N N 33  
ARG HD3  H N N 34  
ARG HE   H N N 35  
ARG HH11 H N N 36  
ARG HH12 H N N 37  
ARG HH21 H N N 38  
ARG HH22 H N N 39  
ARG HXT  H N N 40  
ASN N    N N N 41  
ASN CA   C N S 42  
ASN C    C N N 43  
ASN O    O N N 44  
ASN CB   C N N 45  
ASN CG   C N N 46  
ASN OD1  O N N 47  
ASN ND2  N N N 48  
ASN OXT  O N N 49  
ASN H    H N N 50  
ASN H2   H N N 51  
ASN HA   H N N 52  
ASN HB2  H N N 53  
ASN HB3  H N N 54  
ASN HD21 H N N 55  
ASN HD22 H N N 56  
ASN HXT  H N N 57  
ASP N    N N N 58  
ASP CA   C N S 59  
ASP C    C N N 60  
ASP O    O N N 61  
ASP CB   C N N 62  
ASP CG   C N N 63  
ASP OD1  O N N 64  
ASP OD2  O N N 65  
ASP OXT  O N N 66  
ASP H    H N N 67  
ASP H2   H N N 68  
ASP HA   H N N 69  
ASP HB2  H N N 70  
ASP HB3  H N N 71  
ASP HD2  H N N 72  
ASP HXT  H N N 73  
CYS N    N N N 74  
CYS CA   C N R 75  
CYS C    C N N 76  
CYS O    O N N 77  
CYS CB   C N N 78  
CYS SG   S N N 79  
CYS OXT  O N N 80  
CYS H    H N N 81  
CYS H2   H N N 82  
CYS HA   H N N 83  
CYS HB2  H N N 84  
CYS HB3  H N N 85  
CYS HG   H N N 86  
CYS HXT  H N N 87  
GLN N    N N N 88  
GLN CA   C N S 89  
GLN C    C N N 90  
GLN O    O N N 91  
GLN CB   C N N 92  
GLN CG   C N N 93  
GLN CD   C N N 94  
GLN OE1  O N N 95  
GLN NE2  N N N 96  
GLN OXT  O N N 97  
GLN H    H N N 98  
GLN H2   H N N 99  
GLN HA   H N N 100 
GLN HB2  H N N 101 
GLN HB3  H N N 102 
GLN HG2  H N N 103 
GLN HG3  H N N 104 
GLN HE21 H N N 105 
GLN HE22 H N N 106 
GLN HXT  H N N 107 
GLU N    N N N 108 
GLU CA   C N S 109 
GLU C    C N N 110 
GLU O    O N N 111 
GLU CB   C N N 112 
GLU CG   C N N 113 
GLU CD   C N N 114 
GLU OE1  O N N 115 
GLU OE2  O N N 116 
GLU OXT  O N N 117 
GLU H    H N N 118 
GLU H2   H N N 119 
GLU HA   H N N 120 
GLU HB2  H N N 121 
GLU HB3  H N N 122 
GLU HG2  H N N 123 
GLU HG3  H N N 124 
GLU HE2  H N N 125 
GLU HXT  H N N 126 
GLY N    N N N 127 
GLY CA   C N N 128 
GLY C    C N N 129 
GLY O    O N N 130 
GLY OXT  O N N 131 
GLY H    H N N 132 
GLY H2   H N N 133 
GLY HA2  H N N 134 
GLY HA3  H N N 135 
GLY HXT  H N N 136 
HIS N    N N N 137 
HIS CA   C N S 138 
HIS C    C N N 139 
HIS O    O N N 140 
HIS CB   C N N 141 
HIS CG   C Y N 142 
HIS ND1  N Y N 143 
HIS CD2  C Y N 144 
HIS CE1  C Y N 145 
HIS NE2  N Y N 146 
HIS OXT  O N N 147 
HIS H    H N N 148 
HIS H2   H N N 149 
HIS HA   H N N 150 
HIS HB2  H N N 151 
HIS HB3  H N N 152 
HIS HD1  H N N 153 
HIS HD2  H N N 154 
HIS HE1  H N N 155 
HIS HE2  H N N 156 
HIS HXT  H N N 157 
HOH O    O N N 158 
HOH H1   H N N 159 
HOH H2   H N N 160 
ILE N    N N N 161 
ILE CA   C N S 162 
ILE C    C N N 163 
ILE O    O N N 164 
ILE CB   C N S 165 
ILE CG1  C N N 166 
ILE CG2  C N N 167 
ILE CD1  C N N 168 
ILE OXT  O N N 169 
ILE H    H N N 170 
ILE H2   H N N 171 
ILE HA   H N N 172 
ILE HB   H N N 173 
ILE HG12 H N N 174 
ILE HG13 H N N 175 
ILE HG21 H N N 176 
ILE HG22 H N N 177 
ILE HG23 H N N 178 
ILE HD11 H N N 179 
ILE HD12 H N N 180 
ILE HD13 H N N 181 
ILE HXT  H N N 182 
LEU N    N N N 183 
LEU CA   C N S 184 
LEU C    C N N 185 
LEU O    O N N 186 
LEU CB   C N N 187 
LEU CG   C N N 188 
LEU CD1  C N N 189 
LEU CD2  C N N 190 
LEU OXT  O N N 191 
LEU H    H N N 192 
LEU H2   H N N 193 
LEU HA   H N N 194 
LEU HB2  H N N 195 
LEU HB3  H N N 196 
LEU HG   H N N 197 
LEU HD11 H N N 198 
LEU HD12 H N N 199 
LEU HD13 H N N 200 
LEU HD21 H N N 201 
LEU HD22 H N N 202 
LEU HD23 H N N 203 
LEU HXT  H N N 204 
LYS N    N N N 205 
LYS CA   C N S 206 
LYS C    C N N 207 
LYS O    O N N 208 
LYS CB   C N N 209 
LYS CG   C N N 210 
LYS CD   C N N 211 
LYS CE   C N N 212 
LYS NZ   N N N 213 
LYS OXT  O N N 214 
LYS H    H N N 215 
LYS H2   H N N 216 
LYS HA   H N N 217 
LYS HB2  H N N 218 
LYS HB3  H N N 219 
LYS HG2  H N N 220 
LYS HG3  H N N 221 
LYS HD2  H N N 222 
LYS HD3  H N N 223 
LYS HE2  H N N 224 
LYS HE3  H N N 225 
LYS HZ1  H N N 226 
LYS HZ2  H N N 227 
LYS HZ3  H N N 228 
LYS HXT  H N N 229 
MET N    N N N 230 
MET CA   C N S 231 
MET C    C N N 232 
MET O    O N N 233 
MET CB   C N N 234 
MET CG   C N N 235 
MET SD   S N N 236 
MET CE   C N N 237 
MET OXT  O N N 238 
MET H    H N N 239 
MET H2   H N N 240 
MET HA   H N N 241 
MET HB2  H N N 242 
MET HB3  H N N 243 
MET HG2  H N N 244 
MET HG3  H N N 245 
MET HE1  H N N 246 
MET HE2  H N N 247 
MET HE3  H N N 248 
MET HXT  H N N 249 
PHE N    N N N 250 
PHE CA   C N S 251 
PHE C    C N N 252 
PHE O    O N N 253 
PHE CB   C N N 254 
PHE CG   C Y N 255 
PHE CD1  C Y N 256 
PHE CD2  C Y N 257 
PHE CE1  C Y N 258 
PHE CE2  C Y N 259 
PHE CZ   C Y N 260 
PHE OXT  O N N 261 
PHE H    H N N 262 
PHE H2   H N N 263 
PHE HA   H N N 264 
PHE HB2  H N N 265 
PHE HB3  H N N 266 
PHE HD1  H N N 267 
PHE HD2  H N N 268 
PHE HE1  H N N 269 
PHE HE2  H N N 270 
PHE HZ   H N N 271 
PHE HXT  H N N 272 
PO4 P    P N N 273 
PO4 O1   O N N 274 
PO4 O2   O N N 275 
PO4 O3   O N N 276 
PO4 O4   O N N 277 
PRO N    N N N 278 
PRO CA   C N S 279 
PRO C    C N N 280 
PRO O    O N N 281 
PRO CB   C N N 282 
PRO CG   C N N 283 
PRO CD   C N N 284 
PRO OXT  O N N 285 
PRO H    H N N 286 
PRO HA   H N N 287 
PRO HB2  H N N 288 
PRO HB3  H N N 289 
PRO HG2  H N N 290 
PRO HG3  H N N 291 
PRO HD2  H N N 292 
PRO HD3  H N N 293 
PRO HXT  H N N 294 
SER N    N N N 295 
SER CA   C N S 296 
SER C    C N N 297 
SER O    O N N 298 
SER CB   C N N 299 
SER OG   O N N 300 
SER OXT  O N N 301 
SER H    H N N 302 
SER H2   H N N 303 
SER HA   H N N 304 
SER HB2  H N N 305 
SER HB3  H N N 306 
SER HG   H N N 307 
SER HXT  H N N 308 
THR N    N N N 309 
THR CA   C N S 310 
THR C    C N N 311 
THR O    O N N 312 
THR CB   C N R 313 
THR OG1  O N N 314 
THR CG2  C N N 315 
THR OXT  O N N 316 
THR H    H N N 317 
THR H2   H N N 318 
THR HA   H N N 319 
THR HB   H N N 320 
THR HG1  H N N 321 
THR HG21 H N N 322 
THR HG22 H N N 323 
THR HG23 H N N 324 
THR HXT  H N N 325 
TRP N    N N N 326 
TRP CA   C N S 327 
TRP C    C N N 328 
TRP O    O N N 329 
TRP CB   C N N 330 
TRP CG   C Y N 331 
TRP CD1  C Y N 332 
TRP CD2  C Y N 333 
TRP NE1  N Y N 334 
TRP CE2  C Y N 335 
TRP CE3  C Y N 336 
TRP CZ2  C Y N 337 
TRP CZ3  C Y N 338 
TRP CH2  C Y N 339 
TRP OXT  O N N 340 
TRP H    H N N 341 
TRP H2   H N N 342 
TRP HA   H N N 343 
TRP HB2  H N N 344 
TRP HB3  H N N 345 
TRP HD1  H N N 346 
TRP HE1  H N N 347 
TRP HE3  H N N 348 
TRP HZ2  H N N 349 
TRP HZ3  H N N 350 
TRP HH2  H N N 351 
TRP HXT  H N N 352 
TYR N    N N N 353 
TYR CA   C N S 354 
TYR C    C N N 355 
TYR O    O N N 356 
TYR CB   C N N 357 
TYR CG   C Y N 358 
TYR CD1  C Y N 359 
TYR CD2  C Y N 360 
TYR CE1  C Y N 361 
TYR CE2  C Y N 362 
TYR CZ   C Y N 363 
TYR OH   O N N 364 
TYR OXT  O N N 365 
TYR H    H N N 366 
TYR H2   H N N 367 
TYR HA   H N N 368 
TYR HB2  H N N 369 
TYR HB3  H N N 370 
TYR HD1  H N N 371 
TYR HD2  H N N 372 
TYR HE1  H N N 373 
TYR HE2  H N N 374 
TYR HH   H N N 375 
TYR HXT  H N N 376 
VAL N    N N N 377 
VAL CA   C N S 378 
VAL C    C N N 379 
VAL O    O N N 380 
VAL CB   C N N 381 
VAL CG1  C N N 382 
VAL CG2  C N N 383 
VAL OXT  O N N 384 
VAL H    H N N 385 
VAL H2   H N N 386 
VAL HA   H N N 387 
VAL HB   H N N 388 
VAL HG11 H N N 389 
VAL HG12 H N N 390 
VAL HG13 H N N 391 
VAL HG21 H N N 392 
VAL HG22 H N N 393 
VAL HG23 H N N 394 
VAL HXT  H N N 395 
# 
loop_
_chem_comp_bond.comp_id 
_chem_comp_bond.atom_id_1 
_chem_comp_bond.atom_id_2 
_chem_comp_bond.value_order 
_chem_comp_bond.pdbx_aromatic_flag 
_chem_comp_bond.pdbx_stereo_config 
_chem_comp_bond.pdbx_ordinal 
ALA N   CA   sing N N 1   
ALA N   H    sing N N 2   
ALA N   H2   sing N N 3   
ALA CA  C    sing N N 4   
ALA CA  CB   sing N N 5   
ALA CA  HA   sing N N 6   
ALA C   O    doub N N 7   
ALA C   OXT  sing N N 8   
ALA CB  HB1  sing N N 9   
ALA CB  HB2  sing N N 10  
ALA CB  HB3  sing N N 11  
ALA OXT HXT  sing N N 12  
ARG N   CA   sing N N 13  
ARG N   H    sing N N 14  
ARG N   H2   sing N N 15  
ARG CA  C    sing N N 16  
ARG CA  CB   sing N N 17  
ARG CA  HA   sing N N 18  
ARG C   O    doub N N 19  
ARG C   OXT  sing N N 20  
ARG CB  CG   sing N N 21  
ARG CB  HB2  sing N N 22  
ARG CB  HB3  sing N N 23  
ARG CG  CD   sing N N 24  
ARG CG  HG2  sing N N 25  
ARG CG  HG3  sing N N 26  
ARG CD  NE   sing N N 27  
ARG CD  HD2  sing N N 28  
ARG CD  HD3  sing N N 29  
ARG NE  CZ   sing N N 30  
ARG NE  HE   sing N N 31  
ARG CZ  NH1  sing N N 32  
ARG CZ  NH2  doub N N 33  
ARG NH1 HH11 sing N N 34  
ARG NH1 HH12 sing N N 35  
ARG NH2 HH21 sing N N 36  
ARG NH2 HH22 sing N N 37  
ARG OXT HXT  sing N N 38  
ASN N   CA   sing N N 39  
ASN N   H    sing N N 40  
ASN N   H2   sing N N 41  
ASN CA  C    sing N N 42  
ASN CA  CB   sing N N 43  
ASN CA  HA   sing N N 44  
ASN C   O    doub N N 45  
ASN C   OXT  sing N N 46  
ASN CB  CG   sing N N 47  
ASN CB  HB2  sing N N 48  
ASN CB  HB3  sing N N 49  
ASN CG  OD1  doub N N 50  
ASN CG  ND2  sing N N 51  
ASN ND2 HD21 sing N N 52  
ASN ND2 HD22 sing N N 53  
ASN OXT HXT  sing N N 54  
ASP N   CA   sing N N 55  
ASP N   H    sing N N 56  
ASP N   H2   sing N N 57  
ASP CA  C    sing N N 58  
ASP CA  CB   sing N N 59  
ASP CA  HA   sing N N 60  
ASP C   O    doub N N 61  
ASP C   OXT  sing N N 62  
ASP CB  CG   sing N N 63  
ASP CB  HB2  sing N N 64  
ASP CB  HB3  sing N N 65  
ASP CG  OD1  doub N N 66  
ASP CG  OD2  sing N N 67  
ASP OD2 HD2  sing N N 68  
ASP OXT HXT  sing N N 69  
CYS N   CA   sing N N 70  
CYS N   H    sing N N 71  
CYS N   H2   sing N N 72  
CYS CA  C    sing N N 73  
CYS CA  CB   sing N N 74  
CYS CA  HA   sing N N 75  
CYS C   O    doub N N 76  
CYS C   OXT  sing N N 77  
CYS CB  SG   sing N N 78  
CYS CB  HB2  sing N N 79  
CYS CB  HB3  sing N N 80  
CYS SG  HG   sing N N 81  
CYS OXT HXT  sing N N 82  
GLN N   CA   sing N N 83  
GLN N   H    sing N N 84  
GLN N   H2   sing N N 85  
GLN CA  C    sing N N 86  
GLN CA  CB   sing N N 87  
GLN CA  HA   sing N N 88  
GLN C   O    doub N N 89  
GLN C   OXT  sing N N 90  
GLN CB  CG   sing N N 91  
GLN CB  HB2  sing N N 92  
GLN CB  HB3  sing N N 93  
GLN CG  CD   sing N N 94  
GLN CG  HG2  sing N N 95  
GLN CG  HG3  sing N N 96  
GLN CD  OE1  doub N N 97  
GLN CD  NE2  sing N N 98  
GLN NE2 HE21 sing N N 99  
GLN NE2 HE22 sing N N 100 
GLN OXT HXT  sing N N 101 
GLU N   CA   sing N N 102 
GLU N   H    sing N N 103 
GLU N   H2   sing N N 104 
GLU CA  C    sing N N 105 
GLU CA  CB   sing N N 106 
GLU CA  HA   sing N N 107 
GLU C   O    doub N N 108 
GLU C   OXT  sing N N 109 
GLU CB  CG   sing N N 110 
GLU CB  HB2  sing N N 111 
GLU CB  HB3  sing N N 112 
GLU CG  CD   sing N N 113 
GLU CG  HG2  sing N N 114 
GLU CG  HG3  sing N N 115 
GLU CD  OE1  doub N N 116 
GLU CD  OE2  sing N N 117 
GLU OE2 HE2  sing N N 118 
GLU OXT HXT  sing N N 119 
GLY N   CA   sing N N 120 
GLY N   H    sing N N 121 
GLY N   H2   sing N N 122 
GLY CA  C    sing N N 123 
GLY CA  HA2  sing N N 124 
GLY CA  HA3  sing N N 125 
GLY C   O    doub N N 126 
GLY C   OXT  sing N N 127 
GLY OXT HXT  sing N N 128 
HIS N   CA   sing N N 129 
HIS N   H    sing N N 130 
HIS N   H2   sing N N 131 
HIS CA  C    sing N N 132 
HIS CA  CB   sing N N 133 
HIS CA  HA   sing N N 134 
HIS C   O    doub N N 135 
HIS C   OXT  sing N N 136 
HIS CB  CG   sing N N 137 
HIS CB  HB2  sing N N 138 
HIS CB  HB3  sing N N 139 
HIS CG  ND1  sing Y N 140 
HIS CG  CD2  doub Y N 141 
HIS ND1 CE1  doub Y N 142 
HIS ND1 HD1  sing N N 143 
HIS CD2 NE2  sing Y N 144 
HIS CD2 HD2  sing N N 145 
HIS CE1 NE2  sing Y N 146 
HIS CE1 HE1  sing N N 147 
HIS NE2 HE2  sing N N 148 
HIS OXT HXT  sing N N 149 
HOH O   H1   sing N N 150 
HOH O   H2   sing N N 151 
ILE N   CA   sing N N 152 
ILE N   H    sing N N 153 
ILE N   H2   sing N N 154 
ILE CA  C    sing N N 155 
ILE CA  CB   sing N N 156 
ILE CA  HA   sing N N 157 
ILE C   O    doub N N 158 
ILE C   OXT  sing N N 159 
ILE CB  CG1  sing N N 160 
ILE CB  CG2  sing N N 161 
ILE CB  HB   sing N N 162 
ILE CG1 CD1  sing N N 163 
ILE CG1 HG12 sing N N 164 
ILE CG1 HG13 sing N N 165 
ILE CG2 HG21 sing N N 166 
ILE CG2 HG22 sing N N 167 
ILE CG2 HG23 sing N N 168 
ILE CD1 HD11 sing N N 169 
ILE CD1 HD12 sing N N 170 
ILE CD1 HD13 sing N N 171 
ILE OXT HXT  sing N N 172 
LEU N   CA   sing N N 173 
LEU N   H    sing N N 174 
LEU N   H2   sing N N 175 
LEU CA  C    sing N N 176 
LEU CA  CB   sing N N 177 
LEU CA  HA   sing N N 178 
LEU C   O    doub N N 179 
LEU C   OXT  sing N N 180 
LEU CB  CG   sing N N 181 
LEU CB  HB2  sing N N 182 
LEU CB  HB3  sing N N 183 
LEU CG  CD1  sing N N 184 
LEU CG  CD2  sing N N 185 
LEU CG  HG   sing N N 186 
LEU CD1 HD11 sing N N 187 
LEU CD1 HD12 sing N N 188 
LEU CD1 HD13 sing N N 189 
LEU CD2 HD21 sing N N 190 
LEU CD2 HD22 sing N N 191 
LEU CD2 HD23 sing N N 192 
LEU OXT HXT  sing N N 193 
LYS N   CA   sing N N 194 
LYS N   H    sing N N 195 
LYS N   H2   sing N N 196 
LYS CA  C    sing N N 197 
LYS CA  CB   sing N N 198 
LYS CA  HA   sing N N 199 
LYS C   O    doub N N 200 
LYS C   OXT  sing N N 201 
LYS CB  CG   sing N N 202 
LYS CB  HB2  sing N N 203 
LYS CB  HB3  sing N N 204 
LYS CG  CD   sing N N 205 
LYS CG  HG2  sing N N 206 
LYS CG  HG3  sing N N 207 
LYS CD  CE   sing N N 208 
LYS CD  HD2  sing N N 209 
LYS CD  HD3  sing N N 210 
LYS CE  NZ   sing N N 211 
LYS CE  HE2  sing N N 212 
LYS CE  HE3  sing N N 213 
LYS NZ  HZ1  sing N N 214 
LYS NZ  HZ2  sing N N 215 
LYS NZ  HZ3  sing N N 216 
LYS OXT HXT  sing N N 217 
MET N   CA   sing N N 218 
MET N   H    sing N N 219 
MET N   H2   sing N N 220 
MET CA  C    sing N N 221 
MET CA  CB   sing N N 222 
MET CA  HA   sing N N 223 
MET C   O    doub N N 224 
MET C   OXT  sing N N 225 
MET CB  CG   sing N N 226 
MET CB  HB2  sing N N 227 
MET CB  HB3  sing N N 228 
MET CG  SD   sing N N 229 
MET CG  HG2  sing N N 230 
MET CG  HG3  sing N N 231 
MET SD  CE   sing N N 232 
MET CE  HE1  sing N N 233 
MET CE  HE2  sing N N 234 
MET CE  HE3  sing N N 235 
MET OXT HXT  sing N N 236 
PHE N   CA   sing N N 237 
PHE N   H    sing N N 238 
PHE N   H2   sing N N 239 
PHE CA  C    sing N N 240 
PHE CA  CB   sing N N 241 
PHE CA  HA   sing N N 242 
PHE C   O    doub N N 243 
PHE C   OXT  sing N N 244 
PHE CB  CG   sing N N 245 
PHE CB  HB2  sing N N 246 
PHE CB  HB3  sing N N 247 
PHE CG  CD1  doub Y N 248 
PHE CG  CD2  sing Y N 249 
PHE CD1 CE1  sing Y N 250 
PHE CD1 HD1  sing N N 251 
PHE CD2 CE2  doub Y N 252 
PHE CD2 HD2  sing N N 253 
PHE CE1 CZ   doub Y N 254 
PHE CE1 HE1  sing N N 255 
PHE CE2 CZ   sing Y N 256 
PHE CE2 HE2  sing N N 257 
PHE CZ  HZ   sing N N 258 
PHE OXT HXT  sing N N 259 
PO4 P   O1   doub N N 260 
PO4 P   O2   sing N N 261 
PO4 P   O3   sing N N 262 
PO4 P   O4   sing N N 263 
PRO N   CA   sing N N 264 
PRO N   CD   sing N N 265 
PRO N   H    sing N N 266 
PRO CA  C    sing N N 267 
PRO CA  CB   sing N N 268 
PRO CA  HA   sing N N 269 
PRO C   O    doub N N 270 
PRO C   OXT  sing N N 271 
PRO CB  CG   sing N N 272 
PRO CB  HB2  sing N N 273 
PRO CB  HB3  sing N N 274 
PRO CG  CD   sing N N 275 
PRO CG  HG2  sing N N 276 
PRO CG  HG3  sing N N 277 
PRO CD  HD2  sing N N 278 
PRO CD  HD3  sing N N 279 
PRO OXT HXT  sing N N 280 
SER N   CA   sing N N 281 
SER N   H    sing N N 282 
SER N   H2   sing N N 283 
SER CA  C    sing N N 284 
SER CA  CB   sing N N 285 
SER CA  HA   sing N N 286 
SER C   O    doub N N 287 
SER C   OXT  sing N N 288 
SER CB  OG   sing N N 289 
SER CB  HB2  sing N N 290 
SER CB  HB3  sing N N 291 
SER OG  HG   sing N N 292 
SER OXT HXT  sing N N 293 
THR N   CA   sing N N 294 
THR N   H    sing N N 295 
THR N   H2   sing N N 296 
THR CA  C    sing N N 297 
THR CA  CB   sing N N 298 
THR CA  HA   sing N N 299 
THR C   O    doub N N 300 
THR C   OXT  sing N N 301 
THR CB  OG1  sing N N 302 
THR CB  CG2  sing N N 303 
THR CB  HB   sing N N 304 
THR OG1 HG1  sing N N 305 
THR CG2 HG21 sing N N 306 
THR CG2 HG22 sing N N 307 
THR CG2 HG23 sing N N 308 
THR OXT HXT  sing N N 309 
TRP N   CA   sing N N 310 
TRP N   H    sing N N 311 
TRP N   H2   sing N N 312 
TRP CA  C    sing N N 313 
TRP CA  CB   sing N N 314 
TRP CA  HA   sing N N 315 
TRP C   O    doub N N 316 
TRP C   OXT  sing N N 317 
TRP CB  CG   sing N N 318 
TRP CB  HB2  sing N N 319 
TRP CB  HB3  sing N N 320 
TRP CG  CD1  doub Y N 321 
TRP CG  CD2  sing Y N 322 
TRP CD1 NE1  sing Y N 323 
TRP CD1 HD1  sing N N 324 
TRP CD2 CE2  doub Y N 325 
TRP CD2 CE3  sing Y N 326 
TRP NE1 CE2  sing Y N 327 
TRP NE1 HE1  sing N N 328 
TRP CE2 CZ2  sing Y N 329 
TRP CE3 CZ3  doub Y N 330 
TRP CE3 HE3  sing N N 331 
TRP CZ2 CH2  doub Y N 332 
TRP CZ2 HZ2  sing N N 333 
TRP CZ3 CH2  sing Y N 334 
TRP CZ3 HZ3  sing N N 335 
TRP CH2 HH2  sing N N 336 
TRP OXT HXT  sing N N 337 
TYR N   CA   sing N N 338 
TYR N   H    sing N N 339 
TYR N   H2   sing N N 340 
TYR CA  C    sing N N 341 
TYR CA  CB   sing N N 342 
TYR CA  HA   sing N N 343 
TYR C   O    doub N N 344 
TYR C   OXT  sing N N 345 
TYR CB  CG   sing N N 346 
TYR CB  HB2  sing N N 347 
TYR CB  HB3  sing N N 348 
TYR CG  CD1  doub Y N 349 
TYR CG  CD2  sing Y N 350 
TYR CD1 CE1  sing Y N 351 
TYR CD1 HD1  sing N N 352 
TYR CD2 CE2  doub Y N 353 
TYR CD2 HD2  sing N N 354 
TYR CE1 CZ   doub Y N 355 
TYR CE1 HE1  sing N N 356 
TYR CE2 CZ   sing Y N 357 
TYR CE2 HE2  sing N N 358 
TYR CZ  OH   sing N N 359 
TYR OH  HH   sing N N 360 
TYR OXT HXT  sing N N 361 
VAL N   CA   sing N N 362 
VAL N   H    sing N N 363 
VAL N   H2   sing N N 364 
VAL CA  C    sing N N 365 
VAL CA  CB   sing N N 366 
VAL CA  HA   sing N N 367 
VAL C   O    doub N N 368 
VAL C   OXT  sing N N 369 
VAL CB  CG1  sing N N 370 
VAL CB  CG2  sing N N 371 
VAL CB  HB   sing N N 372 
VAL CG1 HG11 sing N N 373 
VAL CG1 HG12 sing N N 374 
VAL CG1 HG13 sing N N 375 
VAL CG2 HG21 sing N N 376 
VAL CG2 HG22 sing N N 377 
VAL CG2 HG23 sing N N 378 
VAL OXT HXT  sing N N 379 
# 
_pdbx_initial_refinement_model.accession_code   ? 
_pdbx_initial_refinement_model.id               1 
_pdbx_initial_refinement_model.entity_id_list   ? 
_pdbx_initial_refinement_model.type             other 
_pdbx_initial_refinement_model.source_name      ? 
_pdbx_initial_refinement_model.details          'ALPHA HELIX' 
# 
_atom_sites.entry_id                    4AEQ 
_atom_sites.fract_transf_matrix[1][1]   0.00623478 
_atom_sites.fract_transf_matrix[1][2]   -0.01265867 
_atom_sites.fract_transf_matrix[1][3]   0.00548131 
_atom_sites.fract_transf_matrix[2][1]   -0.00211115 
_atom_sites.fract_transf_matrix[2][2]   -0.00554164 
_atom_sites.fract_transf_matrix[2][3]   -0.01039665 
_atom_sites.fract_transf_matrix[3][1]   0.02335427 
_atom_sites.fract_transf_matrix[3][2]   0.00767728 
_atom_sites.fract_transf_matrix[3][3]   -0.00883450 
_atom_sites.fract_transf_vector[1]      0.572996 
_atom_sites.fract_transf_vector[2]      0.676768 
_atom_sites.fract_transf_vector[3]      0.152132 
# 
loop_
_atom_type.symbol 
C 
N 
O 
P 
S 
# 
loop_
_atom_site.group_PDB 
_atom_site.id 
_atom_site.type_symbol 
_atom_site.label_atom_id 
_atom_site.label_alt_id 
_atom_site.label_comp_id 
_atom_site.label_asym_id 
_atom_site.label_entity_id 
_atom_site.label_seq_id 
_atom_site.pdbx_PDB_ins_code 
_atom_site.Cartn_x 
_atom_site.Cartn_y 
_atom_site.Cartn_z 
_atom_site.occupancy 
_atom_site.B_iso_or_equiv 
_atom_site.pdbx_formal_charge 
_atom_site.auth_seq_id 
_atom_site.auth_comp_id 
_atom_site.auth_asym_id 
_atom_site.auth_atom_id 
_atom_site.pdbx_PDB_model_num 
ATOM   1   N N   . LYS A 1 8  ? -10.921 -2.152  -14.213 1.00 66.85  ? 26   LYS A N   1 
ATOM   2   C CA  . LYS A 1 8  ? -9.939  -1.074  -14.162 1.00 65.54  ? 26   LYS A CA  1 
ATOM   3   C C   . LYS A 1 8  ? -10.611 0.297   -14.171 1.00 60.81  ? 26   LYS A C   1 
ATOM   4   O O   . LYS A 1 8  ? -11.777 0.420   -14.542 1.00 62.06  ? 26   LYS A O   1 
ATOM   5   C CB  . LYS A 1 8  ? -8.957  -1.179  -15.332 1.00 68.08  ? 26   LYS A CB  1 
ATOM   6   C CG  . LYS A 1 8  ? -9.562  -0.914  -16.704 1.00 70.86  ? 26   LYS A CG  1 
ATOM   7   C CD  . LYS A 1 8  ? -10.267 -2.144  -17.255 1.00 74.42  ? 26   LYS A CD  1 
ATOM   8   C CE  . LYS A 1 8  ? -10.921 -1.847  -18.596 1.00 76.67  ? 26   LYS A CE  1 
ATOM   9   N NZ  . LYS A 1 8  ? -11.537 -3.058  -19.203 1.00 78.82  ? 26   LYS A NZ  1 
ATOM   10  N N   . GLY A 1 9  ? -9.869  1.325   -13.770 1.00 52.82  ? 27   GLY A N   1 
ATOM   11  C CA  . GLY A 1 9  ? -10.396 2.676   -13.746 1.00 44.75  ? 27   GLY A CA  1 
ATOM   12  C C   . GLY A 1 9  ? -10.578 3.250   -15.136 1.00 37.84  ? 27   GLY A C   1 
ATOM   13  O O   . GLY A 1 9  ? -10.379 2.556   -16.132 1.00 36.57  ? 27   GLY A O   1 
ATOM   14  N N   . PRO A 1 10 ? -10.964 4.528   -15.213 1.00 34.09  ? 28   PRO A N   1 
ATOM   15  C CA  . PRO A 1 10 ? -11.197 5.183   -16.500 1.00 29.94  ? 28   PRO A CA  1 
ATOM   16  C C   . PRO A 1 10 ? -9.896  5.397   -17.262 1.00 27.18  ? 28   PRO A C   1 
ATOM   17  O O   . PRO A 1 10 ? -8.837  5.524   -16.649 1.00 25.39  ? 28   PRO A O   1 
ATOM   18  C CB  . PRO A 1 10 ? -11.776 6.538   -16.091 1.00 28.69  ? 28   PRO A CB  1 
ATOM   19  C CG  . PRO A 1 10 ? -11.195 6.798   -14.748 1.00 31.52  ? 28   PRO A CG  1 
ATOM   20  C CD  . PRO A 1 10 ? -11.130 5.456   -14.080 1.00 33.95  ? 28   PRO A CD  1 
ATOM   21  N N   . ALA A 1 11 ? -9.979  5.432   -18.586 1.00 25.94  ? 29   ALA A N   1 
ATOM   22  C CA  . ALA A 1 11 ? -8.837  5.837   -19.392 1.00 25.90  ? 29   ALA A CA  1 
ATOM   23  C C   . ALA A 1 11 ? -8.620  7.333   -19.180 1.00 22.14  ? 29   ALA A C   1 
ATOM   24  O O   . ALA A 1 11 ? -9.570  8.073   -18.930 1.00 20.99  ? 29   ALA A O   1 
ATOM   25  C CB  . ALA A 1 11 ? -9.083  5.530   -20.860 1.00 28.34  ? 29   ALA A CB  1 
ATOM   26  N N   . CYS A 1 12 ? -7.372  7.783   -19.267 1.00 19.62  ? 30   CYS A N   1 
ATOM   27  C CA  . CYS A 1 12 ? -7.065  9.184   -18.995 1.00 18.60  ? 30   CYS A CA  1 
ATOM   28  C C   . CYS A 1 12 ? -7.864  10.160  -19.859 1.00 18.62  ? 30   CYS A C   1 
ATOM   29  O O   . CYS A 1 12 ? -8.243  11.236  -19.396 1.00 19.08  ? 30   CYS A O   1 
ATOM   30  C CB  . CYS A 1 12 ? -5.564  9.441   -19.112 1.00 21.92  ? 30   CYS A CB  1 
ATOM   31  S SG  . CYS A 1 12 ? -4.648  8.755   -17.725 1.00 33.30  ? 30   CYS A SG  1 
ATOM   32  N N   . TYR A 1 13 ? -8.129  9.785   -21.108 1.00 15.99  ? 31   TYR A N   1 
ATOM   33  C CA  . TYR A 1 13 ? -8.859  10.675  -22.008 1.00 19.83  ? 31   TYR A CA  1 
ATOM   34  C C   . TYR A 1 13 ? -10.322 10.826  -21.592 1.00 20.40  ? 31   TYR A C   1 
ATOM   35  O O   . TYR A 1 13 ? -11.023 11.717  -22.066 1.00 21.75  ? 31   TYR A O   1 
ATOM   36  C CB  . TYR A 1 13 ? -8.745  10.220  -23.468 1.00 21.60  ? 31   TYR A CB  1 
ATOM   37  C CG  . TYR A 1 13 ? -9.506  8.958   -23.815 1.00 23.99  ? 31   TYR A CG  1 
ATOM   38  C CD1 . TYR A 1 13 ? -10.835 9.011   -24.219 1.00 28.60  ? 31   TYR A CD1 1 
ATOM   39  C CD2 . TYR A 1 13 ? -8.885  7.715   -23.767 1.00 27.30  ? 31   TYR A CD2 1 
ATOM   40  C CE1 . TYR A 1 13 ? -11.530 7.859   -24.550 1.00 31.48  ? 31   TYR A CE1 1 
ATOM   41  C CE2 . TYR A 1 13 ? -9.572  6.559   -24.095 1.00 30.06  ? 31   TYR A CE2 1 
ATOM   42  C CZ  . TYR A 1 13 ? -10.893 6.637   -24.486 1.00 33.13  ? 31   TYR A CZ  1 
ATOM   43  O OH  . TYR A 1 13 ? -11.577 5.489   -24.812 1.00 39.95  ? 31   TYR A OH  1 
ATOM   44  N N   . GLN A 1 14 ? -10.771 9.954   -20.697 1.00 18.19  ? 32   GLN A N   1 
ATOM   45  C CA  . GLN A 1 14 ? -12.116 10.044  -20.150 1.00 20.83  ? 32   GLN A CA  1 
ATOM   46  C C   . GLN A 1 14 ? -12.131 10.808  -18.827 1.00 24.46  ? 32   GLN A C   1 
ATOM   47  O O   . GLN A 1 14 ? -13.191 11.032  -18.241 1.00 26.80  ? 32   GLN A O   1 
ATOM   48  C CB  . GLN A 1 14 ? -12.701 8.644   -19.964 1.00 22.15  ? 32   GLN A CB  1 
ATOM   49  C CG  . GLN A 1 14 ? -12.753 7.841   -21.252 1.00 26.51  ? 32   GLN A CG  1 
ATOM   50  C CD  . GLN A 1 14 ? -13.147 6.397   -21.024 1.00 34.37  ? 32   GLN A CD  1 
ATOM   51  O OE1 . GLN A 1 14 ? -12.777 5.792   -20.019 1.00 37.85  ? 32   GLN A OE1 1 
ATOM   52  N NE2 . GLN A 1 14 ? -13.903 5.836   -21.960 1.00 37.03  ? 32   GLN A NE2 1 
ATOM   53  N N   . VAL A 1 15 ? -10.952 11.213  -18.366 1.00 22.28  ? 33   VAL A N   1 
ATOM   54  C CA  . VAL A 1 15 ? -10.828 11.919  -17.095 1.00 18.57  ? 33   VAL A CA  1 
ATOM   55  C C   . VAL A 1 15 ? -10.603 13.408  -17.313 1.00 18.06  ? 33   VAL A C   1 
ATOM   56  O O   . VAL A 1 15 ? -9.598  13.808  -17.892 1.00 18.08  ? 33   VAL A O   1 
ATOM   57  C CB  . VAL A 1 15 ? -9.664  11.359  -16.252 1.00 18.83  ? 33   VAL A CB  1 
ATOM   58  C CG1 . VAL A 1 15 ? -9.480  12.177  -14.979 1.00 19.26  ? 33   VAL A CG1 1 
ATOM   59  C CG2 . VAL A 1 15 ? -9.913  9.898   -15.918 1.00 20.17  ? 33   VAL A CG2 1 
ATOM   60  N N   . SER A 1 16 ? -11.544 14.226  -16.854 1.00 17.59  ? 34   SER A N   1 
ATOM   61  C CA  . SER A 1 16 ? -11.414 15.674  -16.961 1.00 17.17  ? 34   SER A CA  1 
ATOM   62  C C   . SER A 1 16 ? -10.393 16.205  -15.961 1.00 18.00  ? 34   SER A C   1 
ATOM   63  O O   . SER A 1 16 ? -10.063 15.531  -14.984 1.00 16.52  ? 34   SER A O   1 
ATOM   64  C CB  . SER A 1 16 ? -12.764 16.356  -16.732 1.00 22.57  ? 34   SER A CB  1 
ATOM   65  O OG  . SER A 1 16 ? -13.150 16.261  -15.371 1.00 22.97  ? 34   SER A OG  1 
ATOM   66  N N   . ASP A 1 17 ? -9.883  17.407  -16.215 1.00 17.01  ? 35   ASP A N   1 
ATOM   67  C CA  . ASP A 1 17 ? -8.951  18.050  -15.292 1.00 18.96  ? 35   ASP A CA  1 
ATOM   68  C C   . ASP A 1 17 ? -9.526  18.102  -13.878 1.00 19.87  ? 35   ASP A C   1 
ATOM   69  O O   . ASP A 1 17 ? -8.806  17.904  -12.902 1.00 19.85  ? 35   ASP A O   1 
ATOM   70  C CB  . ASP A 1 17 ? -8.611  19.468  -15.767 1.00 23.53  ? 35   ASP A CB  1 
ATOM   71  C CG  . ASP A 1 17 ? -7.577  19.482  -16.879 1.00 29.65  ? 35   ASP A CG  1 
ATOM   72  O OD1 . ASP A 1 17 ? -7.205  18.393  -17.372 1.00 26.51  ? 35   ASP A OD1 1 
ATOM   73  O OD2 . ASP A 1 17 ? -7.137  20.588  -17.261 1.00 32.58  ? 35   ASP A OD2 1 
ATOM   74  N N   . GLU A 1 18 ? -10.824 18.372  -13.776 1.00 18.64  ? 36   GLU A N   1 
ATOM   75  C CA  . GLU A 1 18 ? -11.490 18.487  -12.481 1.00 21.25  ? 36   GLU A CA  1 
ATOM   76  C C   . GLU A 1 18 ? -11.545 17.148  -11.743 1.00 18.59  ? 36   GLU A C   1 
ATOM   77  O O   . GLU A 1 18 ? -11.301 17.084  -10.533 1.00 17.93  ? 36   GLU A O   1 
ATOM   78  C CB  . GLU A 1 18 ? -12.894 19.066  -12.660 1.00 30.68  ? 36   GLU A CB  1 
ATOM   79  C CG  . GLU A 1 18 ? -13.535 19.571  -11.378 1.00 38.31  ? 36   GLU A CG  1 
ATOM   80  C CD  . GLU A 1 18 ? -14.311 18.494  -10.649 1.00 47.47  ? 36   GLU A CD  1 
ATOM   81  O OE1 . GLU A 1 18 ? -14.456 17.386  -11.205 1.00 51.21  ? 36   GLU A OE1 1 
ATOM   82  O OE2 . GLU A 1 18 ? -14.782 18.759  -9.524  1.00 50.71  ? 36   GLU A OE2 1 
ATOM   83  N N   . GLN A 1 19 ? -11.876 16.085  -12.474 1.00 18.31  ? 37   GLN A N   1 
ATOM   84  C CA  . GLN A 1 19 ? -11.884 14.732  -11.915 1.00 16.24  ? 37   GLN A CA  1 
ATOM   85  C C   . GLN A 1 19 ? -10.497 14.326  -11.447 1.00 12.94  ? 37   GLN A C   1 
ATOM   86  O O   . GLN A 1 19 ? -10.338 13.757  -10.366 1.00 15.07  ? 37   GLN A O   1 
ATOM   87  C CB  . GLN A 1 19 ? -12.371 13.718  -12.950 1.00 17.28  ? 37   GLN A CB  1 
ATOM   88  C CG  . GLN A 1 19 ? -13.861 13.760  -13.224 1.00 21.80  ? 37   GLN A CG  1 
ATOM   89  C CD  . GLN A 1 19 ? -14.267 12.835  -14.353 1.00 24.90  ? 37   GLN A CD  1 
ATOM   90  O OE1 . GLN A 1 19 ? -13.764 12.946  -15.471 1.00 23.38  ? 37   GLN A OE1 1 
ATOM   91  N NE2 . GLN A 1 19 ? -15.181 11.915  -14.067 1.00 28.54  ? 37   GLN A NE2 1 
ATOM   92  N N   . ALA A 1 20 ? -9.496  14.607  -12.275 1.00 13.25  ? 38   ALA A N   1 
ATOM   93  C CA  . ALA A 1 20 ? -8.112  14.288  -11.948 1.00 13.78  ? 38   ALA A CA  1 
ATOM   94  C C   . ALA A 1 20 ? -7.672  15.027  -10.688 1.00 14.84  ? 38   ALA A C   1 
ATOM   95  O O   . ALA A 1 20 ? -7.059  14.440  -9.800  1.00 15.20  ? 38   ALA A O   1 
ATOM   96  C CB  . ALA A 1 20 ? -7.198  14.634  -13.115 1.00 13.44  ? 38   ALA A CB  1 
ATOM   97  N N   . ARG A 1 21 ? -7.988  16.316  -10.613 1.00 15.87  ? 39   ARG A N   1 
ATOM   98  C CA  . ARG A 1 21 ? -7.623  17.114  -9.448  1.00 16.93  ? 39   ARG A CA  1 
ATOM   99  C C   . ARG A 1 21 ? -8.305  16.590  -8.192  1.00 17.30  ? 39   ARG A C   1 
ATOM   100 O O   . ARG A 1 21 ? -7.691  16.528  -7.129  1.00 16.31  ? 39   ARG A O   1 
ATOM   101 C CB  . ARG A 1 21 ? -7.965  18.589  -9.664  1.00 16.92  ? 39   ARG A CB  1 
ATOM   102 C CG  . ARG A 1 21 ? -7.107  19.266  -10.723 1.00 21.55  ? 39   ARG A CG  1 
ATOM   103 C CD  . ARG A 1 21 ? -7.255  20.778  -10.683 1.00 25.95  ? 39   ARG A CD  1 
ATOM   104 N NE  . ARG A 1 21 ? -6.179  21.444  -11.415 1.00 30.02  ? 39   ARG A NE  1 
ATOM   105 C CZ  . ARG A 1 21 ? -6.338  22.070  -12.577 1.00 34.03  ? 39   ARG A CZ  1 
ATOM   106 N NH1 . ARG A 1 21 ? -7.535  22.127  -13.144 1.00 35.48  ? 39   ARG A NH1 1 
ATOM   107 N NH2 . ARG A 1 21 ? -5.300  22.648  -13.169 1.00 34.56  ? 39   ARG A NH2 1 
ATOM   108 N N   . THR A 1 22 ? -9.574  16.214  -8.319  1.00 15.50  ? 40   THR A N   1 
ATOM   109 C CA  . THR A 1 22 ? -10.315 15.672  -7.185  1.00 16.73  ? 40   THR A CA  1 
ATOM   110 C C   . THR A 1 22 ? -9.688  14.366  -6.697  1.00 15.27  ? 40   THR A C   1 
ATOM   111 O O   . THR A 1 22 ? -9.507  14.163  -5.495  1.00 15.86  ? 40   THR A O   1 
ATOM   112 C CB  . THR A 1 22 ? -11.790 15.433  -7.547  1.00 19.56  ? 40   THR A CB  1 
ATOM   113 O OG1 . THR A 1 22 ? -12.388 16.675  -7.935  1.00 18.27  ? 40   THR A OG1 1 
ATOM   114 C CG2 . THR A 1 22 ? -12.545 14.857  -6.355  1.00 23.09  ? 40   THR A CG2 1 
ATOM   115 N N   . PHE A 1 23 ? -9.354  13.486  -7.636  1.00 15.74  ? 41   PHE A N   1 
ATOM   116 C CA  . PHE A 1 23 ? -8.722  12.216  -7.290  1.00 15.27  ? 41   PHE A CA  1 
ATOM   117 C C   . PHE A 1 23 ? -7.382  12.439  -6.593  1.00 14.70  ? 41   PHE A C   1 
ATOM   118 O O   . PHE A 1 23 ? -7.077  11.804  -5.577  1.00 15.89  ? 41   PHE A O   1 
ATOM   119 C CB  . PHE A 1 23 ? -8.523  11.354  -8.534  1.00 15.13  ? 41   PHE A CB  1 
ATOM   120 C CG  . PHE A 1 23 ? -8.111  9.942   -8.227  1.00 17.92  ? 41   PHE A CG  1 
ATOM   121 C CD1 . PHE A 1 23 ? -6.799  9.645   -7.892  1.00 17.22  ? 41   PHE A CD1 1 
ATOM   122 C CD2 . PHE A 1 23 ? -9.035  8.915   -8.259  1.00 20.21  ? 41   PHE A CD2 1 
ATOM   123 C CE1 . PHE A 1 23 ? -6.420  8.352   -7.602  1.00 18.17  ? 41   PHE A CE1 1 
ATOM   124 C CE2 . PHE A 1 23 ? -8.660  7.618   -7.972  1.00 24.22  ? 41   PHE A CE2 1 
ATOM   125 C CZ  . PHE A 1 23 ? -7.351  7.335   -7.642  1.00 20.75  ? 41   PHE A CZ  1 
ATOM   126 N N   . VAL A 1 24 ? -6.583  13.343  -7.145  1.00 12.36  ? 42   VAL A N   1 
ATOM   127 C CA  . VAL A 1 24 ? -5.246  13.598  -6.615  1.00 10.85  ? 42   VAL A CA  1 
ATOM   128 C C   . VAL A 1 24 ? -5.305  14.241  -5.230  1.00 15.31  ? 42   VAL A C   1 
ATOM   129 O O   . VAL A 1 24 ? -4.493  13.932  -4.360  1.00 16.66  ? 42   VAL A O   1 
ATOM   130 C CB  . VAL A 1 24 ? -4.420  14.461  -7.572  1.00 13.67  ? 42   VAL A CB  1 
ATOM   131 C CG1 . VAL A 1 24 ? -3.125  14.915  -6.909  1.00 16.99  ? 42   VAL A CG1 1 
ATOM   132 C CG2 . VAL A 1 24 ? -4.130  13.682  -8.849  1.00 11.30  ? 42   VAL A CG2 1 
ATOM   133 N N   . LYS A 1 25 ? -6.266  15.137  -5.025  1.00 12.03  ? 43   LYS A N   1 
ATOM   134 C CA  . LYS A 1 25 ? -6.427  15.780  -3.725  1.00 11.71  ? 43   LYS A CA  1 
ATOM   135 C C   . LYS A 1 25 ? -6.878  14.756  -2.688  1.00 15.04  ? 43   LYS A C   1 
ATOM   136 O O   . LYS A 1 25 ? -6.330  14.694  -1.581  1.00 18.27  ? 43   LYS A O   1 
ATOM   137 C CB  . LYS A 1 25 ? -7.414  16.944  -3.809  1.00 14.92  ? 43   LYS A CB  1 
ATOM   138 C CG  . LYS A 1 25 ? -7.645  17.660  -2.480  1.00 18.66  ? 43   LYS A CG  1 
ATOM   139 C CD  . LYS A 1 25 ? -8.498  18.910  -2.661  1.00 22.59  ? 43   LYS A CD  1 
ATOM   140 C CE  . LYS A 1 25 ? -8.827  19.557  -1.325  1.00 27.22  ? 43   LYS A CE  1 
ATOM   141 N NZ  . LYS A 1 25 ? -9.534  20.860  -1.500  1.00 28.43  ? 43   LYS A NZ  1 
ATOM   142 N N   . ASN A 1 26 ? -7.868  13.942  -3.053  1.00 11.66  ? 44   ASN A N   1 
ATOM   143 C CA  . ASN A 1 26 ? -8.329  12.888  -2.149  1.00 15.57  ? 44   ASN A CA  1 
ATOM   144 C C   . ASN A 1 26 ? -7.168  11.994  -1.736  1.00 16.48  ? 44   ASN A C   1 
ATOM   145 O O   . ASN A 1 26 ? -6.944  11.735  -0.545  1.00 17.12  ? 44   ASN A O   1 
ATOM   146 C CB  . ASN A 1 26 ? -9.425  12.039  -2.801  1.00 13.73  ? 44   ASN A CB  1 
ATOM   147 C CG  . ASN A 1 26 ? -10.768 12.747  -2.844  1.00 16.89  ? 44   ASN A CG  1 
ATOM   148 O OD1 . ASN A 1 26 ? -10.980 13.746  -2.156  1.00 20.12  ? 44   ASN A OD1 1 
ATOM   149 N ND2 . ASN A 1 26 ? -11.686 12.216  -3.640  1.00 15.07  ? 44   ASN A ND2 1 
ATOM   150 N N   . ASP A 1 27 ? -6.430  11.529  -2.737  1.00 12.26  ? 45   ASP A N   1 
ATOM   151 C CA  . ASP A 1 27 ? -5.313  10.618  -2.516  1.00 12.53  ? 45   ASP A CA  1 
ATOM   152 C C   . ASP A 1 27 ? -4.222  11.239  -1.646  1.00 13.84  ? 45   ASP A C   1 
ATOM   153 O O   . ASP A 1 27 ? -3.729  10.616  -0.699  1.00 14.39  ? 45   ASP A O   1 
ATOM   154 C CB  . ASP A 1 27 ? -4.738  10.187  -3.864  1.00 16.75  ? 45   ASP A CB  1 
ATOM   155 C CG  . ASP A 1 27 ? -3.631  9.177   -3.726  1.00 23.11  ? 45   ASP A CG  1 
ATOM   156 O OD1 . ASP A 1 27 ? -3.937  7.971   -3.648  1.00 29.98  ? 45   ASP A OD1 1 
ATOM   157 O OD2 . ASP A 1 27 ? -2.456  9.589   -3.700  1.00 22.58  ? 45   ASP A OD2 1 
ATOM   158 N N   . TYR A 1 28 ? -3.844  12.470  -1.976  1.00 12.20  ? 46   TYR A N   1 
ATOM   159 C CA  . TYR A 1 28 ? -2.795  13.174  -1.251  1.00 14.61  ? 46   TYR A CA  1 
ATOM   160 C C   . TYR A 1 28 ? -3.159  13.366  0.217   1.00 15.78  ? 46   TYR A C   1 
ATOM   161 O O   . TYR A 1 28 ? -2.373  13.035  1.110   1.00 15.43  ? 46   TYR A O   1 
ATOM   162 C CB  . TYR A 1 28 ? -2.510  14.529  -1.900  1.00 12.42  ? 46   TYR A CB  1 
ATOM   163 C CG  . TYR A 1 28 ? -1.552  15.395  -1.113  1.00 15.90  ? 46   TYR A CG  1 
ATOM   164 C CD1 . TYR A 1 28 ? -0.180  15.206  -1.201  1.00 17.88  ? 46   TYR A CD1 1 
ATOM   165 C CD2 . TYR A 1 28 ? -2.024  16.398  -0.277  1.00 17.36  ? 46   TYR A CD2 1 
ATOM   166 C CE1 . TYR A 1 28 ? 0.697   16.000  -0.480  1.00 18.69  ? 46   TYR A CE1 1 
ATOM   167 C CE2 . TYR A 1 28 ? -1.158  17.194  0.445   1.00 17.95  ? 46   TYR A CE2 1 
ATOM   168 C CZ  . TYR A 1 28 ? 0.198   16.995  0.341   1.00 17.30  ? 46   TYR A CZ  1 
ATOM   169 O OH  . TYR A 1 28 ? 1.055   17.792  1.063   1.00 19.40  ? 46   TYR A OH  1 
ATOM   170 N N   . LEU A 1 29 ? -4.347  13.906  0.467   1.00 14.76  ? 47   LEU A N   1 
ATOM   171 C CA  . LEU A 1 29 ? -4.784  14.124  1.846   1.00 15.60  ? 47   LEU A CA  1 
ATOM   172 C C   . LEU A 1 29 ? -4.884  12.815  2.637   1.00 18.01  ? 47   LEU A C   1 
ATOM   173 O O   . LEU A 1 29 ? -4.428  12.728  3.790   1.00 18.76  ? 47   LEU A O   1 
ATOM   174 C CB  . LEU A 1 29 ? -6.108  14.895  1.885   1.00 14.88  ? 47   LEU A CB  1 
ATOM   175 C CG  . LEU A 1 29 ? -5.999  16.363  1.459   1.00 16.83  ? 47   LEU A CG  1 
ATOM   176 C CD1 . LEU A 1 29 ? -7.358  17.043  1.499   1.00 20.26  ? 47   LEU A CD1 1 
ATOM   177 C CD2 . LEU A 1 29 ? -4.985  17.118  2.330   1.00 16.05  ? 47   LEU A CD2 1 
ATOM   178 N N   . GLN A 1 30 ? -5.471  11.795  2.015   1.00 16.73  ? 48   GLN A N   1 
ATOM   179 C CA  . GLN A 1 30 ? -5.599  10.503  2.680   1.00 22.48  ? 48   GLN A CA  1 
ATOM   180 C C   . GLN A 1 30 ? -4.222  9.960   3.052   1.00 20.71  ? 48   GLN A C   1 
ATOM   181 O O   . GLN A 1 30 ? -4.030  9.448   4.153   1.00 21.34  ? 48   GLN A O   1 
ATOM   182 C CB  . GLN A 1 30 ? -6.351  9.497   1.803   1.00 29.58  ? 48   GLN A CB  1 
ATOM   183 C CG  . GLN A 1 30 ? -5.443  8.609   0.970   1.00 43.09  ? 48   GLN A CG  1 
ATOM   184 C CD  . GLN A 1 30 ? -6.208  7.616   0.118   1.00 53.47  ? 48   GLN A CD  1 
ATOM   185 O OE1 . GLN A 1 30 ? -7.425  7.468   0.250   1.00 57.24  ? 48   GLN A OE1 1 
ATOM   186 N NE2 . GLN A 1 30 ? -5.493  6.924   -0.764  1.00 55.49  ? 48   GLN A NE2 1 
ATOM   187 N N   . ARG A 1 31 ? -3.262  10.076  2.137   1.00 22.45  ? 49   ARG A N   1 
ATOM   188 C CA  . ARG A 1 31 ? -1.907  9.596   2.395   1.00 24.49  ? 49   ARG A CA  1 
ATOM   189 C C   . ARG A 1 31 ? -1.219  10.351  3.524   1.00 23.68  ? 49   ARG A C   1 
ATOM   190 O O   . ARG A 1 31 ? -0.640  9.746   4.425   1.00 29.58  ? 49   ARG A O   1 
ATOM   191 C CB  . ARG A 1 31 ? -1.066  9.661   1.125   1.00 29.85  ? 49   ARG A CB  1 
ATOM   192 C CG  . ARG A 1 31 ? -1.476  8.658   0.073   1.00 37.79  ? 49   ARG A CG  1 
ATOM   193 C CD  . ARG A 1 31 ? -0.479  8.627   -1.063  1.00 45.47  ? 49   ARG A CD  1 
ATOM   194 N NE  . ARG A 1 31 ? -0.796  7.597   -2.046  1.00 50.44  ? 49   ARG A NE  1 
ATOM   195 C CZ  . ARG A 1 31 ? -0.053  7.324   -3.111  1.00 54.92  ? 49   ARG A CZ  1 
ATOM   196 N NH1 . ARG A 1 31 ? 1.059   8.000   -3.333  1.00 56.12  ? 49   ARG A NH1 1 
ATOM   197 N NH2 . ARG A 1 31 ? -0.420  6.368   -3.948  1.00 57.81  ? 49   ARG A NH2 1 
ATOM   198 N N   . MET A 1 32 ? -1.289  11.675  3.473   1.00 22.64  ? 50   MET A N   1 
ATOM   199 C CA  . MET A 1 32 ? -0.720  12.496  4.535   1.00 23.64  ? 50   MET A CA  1 
ATOM   200 C C   . MET A 1 32 ? -1.236  12.006  5.881   1.00 22.09  ? 50   MET A C   1 
ATOM   201 O O   . MET A 1 32 ? -0.451  11.693  6.796   1.00 24.12  ? 50   MET A O   1 
ATOM   202 C CB  . MET A 1 32 ? -1.095  13.964  4.338   1.00 25.53  ? 50   MET A CB  1 
ATOM   203 C CG  . MET A 1 32 ? -0.402  14.619  3.152   1.00 28.90  ? 50   MET A CG  1 
ATOM   204 S SD  . MET A 1 32 ? 1.209   15.305  3.592   1.00 32.50  ? 50   MET A SD  1 
ATOM   205 C CE  . MET A 1 32 ? 0.696   16.742  4.528   1.00 29.34  ? 50   MET A CE  1 
ATOM   206 N N   . LYS A 1 33 ? -2.562  11.918  5.987   1.00 16.53  ? 51   LYS A N   1 
ATOM   207 C CA  . LYS A 1 33 ? -3.201  11.451  7.215   1.00 22.87  ? 51   LYS A CA  1 
ATOM   208 C C   . LYS A 1 33 ? -2.703  10.073  7.652   1.00 22.45  ? 51   LYS A C   1 
ATOM   209 O O   . LYS A 1 33 ? -2.224  9.902   8.775   1.00 25.56  ? 51   LYS A O   1 
ATOM   210 C CB  . LYS A 1 33 ? -4.718  11.409  7.032   1.00 25.74  ? 51   LYS A CB  1 
ATOM   211 C CG  . LYS A 1 33 ? -5.463  10.697  8.152   1.00 34.52  ? 51   LYS A CG  1 
ATOM   212 C CD  . LYS A 1 33 ? -6.962  10.772  7.918   1.00 40.92  ? 51   LYS A CD  1 
ATOM   213 C CE  . LYS A 1 33 ? -7.409  12.222  7.789   1.00 45.17  ? 51   LYS A CE  1 
ATOM   214 N NZ  . LYS A 1 33 ? -8.751  12.345  7.157   1.00 48.82  ? 51   LYS A NZ  1 
ATOM   215 N N   . ARG A 1 34 ? -2.821  9.092   6.764   1.00 23.76  ? 52   ARG A N   1 
ATOM   216 C CA  . ARG A 1 34 ? -2.463  7.716   7.092   1.00 24.77  ? 52   ARG A CA  1 
ATOM   217 C C   . ARG A 1 34 ? -1.024  7.545   7.553   1.00 20.59  ? 52   ARG A C   1 
ATOM   218 O O   . ARG A 1 34 ? -0.762  6.979   8.612   1.00 21.88  ? 52   ARG A O   1 
ATOM   219 C CB  . ARG A 1 34 ? -2.728  6.801   5.897   1.00 30.18  ? 52   ARG A CB  1 
ATOM   220 C CG  . ARG A 1 34 ? -4.193  6.499   5.673   1.00 38.21  ? 52   ARG A CG  1 
ATOM   221 C CD  . ARG A 1 34 ? -4.394  5.692   4.415   1.00 43.88  ? 52   ARG A CD  1 
ATOM   222 N NE  . ARG A 1 34 ? -5.809  5.508   4.117   1.00 48.85  ? 52   ARG A NE  1 
ATOM   223 C CZ  . ARG A 1 34 ? -6.302  5.435   2.887   1.00 53.50  ? 52   ARG A CZ  1 
ATOM   224 N NH1 . ARG A 1 34 ? -5.494  5.534   1.846   1.00 54.60  ? 52   ARG A NH1 1 
ATOM   225 N NH2 . ARG A 1 34 ? -7.601  5.271   2.698   1.00 55.08  ? 52   ARG A NH2 1 
ATOM   226 N N   . TRP A 1 35 ? -0.089  8.036   6.748   1.00 18.19  ? 53   TRP A N   1 
ATOM   227 C CA  . TRP A 1 35 ? 1.324   7.847   7.059   1.00 20.81  ? 53   TRP A CA  1 
ATOM   228 C C   . TRP A 1 35 ? 1.750   8.619   8.307   1.00 24.28  ? 53   TRP A C   1 
ATOM   229 O O   . TRP A 1 35 ? 2.475   8.078   9.158   1.00 27.39  ? 53   TRP A O   1 
ATOM   230 C CB  . TRP A 1 35 ? 2.205   8.168   5.849   1.00 20.24  ? 53   TRP A CB  1 
ATOM   231 C CG  . TRP A 1 35 ? 1.977   7.205   4.727   1.00 24.76  ? 53   TRP A CG  1 
ATOM   232 C CD1 . TRP A 1 35 ? 1.314   7.445   3.560   1.00 30.35  ? 53   TRP A CD1 1 
ATOM   233 C CD2 . TRP A 1 35 ? 2.395   5.836   4.676   1.00 29.75  ? 53   TRP A CD2 1 
ATOM   234 N NE1 . TRP A 1 35 ? 1.302   6.312   2.780   1.00 31.37  ? 53   TRP A NE1 1 
ATOM   235 C CE2 . TRP A 1 35 ? 1.959   5.311   3.444   1.00 32.70  ? 53   TRP A CE2 1 
ATOM   236 C CE3 . TRP A 1 35 ? 3.099   5.006   5.552   1.00 31.92  ? 53   TRP A CE3 1 
ATOM   237 C CZ2 . TRP A 1 35 ? 2.204   3.994   3.066   1.00 35.28  ? 53   TRP A CZ2 1 
ATOM   238 C CZ3 . TRP A 1 35 ? 3.342   3.699   5.175   1.00 34.85  ? 53   TRP A CZ3 1 
ATOM   239 C CH2 . TRP A 1 35 ? 2.897   3.205   3.942   1.00 34.87  ? 53   TRP A CH2 1 
ATOM   240 N N   . ASP A 1 36 ? 1.292   9.865   8.439   1.00 26.05  ? 54   ASP A N   1 
ATOM   241 C CA  . ASP A 1 36 ? 1.601   10.605  9.660   1.00 28.53  ? 54   ASP A CA  1 
ATOM   242 C C   . ASP A 1 36 ? 1.077   9.861   10.884  1.00 25.72  ? 54   ASP A C   1 
ATOM   243 O O   . ASP A 1 36 ? 1.787   9.693   11.884  1.00 27.31  ? 54   ASP A O   1 
ATOM   244 C CB  . ASP A 1 36 ? 1.019   12.014  9.635   1.00 34.12  ? 54   ASP A CB  1 
ATOM   245 C CG  . ASP A 1 36 ? 1.450   12.834  10.837  1.00 39.86  ? 54   ASP A CG  1 
ATOM   246 O OD1 . ASP A 1 36 ? 2.676   12.961  11.052  1.00 41.59  ? 54   ASP A OD1 1 
ATOM   247 O OD2 . ASP A 1 36 ? 0.575   13.328  11.577  1.00 41.14  ? 54   ASP A OD2 1 
ATOM   248 N N   . ASN A 1 37 ? -0.174  9.418   10.803  1.00 25.18  ? 55   ASN A N   1 
ATOM   249 C CA  . ASN A 1 37 ? -0.757  8.672   11.903  1.00 25.75  ? 55   ASN A CA  1 
ATOM   250 C C   . ASN A 1 37 ? 0.082   7.450   12.252  1.00 27.40  ? 55   ASN A C   1 
ATOM   251 O O   . ASN A 1 37 ? 0.424   7.252   13.413  1.00 26.55  ? 55   ASN A O   1 
ATOM   252 C CB  . ASN A 1 37 ? -2.210  8.292   11.616  1.00 28.78  ? 55   ASN A CB  1 
ATOM   253 C CG  . ASN A 1 37 ? -3.147  9.482   11.706  1.00 33.14  ? 55   ASN A CG  1 
ATOM   254 O OD1 . ASN A 1 37 ? -2.716  10.614  11.946  1.00 34.67  ? 55   ASN A OD1 1 
ATOM   255 N ND2 . ASN A 1 37 ? -4.435  9.235   11.505  1.00 32.74  ? 55   ASN A ND2 1 
ATOM   256 N N   . ASP A 1 38 ? 0.435   6.639   11.259  1.00 23.62  ? 56   ASP A N   1 
ATOM   257 C CA  . ASP A 1 38 ? 1.256   5.458   11.532  1.00 21.00  ? 56   ASP A CA  1 
ATOM   258 C C   . ASP A 1 38 ? 2.580   5.804   12.215  1.00 21.30  ? 56   ASP A C   1 
ATOM   259 O O   . ASP A 1 38 ? 3.016   5.096   13.129  1.00 22.00  ? 56   ASP A O   1 
ATOM   260 C CB  . ASP A 1 38 ? 1.487   4.630   10.262  1.00 24.97  ? 56   ASP A CB  1 
ATOM   261 C CG  . ASP A 1 38 ? 0.323   3.700   9.956   1.00 31.44  ? 56   ASP A CG  1 
ATOM   262 O OD1 . ASP A 1 38 ? -0.691  3.764   10.682  1.00 31.51  ? 56   ASP A OD1 1 
ATOM   263 O OD2 . ASP A 1 38 ? 0.420   2.909   8.993   1.00 32.79  ? 56   ASP A OD2 1 
ATOM   264 N N   . VAL A 1 39 ? 3.216   6.890   11.785  1.00 22.88  ? 57   VAL A N   1 
ATOM   265 C CA  . VAL A 1 39 ? 4.472   7.285   12.419  1.00 21.88  ? 57   VAL A CA  1 
ATOM   266 C C   . VAL A 1 39 ? 4.254   7.667   13.882  1.00 25.46  ? 57   VAL A C   1 
ATOM   267 O O   . VAL A 1 39 ? 4.973   7.196   14.765  1.00 25.82  ? 57   VAL A O   1 
ATOM   268 C CB  . VAL A 1 39 ? 5.160   8.449   11.675  1.00 22.68  ? 57   VAL A CB  1 
ATOM   269 C CG1 . VAL A 1 39 ? 6.335   8.976   12.489  1.00 25.28  ? 57   VAL A CG1 1 
ATOM   270 C CG2 . VAL A 1 39 ? 5.622   8.000   10.303  1.00 21.85  ? 57   VAL A CG2 1 
ATOM   271 N N   . GLN A 1 40 ? 3.262   8.514   14.145  1.00 25.40  ? 58   GLN A N   1 
ATOM   272 C CA  . GLN A 1 40 ? 2.986   8.932   15.520  1.00 28.90  ? 58   GLN A CA  1 
ATOM   273 C C   . GLN A 1 40 ? 2.590   7.744   16.404  1.00 26.13  ? 58   GLN A C   1 
ATOM   274 O O   . GLN A 1 40 ? 2.833   7.750   17.608  1.00 27.07  ? 58   GLN A O   1 
ATOM   275 C CB  . GLN A 1 40 ? 1.899   10.005  15.545  1.00 37.41  ? 58   GLN A CB  1 
ATOM   276 C CG  . GLN A 1 40 ? 0.576   9.519   14.984  1.00 50.30  ? 58   GLN A CG  1 
ATOM   277 C CD  . GLN A 1 40 ? -0.511  10.567  15.050  1.00 61.27  ? 58   GLN A CD  1 
ATOM   278 O OE1 . GLN A 1 40 ? -0.230  11.760  15.166  1.00 66.16  ? 58   GLN A OE1 1 
ATOM   279 N NE2 . GLN A 1 40 ? -1.762  10.129  14.975  1.00 63.72  ? 58   GLN A NE2 1 
ATOM   280 N N   . LEU A 1 41 ? 1.990   6.723   15.799  1.00 23.04  ? 59   LEU A N   1 
ATOM   281 C CA  . LEU A 1 41 ? 1.533   5.541   16.534  1.00 24.92  ? 59   LEU A CA  1 
ATOM   282 C C   . LEU A 1 41 ? 2.665   4.581   16.882  1.00 22.79  ? 59   LEU A C   1 
ATOM   283 O O   . LEU A 1 41 ? 2.724   4.031   17.986  1.00 25.96  ? 59   LEU A O   1 
ATOM   284 C CB  . LEU A 1 41 ? 0.508   4.779   15.702  1.00 33.69  ? 59   LEU A CB  1 
ATOM   285 C CG  . LEU A 1 41 ? -0.874  5.389   15.479  1.00 42.91  ? 59   LEU A CG  1 
ATOM   286 C CD1 . LEU A 1 41 ? -0.999  6.816   16.031  1.00 42.69  ? 59   LEU A CD1 1 
ATOM   287 C CD2 . LEU A 1 41 ? -1.218  5.320   13.994  1.00 47.09  ? 59   LEU A CD2 1 
ATOM   288 N N   . LEU A 1 42 ? 3.554   4.361   15.921  1.00 20.17  ? 60   LEU A N   1 
ATOM   289 C CA  . LEU A 1 42 ? 4.672   3.458   16.144  1.00 18.88  ? 60   LEU A CA  1 
ATOM   290 C C   . LEU A 1 42 ? 5.730   4.148   16.991  1.00 19.37  ? 60   LEU A C   1 
ATOM   291 O O   . LEU A 1 42 ? 6.477   3.498   17.717  1.00 23.46  ? 60   LEU A O   1 
ATOM   292 C CB  . LEU A 1 42 ? 5.268   2.995   14.812  1.00 18.14  ? 60   LEU A CB  1 
ATOM   293 C CG  . LEU A 1 42 ? 4.360   2.131   13.935  1.00 23.15  ? 60   LEU A CG  1 
ATOM   294 C CD1 . LEU A 1 42 ? 5.045   1.800   12.621  1.00 22.27  ? 60   LEU A CD1 1 
ATOM   295 C CD2 . LEU A 1 42 ? 3.958   0.856   14.665  1.00 27.21  ? 60   LEU A CD2 1 
ATOM   296 N N   . GLY A 1 43 ? 5.775   5.473   16.899  1.00 17.38  ? 61   GLY A N   1 
ATOM   297 C CA  . GLY A 1 43 ? 6.733   6.260   17.649  1.00 20.74  ? 61   GLY A CA  1 
ATOM   298 C C   . GLY A 1 43 ? 8.062   6.389   16.931  1.00 24.23  ? 61   GLY A C   1 
ATOM   299 O O   . GLY A 1 43 ? 9.042   6.848   17.514  1.00 26.94  ? 61   GLY A O   1 
ATOM   300 N N   . THR A 1 44 ? 8.102   5.966   15.673  1.00 22.03  ? 62   THR A N   1 
ATOM   301 C CA  . THR A 1 44 ? 9.314   6.082   14.875  1.00 22.61  ? 62   THR A CA  1 
ATOM   302 C C   . THR A 1 44 ? 9.000   6.137   13.384  1.00 22.90  ? 62   THR A C   1 
ATOM   303 O O   . THR A 1 44 ? 7.971   5.623   12.939  1.00 21.36  ? 62   THR A O   1 
ATOM   304 C CB  . THR A 1 44 ? 10.258  4.898   15.140  1.00 25.49  ? 62   THR A CB  1 
ATOM   305 O OG1 . THR A 1 44 ? 11.449  5.042   14.355  1.00 27.02  ? 62   THR A OG1 1 
ATOM   306 C CG2 . THR A 1 44 ? 9.572   3.586   14.786  1.00 21.62  ? 62   THR A CG2 1 
ATOM   307 N N   . GLU A 1 45 ? 9.891   6.764   12.620  1.00 22.95  ? 63   GLU A N   1 
ATOM   308 C CA  . GLU A 1 45 ? 9.819   6.743   11.162  1.00 26.30  ? 63   GLU A CA  1 
ATOM   309 C C   . GLU A 1 45 ? 10.410  5.453   10.609  1.00 25.72  ? 63   GLU A C   1 
ATOM   310 O O   . GLU A 1 45 ? 10.161  5.084   9.461   1.00 27.29  ? 63   GLU A O   1 
ATOM   311 C CB  . GLU A 1 45 ? 10.577  7.933   10.566  1.00 34.10  ? 63   GLU A CB  1 
ATOM   312 C CG  . GLU A 1 45 ? 9.732   9.168   10.324  1.00 40.80  ? 63   GLU A CG  1 
ATOM   313 C CD  . GLU A 1 45 ? 10.500  10.256  9.598   1.00 46.07  ? 63   GLU A CD  1 
ATOM   314 O OE1 . GLU A 1 45 ? 11.719  10.079  9.382   1.00 48.13  ? 63   GLU A OE1 1 
ATOM   315 O OE2 . GLU A 1 45 ? 9.887   11.283  9.239   1.00 47.04  ? 63   GLU A OE2 1 
ATOM   316 N N   . ILE A 1 46 ? 11.205  4.775   11.430  1.00 23.24  ? 64   ILE A N   1 
ATOM   317 C CA  . ILE A 1 46 ? 11.918  3.586   10.984  1.00 23.37  ? 64   ILE A CA  1 
ATOM   318 C C   . ILE A 1 46 ? 11.634  2.382   11.875  1.00 22.95  ? 64   ILE A C   1 
ATOM   319 O O   . ILE A 1 46 ? 12.518  1.913   12.593  1.00 26.05  ? 64   ILE A O   1 
ATOM   320 C CB  . ILE A 1 46 ? 13.433  3.839   10.945  1.00 28.68  ? 64   ILE A CB  1 
ATOM   321 C CG1 . ILE A 1 46 ? 13.719  5.190   10.286  1.00 30.84  ? 64   ILE A CG1 1 
ATOM   322 C CG2 . ILE A 1 46 ? 14.142  2.712   10.215  1.00 29.77  ? 64   ILE A CG2 1 
ATOM   323 C CD1 . ILE A 1 46 ? 15.111  5.717   10.542  1.00 36.74  ? 64   ILE A CD1 1 
ATOM   324 N N   . PRO A 1 47 ? 10.396  1.868   11.824  1.00 20.64  ? 65   PRO A N   1 
ATOM   325 C CA  . PRO A 1 47 ? 10.021  0.702   12.628  1.00 20.41  ? 65   PRO A CA  1 
ATOM   326 C C   . PRO A 1 47 ? 10.769  -0.542  12.177  1.00 20.50  ? 65   PRO A C   1 
ATOM   327 O O   . PRO A 1 47 ? 11.266  -0.585  11.051  1.00 19.38  ? 65   PRO A O   1 
ATOM   328 C CB  . PRO A 1 47 ? 8.529   0.541   12.327  1.00 20.45  ? 65   PRO A CB  1 
ATOM   329 C CG  . PRO A 1 47 ? 8.339   1.177   10.998  1.00 22.16  ? 65   PRO A CG  1 
ATOM   330 C CD  . PRO A 1 47 ? 9.286   2.338   10.977  1.00 21.88  ? 65   PRO A CD  1 
ATOM   331 N N   . LYS A 1 48 ? 10.859  -1.537  13.051  1.00 23.40  ? 66   LYS A N   1 
ATOM   332 C CA  . LYS A 1 48 ? 11.421  -2.827  12.677  1.00 26.08  ? 66   LYS A CA  1 
ATOM   333 C C   . LYS A 1 48 ? 10.347  -3.598  11.928  1.00 24.98  ? 66   LYS A C   1 
ATOM   334 O O   . LYS A 1 48 ? 9.182   -3.571  12.323  1.00 22.45  ? 66   LYS A O   1 
ATOM   335 C CB  . LYS A 1 48 ? 11.843  -3.611  13.919  1.00 32.26  ? 66   LYS A CB  1 
ATOM   336 C CG  . LYS A 1 48 ? 12.902  -2.921  14.781  1.00 44.88  ? 66   LYS A CG  1 
ATOM   337 C CD  . LYS A 1 48 ? 14.230  -2.803  14.048  1.00 49.76  ? 66   LYS A CD  1 
ATOM   338 C CE  . LYS A 1 48 ? 15.285  -2.168  14.934  1.00 55.43  ? 66   LYS A CE  1 
ATOM   339 N NZ  . LYS A 1 48 ? 15.490  -2.928  16.203  1.00 60.00  ? 66   LYS A NZ  1 
ATOM   340 N N   . ILE A 1 49 ? 10.732  -4.285  10.857  1.00 24.35  ? 67   ILE A N   1 
ATOM   341 C CA  . ILE A 1 49 ? 9.762   -5.012  10.046  1.00 24.34  ? 67   ILE A CA  1 
ATOM   342 C C   . ILE A 1 49 ? 9.869   -6.516  10.275  1.00 26.48  ? 67   ILE A C   1 
ATOM   343 O O   . ILE A 1 49 ? 10.951  -7.096  10.169  1.00 26.50  ? 67   ILE A O   1 
ATOM   344 C CB  . ILE A 1 49 ? 9.930   -4.726  8.540   1.00 24.46  ? 67   ILE A CB  1 
ATOM   345 C CG1 . ILE A 1 49 ? 9.906   -3.222  8.252   1.00 23.67  ? 67   ILE A CG1 1 
ATOM   346 C CG2 . ILE A 1 49 ? 8.843   -5.432  7.744   1.00 22.56  ? 67   ILE A CG2 1 
ATOM   347 C CD1 . ILE A 1 49 ? 8.610   -2.547  8.655   1.00 24.77  ? 67   ILE A CD1 1 
ATOM   348 N N   . THR A 1 50 ? 8.742   -7.137  10.606  1.00 21.52  ? 68   THR A N   1 
ATOM   349 C CA  A THR A 1 50 ? 8.691   -8.588  10.703  0.53 22.97  ? 68   THR A CA  1 
ATOM   350 C CA  B THR A 1 50 ? 8.652   -8.588  10.736  0.47 23.00  ? 68   THR A CA  1 
ATOM   351 C C   . THR A 1 50 ? 7.773   -9.132  9.617   1.00 23.98  ? 68   THR A C   1 
ATOM   352 O O   . THR A 1 50 ? 6.762   -8.529  9.276   1.00 22.54  ? 68   THR A O   1 
ATOM   353 C CB  A THR A 1 50 ? 8.239   -9.071  12.093  0.53 24.78  ? 68   THR A CB  1 
ATOM   354 C CB  B THR A 1 50 ? 8.039   -8.998  12.085  0.47 24.31  ? 68   THR A CB  1 
ATOM   355 O OG1 A THR A 1 50 ? 7.070   -8.352  12.495  0.53 22.53  ? 68   THR A OG1 1 
ATOM   356 O OG1 B THR A 1 50 ? 8.840   -8.484  13.155  0.47 27.83  ? 68   THR A OG1 1 
ATOM   357 C CG2 A THR A 1 50 ? 9.340   -8.843  13.118  0.53 28.51  ? 68   THR A CG2 1 
ATOM   358 C CG2 B THR A 1 50 ? 7.953   -10.515 12.201  0.47 25.06  ? 68   THR A CG2 1 
ATOM   359 N N   . TRP A 1 51 ? 8.150   -10.272 9.059   1.00 23.27  ? 69   TRP A N   1 
ATOM   360 C CA  . TRP A 1 51 ? 7.438   -10.817 7.914   1.00 23.91  ? 69   TRP A CA  1 
ATOM   361 C C   . TRP A 1 51 ? 6.490   -11.948 8.272   1.00 26.49  ? 69   TRP A C   1 
ATOM   362 O O   . TRP A 1 51 ? 6.726   -12.702 9.214   1.00 30.84  ? 69   TRP A O   1 
ATOM   363 C CB  . TRP A 1 51 ? 8.428   -11.267 6.839   1.00 23.30  ? 69   TRP A CB  1 
ATOM   364 C CG  . TRP A 1 51 ? 9.335   -10.170 6.399   1.00 23.45  ? 69   TRP A CG  1 
ATOM   365 C CD1 . TRP A 1 51 ? 10.654  -10.021 6.714   1.00 27.03  ? 69   TRP A CD1 1 
ATOM   366 C CD2 . TRP A 1 51 ? 8.986   -9.047  5.578   1.00 22.45  ? 69   TRP A CD2 1 
ATOM   367 N NE1 . TRP A 1 51 ? 11.152  -8.881  6.130   1.00 25.99  ? 69   TRP A NE1 1 
ATOM   368 C CE2 . TRP A 1 51 ? 10.152  -8.267  5.432   1.00 25.94  ? 69   TRP A CE2 1 
ATOM   369 C CE3 . TRP A 1 51 ? 7.807   -8.631  4.958   1.00 18.62  ? 69   TRP A CE3 1 
ATOM   370 C CZ2 . TRP A 1 51 ? 10.166  -7.093  4.680   1.00 24.93  ? 69   TRP A CZ2 1 
ATOM   371 C CZ3 . TRP A 1 51 ? 7.828   -7.466  4.212   1.00 22.21  ? 69   TRP A CZ3 1 
ATOM   372 C CH2 . TRP A 1 51 ? 8.998   -6.711  4.081   1.00 24.87  ? 69   TRP A CH2 1 
ATOM   373 N N   . GLU A 1 52 ? 5.396   -12.028 7.525   1.00 23.04  ? 70   GLU A N   1 
ATOM   374 C CA  . GLU A 1 52 ? 4.452   -13.125 7.643   1.00 27.32  ? 70   GLU A CA  1 
ATOM   375 C C   . GLU A 1 52 ? 4.457   -13.876 6.317   1.00 27.06  ? 70   GLU A C   1 
ATOM   376 O O   . GLU A 1 52 ? 4.856   -13.324 5.291   1.00 23.75  ? 70   GLU A O   1 
ATOM   377 C CB  . GLU A 1 52 ? 3.066   -12.587 7.980   1.00 32.43  ? 70   GLU A CB  1 
ATOM   378 C CG  . GLU A 1 52 ? 3.073   -11.718 9.229   1.00 40.74  ? 70   GLU A CG  1 
ATOM   379 C CD  . GLU A 1 52 ? 1.715   -11.150 9.579   1.00 48.09  ? 70   GLU A CD  1 
ATOM   380 O OE1 . GLU A 1 52 ? 0.761   -11.324 8.789   1.00 47.65  ? 70   GLU A OE1 1 
ATOM   381 O OE2 . GLU A 1 52 ? 1.608   -10.523 10.653  1.00 52.00  ? 70   GLU A OE2 1 
ATOM   382 N N   . LYS A 1 53 ? 4.062   -15.145 6.336   1.00 26.90  ? 71   LYS A N   1 
ATOM   383 C CA  . LYS A 1 53 ? 4.146   -15.962 5.131   1.00 28.74  ? 71   LYS A CA  1 
ATOM   384 C C   . LYS A 1 53 ? 3.366   -15.363 3.966   1.00 25.91  ? 71   LYS A C   1 
ATOM   385 O O   . LYS A 1 53 ? 2.242   -14.895 4.129   1.00 28.10  ? 71   LYS A O   1 
ATOM   386 C CB  . LYS A 1 53 ? 3.678   -17.396 5.394   1.00 36.74  ? 71   LYS A CB  1 
ATOM   387 C CG  . LYS A 1 53 ? 3.677   -18.261 4.142   1.00 42.52  ? 71   LYS A CG  1 
ATOM   388 C CD  . LYS A 1 53 ? 3.186   -19.669 4.426   1.00 49.72  ? 71   LYS A CD  1 
ATOM   389 C CE  . LYS A 1 53 ? 1.951   -19.652 5.309   1.00 52.77  ? 71   LYS A CE  1 
ATOM   390 N NZ  . LYS A 1 53 ? 1.087   -20.833 5.052   1.00 56.23  ? 71   LYS A NZ  1 
ATOM   391 N N   . ILE A 1 54 ? 3.984   -15.376 2.791   1.00 25.34  ? 72   ILE A N   1 
ATOM   392 C CA  . ILE A 1 54 ? 3.335   -14.918 1.575   1.00 26.23  ? 72   ILE A CA  1 
ATOM   393 C C   . ILE A 1 54 ? 2.560   -16.061 0.926   1.00 30.33  ? 72   ILE A C   1 
ATOM   394 O O   . ILE A 1 54 ? 3.123   -17.122 0.649   1.00 31.34  ? 72   ILE A O   1 
ATOM   395 C CB  . ILE A 1 54 ? 4.366   -14.379 0.568   1.00 26.51  ? 72   ILE A CB  1 
ATOM   396 C CG1 . ILE A 1 54 ? 5.054   -13.127 1.126   1.00 21.80  ? 72   ILE A CG1 1 
ATOM   397 C CG2 . ILE A 1 54 ? 3.703   -14.082 -0.771  1.00 29.26  ? 72   ILE A CG2 1 
ATOM   398 C CD1 . ILE A 1 54 ? 6.175   -12.600 0.251   1.00 19.56  ? 72   ILE A CD1 1 
ATOM   399 N N   . GLU A 1 55 ? 1.267   -15.848 0.694   1.00 27.61  ? 73   GLU A N   1 
ATOM   400 C CA  . GLU A 1 55 ? 0.458   -16.822 -0.038  1.00 30.66  ? 73   GLU A CA  1 
ATOM   401 C C   . GLU A 1 55 ? 0.371   -16.425 -1.503  1.00 25.91  ? 73   GLU A C   1 
ATOM   402 O O   . GLU A 1 55 ? -0.230  -15.410 -1.847  1.00 25.84  ? 73   GLU A O   1 
ATOM   403 C CB  . GLU A 1 55 ? -0.960  -16.916 0.535   1.00 35.21  ? 73   GLU A CB  1 
ATOM   404 C CG  . GLU A 1 55 ? -1.033  -17.387 1.966   1.00 40.82  ? 73   GLU A CG  1 
ATOM   405 C CD  . GLU A 1 55 ? -0.218  -18.637 2.204   1.00 50.17  ? 73   GLU A CD  1 
ATOM   406 O OE1 . GLU A 1 55 ? -0.170  -19.511 1.310   1.00 52.05  ? 73   GLU A OE1 1 
ATOM   407 O OE2 . GLU A 1 55 ? 0.388   -18.735 3.287   1.00 56.17  ? 73   GLU A OE2 1 
ATOM   408 N N   . ARG A 1 56 ? 0.968   -17.229 -2.367  1.00 24.65  ? 74   ARG A N   1 
ATOM   409 C CA  . ARG A 1 56 ? 0.858   -16.991 -3.796  1.00 24.55  ? 74   ARG A CA  1 
ATOM   410 C C   . ARG A 1 56 ? 0.440   -18.278 -4.480  1.00 23.43  ? 74   ARG A C   1 
ATOM   411 O O   . ARG A 1 56 ? 0.742   -19.371 -3.997  1.00 24.05  ? 74   ARG A O   1 
ATOM   412 C CB  . ARG A 1 56 ? 2.177   -16.463 -4.362  1.00 26.63  ? 74   ARG A CB  1 
ATOM   413 C CG  . ARG A 1 56 ? 3.392   -17.287 -3.986  1.00 28.12  ? 74   ARG A CG  1 
ATOM   414 C CD  . ARG A 1 56 ? 4.673   -16.496 -4.213  1.00 26.09  ? 74   ARG A CD  1 
ATOM   415 N NE  . ARG A 1 56 ? 4.814   -16.071 -5.602  1.00 26.90  ? 74   ARG A NE  1 
ATOM   416 C CZ  . ARG A 1 56 ? 5.803   -15.303 -6.052  1.00 25.36  ? 74   ARG A CZ  1 
ATOM   417 N NH1 . ARG A 1 56 ? 6.746   -14.871 -5.223  1.00 21.77  ? 74   ARG A NH1 1 
ATOM   418 N NH2 . ARG A 1 56 ? 5.854   -14.968 -7.332  1.00 22.46  ? 74   ARG A NH2 1 
ATOM   419 N N   . SER A 1 57 ? -0.265  -18.149 -5.597  1.00 23.76  ? 75   SER A N   1 
ATOM   420 C CA  . SER A 1 57 ? -0.777  -19.313 -6.302  1.00 30.69  ? 75   SER A CA  1 
ATOM   421 C C   . SER A 1 57 ? 0.371   -20.188 -6.783  1.00 33.85  ? 75   SER A C   1 
ATOM   422 O O   . SER A 1 57 ? 1.363   -19.689 -7.314  1.00 33.61  ? 75   SER A O   1 
ATOM   423 C CB  . SER A 1 57 ? -1.655  -18.887 -7.481  1.00 35.30  ? 75   SER A CB  1 
ATOM   424 O OG  . SER A 1 57 ? -2.347  -19.996 -8.028  1.00 40.30  ? 75   SER A OG  1 
ATOM   425 N N   . LEU A 1 58 ? 0.237   -21.495 -6.579  1.00 31.96  ? 76   LEU A N   1 
ATOM   426 C CA  . LEU A 1 58 ? 1.243   -22.445 -7.035  1.00 35.27  ? 76   LEU A CA  1 
ATOM   427 C C   . LEU A 1 58 ? 0.956   -22.896 -8.463  1.00 37.42  ? 76   LEU A C   1 
ATOM   428 O O   . LEU A 1 58 ? 1.783   -23.552 -9.091  1.00 42.53  ? 76   LEU A O   1 
ATOM   429 C CB  . LEU A 1 58 ? 1.312   -23.655 -6.100  1.00 36.12  ? 76   LEU A CB  1 
ATOM   430 C CG  . LEU A 1 58 ? 1.807   -23.383 -4.676  1.00 37.97  ? 76   LEU A CG  1 
ATOM   431 C CD1 . LEU A 1 58 ? 1.860   -24.669 -3.860  1.00 40.18  ? 76   LEU A CD1 1 
ATOM   432 C CD2 . LEU A 1 58 ? 3.171   -22.710 -4.706  1.00 39.58  ? 76   LEU A CD2 1 
ATOM   433 N N   . THR A 1 59 ? -0.218  -22.538 -8.971  1.00 36.55  ? 77   THR A N   1 
ATOM   434 C CA  . THR A 1 59 ? -0.609  -22.908 -10.326 1.00 42.21  ? 77   THR A CA  1 
ATOM   435 C C   . THR A 1 59 ? -1.001  -21.685 -11.146 1.00 40.94  ? 77   THR A C   1 
ATOM   436 O O   . THR A 1 59 ? -1.463  -20.684 -10.598 1.00 34.71  ? 77   THR A O   1 
ATOM   437 C CB  . THR A 1 59 ? -1.790  -23.900 -10.328 1.00 46.07  ? 77   THR A CB  1 
ATOM   438 O OG1 . THR A 1 59 ? -2.878  -23.354 -9.569  1.00 43.95  ? 77   THR A OG1 1 
ATOM   439 C CG2 . THR A 1 59 ? -1.372  -25.232 -9.729  1.00 48.65  ? 77   THR A CG2 1 
ATOM   440 N N   . ASP A 1 60 ? -0.821  -21.781 -12.460 1.00 45.14  ? 78   ASP A N   1 
ATOM   441 C CA  . ASP A 1 60 ? -1.184  -20.698 -13.369 1.00 47.73  ? 78   ASP A CA  1 
ATOM   442 C C   . ASP A 1 60 ? -0.542  -19.393 -12.914 1.00 41.05  ? 78   ASP A C   1 
ATOM   443 O O   . ASP A 1 60 ? -1.173  -18.337 -12.933 1.00 39.87  ? 78   ASP A O   1 
ATOM   444 C CB  . ASP A 1 60 ? -2.703  -20.548 -13.426 1.00 55.14  ? 78   ASP A CB  1 
ATOM   445 C CG  . ASP A 1 60 ? -3.412  -21.877 -13.614 1.00 65.13  ? 78   ASP A CG  1 
ATOM   446 O OD1 . ASP A 1 60 ? -2.930  -22.703 -14.418 1.00 66.84  ? 78   ASP A OD1 1 
ATOM   447 O OD2 . ASP A 1 60 ? -4.448  -22.100 -12.949 1.00 69.63  ? 78   ASP A OD2 1 
ATOM   448 N N   . VAL A 1 61 ? 0.722   -19.481 -12.513 1.00 37.92  ? 79   VAL A N   1 
ATOM   449 C CA  . VAL A 1 61 ? 1.415   -18.365 -11.879 1.00 32.72  ? 79   VAL A CA  1 
ATOM   450 C C   . VAL A 1 61 ? 1.577   -17.149 -12.787 1.00 29.88  ? 79   VAL A C   1 
ATOM   451 O O   . VAL A 1 61 ? 1.726   -16.030 -12.304 1.00 27.12  ? 79   VAL A O   1 
ATOM   452 C CB  . VAL A 1 61 ? 2.799   -18.789 -11.362 1.00 33.95  ? 79   VAL A CB  1 
ATOM   453 C CG1 . VAL A 1 61 ? 2.659   -19.870 -10.302 1.00 36.72  ? 79   VAL A CG1 1 
ATOM   454 C CG2 . VAL A 1 61 ? 3.668   -19.273 -12.512 1.00 35.19  ? 79   VAL A CG2 1 
ATOM   455 N N   . GLU A 1 62 ? 1.545   -17.364 -14.096 1.00 35.00  ? 80   GLU A N   1 
ATOM   456 C CA  . GLU A 1 62 ? 1.698   -16.263 -15.041 1.00 41.10  ? 80   GLU A CA  1 
ATOM   457 C C   . GLU A 1 62 ? 0.473   -15.351 -15.030 1.00 43.19  ? 80   GLU A C   1 
ATOM   458 O O   . GLU A 1 62 ? 0.483   -14.272 -15.625 1.00 41.02  ? 80   GLU A O   1 
ATOM   459 C CB  . GLU A 1 62 ? 1.990   -16.791 -16.448 1.00 46.49  ? 80   GLU A CB  1 
ATOM   460 C CG  . GLU A 1 62 ? 3.374   -17.418 -16.576 1.00 50.69  ? 80   GLU A CG  1 
ATOM   461 C CD  . GLU A 1 62 ? 3.535   -18.271 -17.824 1.00 60.28  ? 80   GLU A CD  1 
ATOM   462 O OE1 . GLU A 1 62 ? 2.530   -18.506 -18.529 1.00 67.11  ? 80   GLU A OE1 1 
ATOM   463 O OE2 . GLU A 1 62 ? 4.672   -18.712 -18.096 1.00 60.31  ? 80   GLU A OE2 1 
ATOM   464 N N   . ASP A 1 63 ? -0.574  -15.791 -14.339 1.00 45.41  ? 81   ASP A N   1 
ATOM   465 C CA  . ASP A 1 63 ? -1.798  -15.006 -14.210 1.00 48.64  ? 81   ASP A CA  1 
ATOM   466 C C   . ASP A 1 63 ? -1.761  -14.025 -13.033 1.00 45.29  ? 81   ASP A C   1 
ATOM   467 O O   . ASP A 1 63 ? -2.673  -13.213 -12.884 1.00 48.22  ? 81   ASP A O   1 
ATOM   468 C CB  . ASP A 1 63 ? -3.016  -15.924 -14.068 1.00 53.51  ? 81   ASP A CB  1 
ATOM   469 C CG  . ASP A 1 63 ? -3.175  -16.875 -15.240 1.00 61.20  ? 81   ASP A CG  1 
ATOM   470 O OD1 . ASP A 1 63 ? -2.652  -16.572 -16.336 1.00 64.07  ? 81   ASP A OD1 1 
ATOM   471 O OD2 . ASP A 1 63 ? -3.824  -17.929 -15.064 1.00 63.62  ? 81   ASP A OD2 1 
ATOM   472 N N   . GLU A 1 64 ? -0.715  -14.091 -12.210 1.00 41.78  ? 82   GLU A N   1 
ATOM   473 C CA  . GLU A 1 64 ? -0.629  -13.226 -11.034 1.00 39.17  ? 82   GLU A CA  1 
ATOM   474 C C   . GLU A 1 64 ? -0.262  -11.821 -11.463 1.00 33.20  ? 82   GLU A C   1 
ATOM   475 O O   . GLU A 1 64 ? 0.796   -11.613 -12.055 1.00 32.60  ? 82   GLU A O   1 
ATOM   476 C CB  . GLU A 1 64 ? 0.494   -13.689 -10.106 1.00 46.00  ? 82   GLU A CB  1 
ATOM   477 C CG  . GLU A 1 64 ? 0.293   -14.998 -9.375  1.00 54.12  ? 82   GLU A CG  1 
ATOM   478 C CD  . GLU A 1 64 ? 1.541   -15.395 -8.602  1.00 58.95  ? 82   GLU A CD  1 
ATOM   479 O OE1 . GLU A 1 64 ? 2.656   -15.178 -9.126  1.00 58.46  ? 82   GLU A OE1 1 
ATOM   480 O OE2 . GLU A 1 64 ? 1.411   -15.904 -7.469  1.00 60.90  ? 82   GLU A OE2 1 
ATOM   481 N N   . LYS A 1 65 ? -1.125  -10.854 -11.176 1.00 27.24  ? 83   LYS A N   1 
ATOM   482 C CA  . LYS A 1 65 ? -0.754  -9.454  -11.352 1.00 27.35  ? 83   LYS A CA  1 
ATOM   483 C C   . LYS A 1 65 ? -0.253  -8.780  -10.072 1.00 27.04  ? 83   LYS A C   1 
ATOM   484 O O   . LYS A 1 65 ? 0.308   -7.682  -10.115 1.00 25.31  ? 83   LYS A O   1 
ATOM   485 C CB  . LYS A 1 65 ? -1.924  -8.677  -11.954 1.00 32.54  ? 83   LYS A CB  1 
ATOM   486 C CG  . LYS A 1 65 ? -2.334  -9.172  -13.339 1.00 36.03  ? 83   LYS A CG  1 
ATOM   487 C CD  . LYS A 1 65 ? -1.195  -9.002  -14.336 1.00 39.41  ? 83   LYS A CD  1 
ATOM   488 C CE  . LYS A 1 65 ? -1.577  -9.486  -15.731 1.00 44.97  ? 83   LYS A CE  1 
ATOM   489 N NZ  . LYS A 1 65 ? -1.278  -10.933 -15.934 1.00 45.89  ? 83   LYS A NZ  1 
ATOM   490 N N   . THR A 1 66 ? -0.428  -9.450  -8.939  1.00 26.44  ? 84   THR A N   1 
ATOM   491 C CA  . THR A 1 66 ? -0.135  -8.837  -7.649  1.00 28.65  ? 84   THR A CA  1 
ATOM   492 C C   . THR A 1 66 ? 0.370   -9.858  -6.641  1.00 27.42  ? 84   THR A C   1 
ATOM   493 O O   . THR A 1 66 ? -0.114  -10.991 -6.593  1.00 27.48  ? 84   THR A O   1 
ATOM   494 C CB  . THR A 1 66 ? -1.389  -8.144  -7.065  1.00 34.94  ? 84   THR A CB  1 
ATOM   495 O OG1 . THR A 1 66 ? -1.798  -7.077  -7.928  1.00 38.98  ? 84   THR A OG1 1 
ATOM   496 C CG2 . THR A 1 66 ? -1.098  -7.583  -5.684  1.00 35.77  ? 84   THR A CG2 1 
ATOM   497 N N   . LEU A 1 67 ? 1.345   -9.452  -5.836  1.00 20.54  ? 85   LEU A N   1 
ATOM   498 C CA  . LEU A 1 67 ? 1.802   -10.274 -4.729  1.00 18.64  ? 85   LEU A CA  1 
ATOM   499 C C   . LEU A 1 67 ? 1.378   -9.622  -3.428  1.00 16.45  ? 85   LEU A C   1 
ATOM   500 O O   . LEU A 1 67 ? 1.639   -8.443  -3.208  1.00 17.65  ? 85   LEU A O   1 
ATOM   501 C CB  . LEU A 1 67 ? 3.323   -10.422 -4.746  1.00 17.35  ? 85   LEU A CB  1 
ATOM   502 C CG  . LEU A 1 67 ? 3.937   -11.259 -5.867  1.00 19.73  ? 85   LEU A CG  1 
ATOM   503 C CD1 . LEU A 1 67 ? 5.445   -11.374 -5.659  1.00 17.38  ? 85   LEU A CD1 1 
ATOM   504 C CD2 . LEU A 1 67 ? 3.289   -12.634 -5.914  1.00 22.01  ? 85   LEU A CD2 1 
ATOM   505 N N   . LEU A 1 68 ? 0.730   -10.385 -2.562  1.00 16.77  ? 86   LEU A N   1 
ATOM   506 C CA  . LEU A 1 68 ? 0.308   -9.855  -1.273  1.00 17.62  ? 86   LEU A CA  1 
ATOM   507 C C   . LEU A 1 68 ? 1.360   -10.191 -0.222  1.00 15.52  ? 86   LEU A C   1 
ATOM   508 O O   . LEU A 1 68 ? 1.568   -11.354 0.109   1.00 16.18  ? 86   LEU A O   1 
ATOM   509 C CB  . LEU A 1 68 ? -1.054  -10.438 -0.884  1.00 22.25  ? 86   LEU A CB  1 
ATOM   510 C CG  . LEU A 1 68 ? -1.705  -9.913  0.397   1.00 25.31  ? 86   LEU A CG  1 
ATOM   511 C CD1 . LEU A 1 68 ? -1.934  -8.415  0.301   1.00 26.66  ? 86   LEU A CD1 1 
ATOM   512 C CD2 . LEU A 1 68 ? -3.016  -10.640 0.658   1.00 28.67  ? 86   LEU A CD2 1 
ATOM   513 N N   . VAL A 1 69 ? 2.023   -9.162  0.294   1.00 11.84  ? 87   VAL A N   1 
ATOM   514 C CA  . VAL A 1 69 ? 3.071   -9.322  1.277   1.00 12.70  ? 87   VAL A CA  1 
ATOM   515 C C   . VAL A 1 69 ? 2.602   -8.746  2.604   1.00 12.67  ? 87   VAL A C   1 
ATOM   516 O O   . VAL A 1 69 ? 2.594   -7.529  2.796   1.00 15.13  ? 87   VAL A O   1 
ATOM   517 C CB  . VAL A 1 69 ? 4.314   -8.531  0.835   1.00 12.27  ? 87   VAL A CB  1 
ATOM   518 C CG1 . VAL A 1 69 ? 5.464   -8.724  1.812   1.00 15.63  ? 87   VAL A CG1 1 
ATOM   519 C CG2 . VAL A 1 69 ? 4.717   -8.929  -0.585  1.00 16.04  ? 87   VAL A CG2 1 
ATOM   520 N N   . PRO A 1 70 ? 2.234   -9.629  3.540   1.00 15.02  ? 88   PRO A N   1 
ATOM   521 C CA  . PRO A 1 70 ? 1.857   -9.215  4.891   1.00 15.75  ? 88   PRO A CA  1 
ATOM   522 C C   . PRO A 1 70 ? 3.088   -8.923  5.726   1.00 16.60  ? 88   PRO A C   1 
ATOM   523 O O   . PRO A 1 70 ? 4.095   -9.618  5.590   1.00 14.70  ? 88   PRO A O   1 
ATOM   524 C CB  . PRO A 1 70 ? 1.119   -10.437 5.433   1.00 16.94  ? 88   PRO A CB  1 
ATOM   525 C CG  . PRO A 1 70 ? 1.748   -11.584 4.728   1.00 19.32  ? 88   PRO A CG  1 
ATOM   526 C CD  . PRO A 1 70 ? 2.102   -11.084 3.350   1.00 16.01  ? 88   PRO A CD  1 
ATOM   527 N N   . PHE A 1 71 ? 3.011   -7.930  6.602   1.00 14.16  ? 89   PHE A N   1 
ATOM   528 C CA  . PHE A 1 71 ? 4.116   -7.682  7.519   1.00 12.22  ? 89   PHE A CA  1 
ATOM   529 C C   . PHE A 1 71 ? 3.637   -6.907  8.734   1.00 15.10  ? 89   PHE A C   1 
ATOM   530 O O   . PHE A 1 71 ? 2.557   -6.329  8.718   1.00 13.43  ? 89   PHE A O   1 
ATOM   531 C CB  . PHE A 1 71 ? 5.276   -6.956  6.820   1.00 14.22  ? 89   PHE A CB  1 
ATOM   532 C CG  . PHE A 1 71 ? 4.924   -5.585  6.306   1.00 15.65  ? 89   PHE A CG  1 
ATOM   533 C CD1 . PHE A 1 71 ? 4.356   -5.422  5.052   1.00 15.79  ? 89   PHE A CD1 1 
ATOM   534 C CD2 . PHE A 1 71 ? 5.189   -4.456  7.064   1.00 15.76  ? 89   PHE A CD2 1 
ATOM   535 C CE1 . PHE A 1 71 ? 4.043   -4.164  4.571   1.00 14.99  ? 89   PHE A CE1 1 
ATOM   536 C CE2 . PHE A 1 71 ? 4.875   -3.196  6.591   1.00 14.47  ? 89   PHE A CE2 1 
ATOM   537 C CZ  . PHE A 1 71 ? 4.303   -3.047  5.344   1.00 16.13  ? 89   PHE A CZ  1 
ATOM   538 N N   . LYS A 1 72 ? 4.441   -6.920  9.787   1.00 15.71  ? 90   LYS A N   1 
ATOM   539 C CA  . LYS A 1 72 ? 4.173   -6.136  10.980  1.00 18.69  ? 90   LYS A CA  1 
ATOM   540 C C   . LYS A 1 72 ? 5.286   -5.114  11.152  1.00 19.83  ? 90   LYS A C   1 
ATOM   541 O O   . LYS A 1 72 ? 6.453   -5.427  10.948  1.00 21.71  ? 90   LYS A O   1 
ATOM   542 C CB  . LYS A 1 72 ? 4.105   -7.044  12.206  1.00 20.82  ? 90   LYS A CB  1 
ATOM   543 C CG  . LYS A 1 72 ? 2.875   -7.928  12.251  1.00 25.74  ? 90   LYS A CG  1 
ATOM   544 C CD  . LYS A 1 72 ? 3.007   -9.017  13.303  1.00 36.17  ? 90   LYS A CD  1 
ATOM   545 C CE  . LYS A 1 72 ? 4.020   -10.069 12.881  1.00 43.43  ? 90   LYS A CE  1 
ATOM   546 N NZ  . LYS A 1 72 ? 4.115   -11.189 13.859  1.00 48.11  ? 90   LYS A NZ  1 
ATOM   547 N N   . ALA A 1 73 ? 4.921   -3.889  11.508  1.00 17.51  ? 91   ALA A N   1 
ATOM   548 C CA  . ALA A 1 73 ? 5.903   -2.851  11.790  1.00 18.38  ? 91   ALA A CA  1 
ATOM   549 C C   . ALA A 1 73 ? 5.864   -2.542  13.283  1.00 18.40  ? 91   ALA A C   1 
ATOM   550 O O   . ALA A 1 73 ? 4.786   -2.377  13.850  1.00 18.33  ? 91   ALA A O   1 
ATOM   551 C CB  . ALA A 1 73 ? 5.607   -1.603  10.972  1.00 19.72  ? 91   ALA A CB  1 
ATOM   552 N N   . GLU A 1 74 ? 7.035   -2.471  13.910  1.00 17.76  ? 92   GLU A N   1 
ATOM   553 C CA  . GLU A 1 74 ? 7.137   -2.314  15.359  1.00 22.51  ? 92   GLU A CA  1 
ATOM   554 C C   . GLU A 1 74 ? 7.974   -1.100  15.731  1.00 21.26  ? 92   GLU A C   1 
ATOM   555 O O   . GLU A 1 74 ? 9.136   -0.995  15.340  1.00 24.40  ? 92   GLU A O   1 
ATOM   556 C CB  . GLU A 1 74 ? 7.749   -3.568  15.987  1.00 33.77  ? 92   GLU A CB  1 
ATOM   557 C CG  . GLU A 1 74 ? 7.075   -4.857  15.560  1.00 44.74  ? 92   GLU A CG  1 
ATOM   558 C CD  . GLU A 1 74 ? 8.021   -5.813  14.856  1.00 51.05  ? 92   GLU A CD  1 
ATOM   559 O OE1 . GLU A 1 74 ? 8.831   -6.469  15.547  1.00 54.05  ? 92   GLU A OE1 1 
ATOM   560 O OE2 . GLU A 1 74 ? 7.949   -5.909  13.611  1.00 48.48  ? 92   GLU A OE2 1 
ATOM   561 N N   . GLY A 1 75 ? 7.352   -0.162  16.439  1.00 18.68  ? 93   GLY A N   1 
ATOM   562 C CA  . GLY A 1 75 ? 8.048   0.964   17.030  1.00 19.55  ? 93   GLY A CA  1 
ATOM   563 C C   . GLY A 1 75 ? 8.130   0.832   18.539  1.00 26.41  ? 93   GLY A C   1 
ATOM   564 O O   . GLY A 1 75 ? 7.620   -0.129  19.115  1.00 28.80  ? 93   GLY A O   1 
ATOM   565 N N   . PRO A 1 76 ? 8.772   1.802   19.198  1.00 25.91  ? 94   PRO A N   1 
ATOM   566 C CA  . PRO A 1 76 ? 8.778   1.788   20.663  1.00 27.63  ? 94   PRO A CA  1 
ATOM   567 C C   . PRO A 1 76 ? 7.402   2.100   21.250  1.00 27.44  ? 94   PRO A C   1 
ATOM   568 O O   . PRO A 1 76 ? 7.116   1.687   22.374  1.00 31.22  ? 94   PRO A O   1 
ATOM   569 C CB  . PRO A 1 76 ? 9.780   2.889   21.019  1.00 33.29  ? 94   PRO A CB  1 
ATOM   570 C CG  . PRO A 1 76 ? 9.781   3.802   19.839  1.00 32.13  ? 94   PRO A CG  1 
ATOM   571 C CD  . PRO A 1 76 ? 9.527   2.934   18.638  1.00 26.59  ? 94   PRO A CD  1 
ATOM   572 N N   . ASP A 1 77 ? 6.575   2.835   20.512  1.00 24.57  ? 95   ASP A N   1 
ATOM   573 C CA  . ASP A 1 77 ? 5.245   3.202   20.990  1.00 27.21  ? 95   ASP A CA  1 
ATOM   574 C C   . ASP A 1 77 ? 4.142   2.227   20.582  1.00 25.46  ? 95   ASP A C   1 
ATOM   575 O O   . ASP A 1 77 ? 3.022   2.314   21.086  1.00 22.16  ? 95   ASP A O   1 
ATOM   576 C CB  . ASP A 1 77 ? 4.866   4.601   20.497  1.00 36.90  ? 95   ASP A CB  1 
ATOM   577 C CG  . ASP A 1 77 ? 5.622   5.699   21.213  1.00 52.39  ? 95   ASP A CG  1 
ATOM   578 O OD1 . ASP A 1 77 ? 6.723   5.425   21.735  1.00 58.57  ? 95   ASP A OD1 1 
ATOM   579 O OD2 . ASP A 1 77 ? 5.114   6.842   21.253  1.00 57.84  ? 95   ASP A OD2 1 
ATOM   580 N N   . GLY A 1 78 ? 4.443   1.295   19.683  1.00 19.03  ? 96   GLY A N   1 
ATOM   581 C CA  . GLY A 1 78 ? 3.395   0.422   19.187  1.00 20.46  ? 96   GLY A CA  1 
ATOM   582 C C   . GLY A 1 78 ? 3.752   -0.476  18.020  1.00 18.49  ? 96   GLY A C   1 
ATOM   583 O O   . GLY A 1 78 ? 4.913   -0.592  17.631  1.00 23.35  ? 96   GLY A O   1 
ATOM   584 N N   . LYS A 1 79 ? 2.731   -1.118  17.465  1.00 17.36  ? 97   LYS A N   1 
ATOM   585 C CA  . LYS A 1 79 ? 2.911   -2.136  16.439  1.00 20.22  ? 97   LYS A CA  1 
ATOM   586 C C   . LYS A 1 79 ? 1.699   -2.115  15.515  1.00 18.80  ? 97   LYS A C   1 
ATOM   587 O O   . LYS A 1 79 ? 0.583   -1.891  15.970  1.00 17.73  ? 97   LYS A O   1 
ATOM   588 C CB  . LYS A 1 79 ? 3.039   -3.504  17.114  1.00 30.23  ? 97   LYS A CB  1 
ATOM   589 C CG  . LYS A 1 79 ? 3.582   -4.615  16.242  1.00 36.74  ? 97   LYS A CG  1 
ATOM   590 C CD  . LYS A 1 79 ? 4.106   -5.749  17.114  1.00 42.71  ? 97   LYS A CD  1 
ATOM   591 C CE  . LYS A 1 79 ? 4.675   -6.892  16.284  1.00 46.47  ? 97   LYS A CE  1 
ATOM   592 N NZ  . LYS A 1 79 ? 5.574   -7.764  17.094  1.00 50.09  ? 97   LYS A NZ  1 
ATOM   593 N N   . ARG A 1 80 ? 1.911   -2.349  14.225  1.00 16.75  ? 98   ARG A N   1 
ATOM   594 C CA  . ARG A 1 80 ? 0.808   -2.319  13.270  1.00 17.91  ? 98   ARG A CA  1 
ATOM   595 C C   . ARG A 1 80 ? 0.955   -3.396  12.205  1.00 16.81  ? 98   ARG A C   1 
ATOM   596 O O   . ARG A 1 80 ? 2.049   -3.633  11.700  1.00 19.29  ? 98   ARG A O   1 
ATOM   597 C CB  . ARG A 1 80 ? 0.723   -0.948  12.597  1.00 22.48  ? 98   ARG A CB  1 
ATOM   598 C CG  . ARG A 1 80 ? -0.439  -0.790  11.626  1.00 30.34  ? 98   ARG A CG  1 
ATOM   599 C CD  . ARG A 1 80 ? -1.465  0.198   12.161  1.00 37.77  ? 98   ARG A CD  1 
ATOM   600 N NE  . ARG A 1 80 ? -2.284  0.784   11.103  1.00 43.58  ? 98   ARG A NE  1 
ATOM   601 C CZ  . ARG A 1 80 ? -3.538  0.432   10.839  1.00 49.66  ? 98   ARG A CZ  1 
ATOM   602 N NH1 . ARG A 1 80 ? -4.132  -0.512  11.559  1.00 51.93  ? 98   ARG A NH1 1 
ATOM   603 N NH2 . ARG A 1 80 ? -4.200  1.025   9.856   1.00 52.37  ? 98   ARG A NH2 1 
ATOM   604 N N   . MET A 1 81 ? -0.159  -4.035  11.866  1.00 15.74  ? 99   MET A N   1 
ATOM   605 C CA  . MET A 1 81 ? -0.198  -5.026  10.796  1.00 17.37  ? 99   MET A CA  1 
ATOM   606 C C   . MET A 1 81 ? -0.509  -4.363  9.459   1.00 16.70  ? 99   MET A C   1 
ATOM   607 O O   . MET A 1 81 ? -1.347  -3.469  9.385   1.00 18.76  ? 99   MET A O   1 
ATOM   608 C CB  . MET A 1 81 ? -1.272  -6.070  11.097  1.00 22.95  ? 99   MET A CB  1 
ATOM   609 C CG  . MET A 1 81 ? -1.613  -6.953  9.912   1.00 25.82  ? 99   MET A CG  1 
ATOM   610 S SD  . MET A 1 81 ? -0.413  -8.274  9.737   1.00 35.64  ? 99   MET A SD  1 
ATOM   611 C CE  . MET A 1 81 ? -0.859  -9.273  11.150  1.00 27.23  ? 99   MET A CE  1 
ATOM   612 N N   . TYR A 1 82 ? 0.167   -4.805  8.401   1.00 16.23  ? 100  TYR A N   1 
ATOM   613 C CA  . TYR A 1 82 ? -0.083  -4.302  7.054   1.00 16.86  ? 100  TYR A CA  1 
ATOM   614 C C   . TYR A 1 82 ? -0.167  -5.439  6.053   1.00 16.75  ? 100  TYR A C   1 
ATOM   615 O O   . TYR A 1 82 ? 0.459   -6.490  6.241   1.00 15.31  ? 100  TYR A O   1 
ATOM   616 C CB  . TYR A 1 82 ? 1.062   -3.409  6.587   1.00 17.76  ? 100  TYR A CB  1 
ATOM   617 C CG  . TYR A 1 82 ? 1.316   -2.169  7.395   1.00 18.39  ? 100  TYR A CG  1 
ATOM   618 C CD1 . TYR A 1 82 ? 2.205   -2.185  8.460   1.00 17.97  ? 100  TYR A CD1 1 
ATOM   619 C CD2 . TYR A 1 82 ? 0.703   -0.968  7.067   1.00 22.03  ? 100  TYR A CD2 1 
ATOM   620 C CE1 . TYR A 1 82 ? 2.462   -1.043  9.189   1.00 19.92  ? 100  TYR A CE1 1 
ATOM   621 C CE2 . TYR A 1 82 ? 0.952   0.180   7.795   1.00 21.30  ? 100  TYR A CE2 1 
ATOM   622 C CZ  . TYR A 1 82 ? 1.833   0.133   8.855   1.00 22.87  ? 100  TYR A CZ  1 
ATOM   623 O OH  . TYR A 1 82 ? 2.098   1.264   9.589   1.00 27.76  ? 100  TYR A OH  1 
ATOM   624 N N   . TYR A 1 83 ? -0.916  -5.212  4.978   1.00 17.05  ? 101  TYR A N   1 
ATOM   625 C CA  . TYR A 1 83 ? -0.795  -6.040  3.795   1.00 19.10  ? 101  TYR A CA  1 
ATOM   626 C C   . TYR A 1 83 ? -0.375  -5.115  2.668   1.00 19.80  ? 101  TYR A C   1 
ATOM   627 O O   . TYR A 1 83 ? -1.165  -4.298  2.198   1.00 24.73  ? 101  TYR A O   1 
ATOM   628 C CB  . TYR A 1 83 ? -2.150  -6.655  3.452   1.00 24.05  ? 101  TYR A CB  1 
ATOM   629 C CG  . TYR A 1 83 ? -2.772  -7.429  4.593   1.00 27.05  ? 101  TYR A CG  1 
ATOM   630 C CD1 . TYR A 1 83 ? -3.498  -6.784  5.587   1.00 31.83  ? 101  TYR A CD1 1 
ATOM   631 C CD2 . TYR A 1 83 ? -2.624  -8.805  4.680   1.00 28.36  ? 101  TYR A CD2 1 
ATOM   632 C CE1 . TYR A 1 83 ? -4.060  -7.493  6.634   1.00 34.35  ? 101  TYR A CE1 1 
ATOM   633 C CE2 . TYR A 1 83 ? -3.184  -9.520  5.718   1.00 29.86  ? 101  TYR A CE2 1 
ATOM   634 C CZ  . TYR A 1 83 ? -3.900  -8.861  6.692   1.00 35.26  ? 101  TYR A CZ  1 
ATOM   635 O OH  . TYR A 1 83 ? -4.457  -9.573  7.728   1.00 40.84  ? 101  TYR A OH  1 
ATOM   636 N N   . GLY A 1 84 ? 0.883   -5.219  2.253   1.00 17.74  ? 102  GLY A N   1 
ATOM   637 C CA  . GLY A 1 84 ? 1.324   -4.613  1.010   1.00 16.05  ? 102  GLY A CA  1 
ATOM   638 C C   . GLY A 1 84 ? 0.822   -5.415  -0.159  1.00 21.32  ? 102  GLY A C   1 
ATOM   639 O O   . GLY A 1 84 ? 1.092   -6.599  -0.228  1.00 24.97  ? 102  GLY A O   1 
ATOM   640 N N   . MET A 1 85 ? 0.126   -4.808  -1.102  1.00 19.51  ? 103  MET A N   1 
ATOM   641 C CA  . MET A 1 85 ? -0.114  -5.537  -2.333  1.00 20.35  ? 103  MET A CA  1 
ATOM   642 C C   . MET A 1 85 ? 0.744   -4.881  -3.390  1.00 17.97  ? 103  MET A C   1 
ATOM   643 O O   . MET A 1 85 ? 0.550   -3.712  -3.761  1.00 18.74  ? 103  MET A O   1 
ATOM   644 C CB  . MET A 1 85 ? -1.584  -5.548  -2.711  1.00 25.07  ? 103  MET A CB  1 
ATOM   645 C CG  . MET A 1 85 ? -2.488  -5.530  -1.508  1.00 28.18  ? 103  MET A CG  1 
ATOM   646 S SD  . MET A 1 85 ? -4.217  -5.383  -1.950  1.00 88.56  ? 103  MET A SD  1 
ATOM   647 C CE  . MET A 1 85 ? -4.490  -3.694  -1.439  1.00 83.90  ? 103  MET A CE  1 
ATOM   648 N N   . TYR A 1 86 ? 1.720   -5.657  -3.831  1.00 15.53  ? 104  TYR A N   1 
ATOM   649 C CA  . TYR A 1 86 ? 2.774   -5.222  -4.717  1.00 17.04  ? 104  TYR A CA  1 
ATOM   650 C C   . TYR A 1 86 ? 2.352   -5.569  -6.130  1.00 18.83  ? 104  TYR A C   1 
ATOM   651 O O   . TYR A 1 86 ? 2.212   -6.745  -6.471  1.00 15.07  ? 104  TYR A O   1 
ATOM   652 C CB  . TYR A 1 86 ? 4.049   -5.974  -4.323  1.00 17.37  ? 104  TYR A CB  1 
ATOM   653 C CG  . TYR A 1 86 ? 5.249   -5.798  -5.229  1.00 18.11  ? 104  TYR A CG  1 
ATOM   654 C CD1 . TYR A 1 86 ? 5.405   -4.662  -6.013  1.00 16.46  ? 104  TYR A CD1 1 
ATOM   655 C CD2 . TYR A 1 86 ? 6.238   -6.778  -5.292  1.00 20.90  ? 104  TYR A CD2 1 
ATOM   656 C CE1 . TYR A 1 86 ? 6.508   -4.514  -6.835  1.00 19.25  ? 104  TYR A CE1 1 
ATOM   657 C CE2 . TYR A 1 86 ? 7.342   -6.633  -6.107  1.00 21.87  ? 104  TYR A CE2 1 
ATOM   658 C CZ  . TYR A 1 86 ? 7.470   -5.503  -6.878  1.00 23.80  ? 104  TYR A CZ  1 
ATOM   659 O OH  . TYR A 1 86 ? 8.568   -5.360  -7.695  1.00 25.63  ? 104  TYR A OH  1 
ATOM   660 N N   . HIS A 1 87 ? 2.143   -4.551  -6.956  1.00 17.22  ? 105  HIS A N   1 
ATOM   661 C CA  . HIS A 1 87 ? 1.832   -4.808  -8.351  1.00 20.91  ? 105  HIS A CA  1 
ATOM   662 C C   . HIS A 1 87 ? 3.166   -4.773  -9.057  1.00 21.18  ? 105  HIS A C   1 
ATOM   663 O O   . HIS A 1 87 ? 3.742   -3.709  -9.267  1.00 22.40  ? 105  HIS A O   1 
ATOM   664 C CB  . HIS A 1 87 ? 0.917   -3.718  -8.899  1.00 21.87  ? 105  HIS A CB  1 
ATOM   665 C CG  . HIS A 1 87 ? -0.363  -3.575  -8.145  1.00 21.83  ? 105  HIS A CG  1 
ATOM   666 N ND1 . HIS A 1 87 ? -1.598  -3.817  -8.708  1.00 25.25  ? 105  HIS A ND1 1 
ATOM   667 C CD2 . HIS A 1 87 ? -0.604  -3.221  -6.858  1.00 20.91  ? 105  HIS A CD2 1 
ATOM   668 C CE1 . HIS A 1 87 ? -2.542  -3.618  -7.807  1.00 25.42  ? 105  HIS A CE1 1 
ATOM   669 N NE2 . HIS A 1 87 ? -1.964  -3.253  -6.677  1.00 24.36  ? 105  HIS A NE2 1 
ATOM   670 N N   . CYS A 1 88 ? 3.619   -5.948  -9.475  1.00 19.36  ? 106  CYS A N   1 
ATOM   671 C CA  . CYS A 1 88 ? 5.013   -6.150  -9.841  1.00 22.32  ? 106  CYS A CA  1 
ATOM   672 C C   . CYS A 1 88 ? 5.394   -5.387  -11.105 1.00 24.08  ? 106  CYS A C   1 
ATOM   673 O O   . CYS A 1 88 ? 6.395   -4.671  -11.131 1.00 25.79  ? 106  CYS A O   1 
ATOM   674 C CB  . CYS A 1 88 ? 5.294   -7.648  -10.000 1.00 22.06  ? 106  CYS A CB  1 
ATOM   675 S SG  . CYS A 1 88 ? 4.646   -8.668  -8.632  1.00 29.48  ? 106  CYS A SG  1 
ATOM   676 N N   . GLU A 1 89 ? 4.585   -5.538  -12.145 1.00 26.41  ? 107  GLU A N   1 
ATOM   677 C CA  . GLU A 1 89 ? 4.860   -4.904  -13.428 1.00 31.80  ? 107  GLU A CA  1 
ATOM   678 C C   . GLU A 1 89 ? 4.784   -3.382  -13.356 1.00 33.79  ? 107  GLU A C   1 
ATOM   679 O O   . GLU A 1 89 ? 5.567   -2.687  -14.000 1.00 33.64  ? 107  GLU A O   1 
ATOM   680 C CB  . GLU A 1 89 ? 3.911   -5.437  -14.505 1.00 39.81  ? 107  GLU A CB  1 
ATOM   681 C CG  . GLU A 1 89 ? 4.255   -6.841  -14.979 1.00 48.85  ? 107  GLU A CG  1 
ATOM   682 C CD  . GLU A 1 89 ? 3.104   -7.520  -15.696 1.00 56.61  ? 107  GLU A CD  1 
ATOM   683 O OE1 . GLU A 1 89 ? 1.951   -7.057  -15.553 1.00 60.98  ? 107  GLU A OE1 1 
ATOM   684 O OE2 . GLU A 1 89 ? 3.353   -8.521  -16.402 1.00 56.04  ? 107  GLU A OE2 1 
ATOM   685 N N   . GLU A 1 90 ? 3.843   -2.867  -12.571 1.00 34.83  ? 108  GLU A N   1 
ATOM   686 C CA  A GLU A 1 90 ? 3.674   -1.424  -12.437 0.77 36.93  ? 108  GLU A CA  1 
ATOM   687 C CA  B GLU A 1 90 ? 3.673   -1.424  -12.437 0.23 37.23  ? 108  GLU A CA  1 
ATOM   688 C C   . GLU A 1 90 ? 4.697   -0.815  -11.484 1.00 33.40  ? 108  GLU A C   1 
ATOM   689 O O   . GLU A 1 90 ? 4.942   0.389   -11.510 1.00 32.27  ? 108  GLU A O   1 
ATOM   690 C CB  A GLU A 1 90 ? 2.255   -1.085  -11.977 0.77 40.11  ? 108  GLU A CB  1 
ATOM   691 C CB  B GLU A 1 90 ? 2.256   -1.085  -11.974 0.23 40.36  ? 108  GLU A CB  1 
ATOM   692 C CG  A GLU A 1 90 ? 1.174   -1.414  -12.995 0.77 46.21  ? 108  GLU A CG  1 
ATOM   693 C CG  B GLU A 1 90 ? 1.172   -1.408  -12.989 0.23 45.96  ? 108  GLU A CG  1 
ATOM   694 C CD  A GLU A 1 90 ? 0.271   -2.549  -12.545 0.77 49.47  ? 108  GLU A CD  1 
ATOM   695 C CD  B GLU A 1 90 ? 0.287   -2.558  -12.552 0.23 48.98  ? 108  GLU A CD  1 
ATOM   696 O OE1 A GLU A 1 90 ? 0.711   -3.719  -12.596 0.77 49.12  ? 108  GLU A OE1 1 
ATOM   697 O OE1 B GLU A 1 90 ? 0.736   -3.721  -12.631 0.23 49.15  ? 108  GLU A OE1 1 
ATOM   698 O OE2 A GLU A 1 90 ? -0.879  -2.268  -12.143 0.77 50.99  ? 108  GLU A OE2 1 
ATOM   699 O OE2 B GLU A 1 90 ? -0.859  -2.298  -12.125 0.23 50.37  ? 108  GLU A OE2 1 
ATOM   700 N N   . GLY A 1 91 ? 5.289   -1.652  -10.641 1.00 28.58  ? 109  GLY A N   1 
ATOM   701 C CA  . GLY A 1 91 ? 6.298   -1.193  -9.706  1.00 25.15  ? 109  GLY A CA  1 
ATOM   702 C C   . GLY A 1 91 ? 5.777   -0.269  -8.625  1.00 26.17  ? 109  GLY A C   1 
ATOM   703 O O   . GLY A 1 91 ? 6.429   0.720   -8.283  1.00 27.52  ? 109  GLY A O   1 
ATOM   704 N N   . TYR A 1 92 ? 4.606   -0.587  -8.082  1.00 23.60  ? 110  TYR A N   1 
ATOM   705 C CA  . TYR A 1 92 ? 4.099   0.139   -6.925  1.00 22.37  ? 110  TYR A CA  1 
ATOM   706 C C   . TYR A 1 92 ? 3.414   -0.794  -5.939  1.00 19.97  ? 110  TYR A C   1 
ATOM   707 O O   . TYR A 1 92 ? 3.009   -1.903  -6.292  1.00 18.21  ? 110  TYR A O   1 
ATOM   708 C CB  . TYR A 1 92 ? 3.152   1.265   -7.342  1.00 23.94  ? 110  TYR A CB  1 
ATOM   709 C CG  . TYR A 1 92 ? 1.761   0.814   -7.728  1.00 25.86  ? 110  TYR A CG  1 
ATOM   710 C CD1 . TYR A 1 92 ? 1.492   0.361   -9.009  1.00 29.42  ? 110  TYR A CD1 1 
ATOM   711 C CD2 . TYR A 1 92 ? 0.717   0.862   -6.818  1.00 27.91  ? 110  TYR A CD2 1 
ATOM   712 C CE1 . TYR A 1 92 ? 0.226   -0.041  -9.371  1.00 34.18  ? 110  TYR A CE1 1 
ATOM   713 C CE2 . TYR A 1 92 ? -0.555  0.462   -7.168  1.00 30.80  ? 110  TYR A CE2 1 
ATOM   714 C CZ  . TYR A 1 92 ? -0.794  0.010   -8.448  1.00 35.38  ? 110  TYR A CZ  1 
ATOM   715 O OH  . TYR A 1 92 ? -2.053  -0.395  -8.821  1.00 41.22  ? 110  TYR A OH  1 
ATOM   716 N N   . VAL A 1 93 ? 3.290   -0.331  -4.703  1.00 18.69  ? 111  VAL A N   1 
ATOM   717 C CA  . VAL A 1 93 ? 2.644   -1.095  -3.648  1.00 16.61  ? 111  VAL A CA  1 
ATOM   718 C C   . VAL A 1 93 ? 1.509   -0.252  -3.109  1.00 20.39  ? 111  VAL A C   1 
ATOM   719 O O   . VAL A 1 93 ? 1.653   0.966   -2.980  1.00 20.12  ? 111  VAL A O   1 
ATOM   720 C CB  . VAL A 1 93 ? 3.607   -1.344  -2.477  1.00 15.93  ? 111  VAL A CB  1 
ATOM   721 C CG1 . VAL A 1 93 ? 2.937   -2.193  -1.398  1.00 15.89  ? 111  VAL A CG1 1 
ATOM   722 C CG2 . VAL A 1 93 ? 4.893   -1.987  -2.968  1.00 15.95  ? 111  VAL A CG2 1 
ATOM   723 N N   . GLU A 1 94 ? 0.378   -0.883  -2.805  1.00 20.99  ? 112  GLU A N   1 
ATOM   724 C CA  . GLU A 1 94 ? -0.677  -0.176  -2.068  1.00 27.88  ? 112  GLU A CA  1 
ATOM   725 C C   . GLU A 1 94 ? -0.926  -0.933  -0.784  1.00 23.03  ? 112  GLU A C   1 
ATOM   726 O O   . GLU A 1 94 ? -0.922  -2.156  -0.777  1.00 22.74  ? 112  GLU A O   1 
ATOM   727 C CB  . GLU A 1 94 ? -1.982  -0.038  -2.858  1.00 40.74  ? 112  GLU A CB  1 
ATOM   728 C CG  . GLU A 1 94 ? -2.640  -1.346  -3.132  1.00 55.32  ? 112  GLU A CG  1 
ATOM   729 C CD  . GLU A 1 94 ? -1.778  -2.208  -4.015  1.00 69.38  ? 112  GLU A CD  1 
ATOM   730 O OE1 . GLU A 1 94 ? -0.889  -1.675  -4.728  1.00 74.16  ? 112  GLU A OE1 1 
ATOM   731 O OE2 . GLU A 1 94 ? -1.978  -3.434  -3.995  1.00 73.89  ? 112  GLU A OE2 1 
ATOM   732 N N   . TYR A 1 95 ? -1.122  -0.206  0.306   1.00 22.95  ? 113  TYR A N   1 
ATOM   733 C CA  . TYR A 1 95 ? -1.174  -0.828  1.621   1.00 25.92  ? 113  TYR A CA  1 
ATOM   734 C C   . TYR A 1 95 ? -2.582  -0.909  2.187   1.00 31.31  ? 113  TYR A C   1 
ATOM   735 O O   . TYR A 1 95 ? -3.393  -0.003  2.007   1.00 31.25  ? 113  TYR A O   1 
ATOM   736 C CB  . TYR A 1 95 ? -0.237  -0.098  2.590   1.00 25.14  ? 113  TYR A CB  1 
ATOM   737 C CG  . TYR A 1 95 ? 1.212   -0.157  2.161   1.00 21.61  ? 113  TYR A CG  1 
ATOM   738 C CD1 . TYR A 1 95 ? 1.739   0.788   1.295   1.00 21.73  ? 113  TYR A CD1 1 
ATOM   739 C CD2 . TYR A 1 95 ? 2.047   -1.169  2.612   1.00 20.74  ? 113  TYR A CD2 1 
ATOM   740 C CE1 . TYR A 1 95 ? 3.059   0.734   0.890   1.00 19.87  ? 113  TYR A CE1 1 
ATOM   741 C CE2 . TYR A 1 95 ? 3.372   -1.234  2.212   1.00 19.62  ? 113  TYR A CE2 1 
ATOM   742 C CZ  . TYR A 1 95 ? 3.872   -0.276  1.351   1.00 19.83  ? 113  TYR A CZ  1 
ATOM   743 O OH  . TYR A 1 95 ? 5.183   -0.332  0.940   1.00 21.49  ? 113  TYR A OH  1 
ATOM   744 N N   . ALA A 1 96 ? -2.869  -2.020  2.853   1.00 35.68  ? 114  ALA A N   1 
ATOM   745 C CA  . ALA A 1 96 ? -4.115  -2.165  3.590   1.00 42.02  ? 114  ALA A CA  1 
ATOM   746 C C   . ALA A 1 96 ? -3.792  -2.633  5.003   1.00 46.01  ? 114  ALA A C   1 
ATOM   747 O O   . ALA A 1 96 ? -2.627  -2.879  5.330   1.00 44.06  ? 114  ALA A O   1 
ATOM   748 C CB  . ALA A 1 96 ? -5.030  -3.153  2.898   1.00 42.33  ? 114  ALA A CB  1 
ATOM   749 N N   . ASN A 1 97 ? -4.823  -2.775  5.829   1.00 48.56  ? 115  ASN A N   1 
ATOM   750 C CA  . ASN A 1 97 ? -4.631  -3.132  7.230   1.00 49.73  ? 115  ASN A CA  1 
ATOM   751 C C   . ASN A 1 97 ? -5.674  -4.123  7.742   1.00 47.10  ? 115  ASN A C   1 
ATOM   752 O O   . ASN A 1 97 ? -6.770  -4.223  7.198   1.00 45.89  ? 115  ASN A O   1 
ATOM   753 C CB  . ASN A 1 97 ? -4.616  -1.875  8.110   1.00 52.64  ? 115  ASN A CB  1 
ATOM   754 C CG  . ASN A 1 97 ? -3.538  -0.889  7.706   1.00 53.47  ? 115  ASN A CG  1 
ATOM   755 O OD1 . ASN A 1 97 ? -3.801  0.068   6.981   1.00 56.12  ? 115  ASN A OD1 1 
ATOM   756 N ND2 . ASN A 1 97 ? -2.319  -1.115  8.179   1.00 50.74  ? 115  ASN A ND2 1 
HETATM 757 P P   . PO4 B 2 .  ? 4.216   7.690   -3.553  1.00 89.22  ? 1116 PO4 A P   1 
HETATM 758 O O1  . PO4 B 2 .  ? 3.273   6.578   -3.945  1.00 89.65  ? 1116 PO4 A O1  1 
HETATM 759 O O2  . PO4 B 2 .  ? 3.592   9.021   -3.893  1.00 89.91  ? 1116 PO4 A O2  1 
HETATM 760 O O3  . PO4 B 2 .  ? 4.486   7.631   -2.068  1.00 88.26  ? 1116 PO4 A O3  1 
HETATM 761 O O4  . PO4 B 2 .  ? 5.509   7.540   -4.318  1.00 89.75  ? 1116 PO4 A O4  1 
HETATM 762 O O   . HOH C 3 .  ? -9.313  1.309   -10.622 1.00 49.52  ? 2001 HOH A O   1 
HETATM 763 O O   . HOH C 3 .  ? -10.235 13.495  -23.964 1.00 43.18  ? 2002 HOH A O   1 
HETATM 764 O O   . HOH C 3 .  ? -14.726 9.746   -16.216 1.00 28.99  ? 2003 HOH A O   1 
HETATM 765 O O   . HOH C 3 .  ? -15.019 18.292  -15.471 1.00 31.92  ? 2004 HOH A O   1 
HETATM 766 O O   . HOH C 3 .  ? -12.347 19.795  -15.914 1.00 30.22  ? 2005 HOH A O   1 
HETATM 767 O O   . HOH C 3 .  ? -10.590 18.975  -18.528 1.00 34.08  ? 2006 HOH A O   1 
HETATM 768 O O   . HOH C 3 .  ? -17.031 17.510  -8.786  1.00 56.21  ? 2007 HOH A O   1 
HETATM 769 O O   . HOH C 3 .  ? -16.589 18.204  -17.813 1.00 51.33  ? 2008 HOH A O   1 
HETATM 770 O O   . HOH C 3 .  ? -10.335 21.785  -12.190 1.00 38.88  ? 2009 HOH A O   1 
HETATM 771 O O   . HOH C 3 .  ? -6.461  25.281  -15.339 1.00 49.18  ? 2010 HOH A O   1 
HETATM 772 O O   . HOH C 3 .  ? -11.085 16.085  -3.414  1.00 31.71  ? 2011 HOH A O   1 
HETATM 773 O O   . HOH C 3 .  ? -8.287  9.373   -4.824  1.00 27.90  ? 2012 HOH A O   1 
HETATM 774 O O   . HOH C 3 .  ? -8.172  22.665  -3.317  1.00 30.86  ? 2013 HOH A O   1 
HETATM 775 O O   . HOH C 3 .  ? -11.860 20.412  -3.009  1.00 33.40  ? 2014 HOH A O   1 
HETATM 776 O O   . HOH C 3 .  ? -8.877  12.541  1.242   1.00 35.37  ? 2015 HOH A O   1 
HETATM 777 O O   . HOH C 3 .  ? -10.992 9.670   -5.205  1.00 32.04  ? 2016 HOH A O   1 
HETATM 778 O O   . HOH C 3 .  ? -6.569  7.338   -3.674  1.00 38.62  ? 2017 HOH A O   1 
HETATM 779 O O   . HOH C 3 .  ? -8.203  12.253  3.874   1.00 38.19  ? 2018 HOH A O   1 
HETATM 780 O O   . HOH C 3 .  ? 15.041  -5.769  11.127  1.00 39.79  ? 2019 HOH A O   1 
HETATM 781 O O   . HOH C 3 .  ? 1.757   6.167   -1.074  0.50 48.99  ? 2020 HOH A O   1 
HETATM 782 O O   . HOH C 3 .  ? -7.850  14.819  5.357   1.00 35.95  ? 2021 HOH A O   1 
HETATM 783 O O   . HOH C 3 .  ? -2.810  5.337   9.675   1.00 27.69  ? 2022 HOH A O   1 
HETATM 784 O O   . HOH C 3 .  ? -4.730  6.910   10.082  1.00 34.51  ? 2023 HOH A O   1 
HETATM 785 O O   . HOH C 3 .  ? 8.916   7.667   20.219  1.00 48.97  ? 2024 HOH A O   1 
HETATM 786 O O   . HOH C 3 .  ? 12.272  8.489   14.130  1.00 36.89  ? 2025 HOH A O   1 
HETATM 787 O O   . HOH C 3 .  ? 11.674  5.403   7.142   1.00 19.00  ? 2026 HOH A O   1 
HETATM 788 O O   . HOH C 3 .  ? 13.573  -1.341  9.619   1.00 32.35  ? 2027 HOH A O   1 
HETATM 789 O O   . HOH C 3 .  ? 13.321  -4.137  9.859   1.00 28.24  ? 2028 HOH A O   1 
HETATM 790 O O   . HOH C 3 .  ? 10.441  -11.437 9.979   1.00 34.69  ? 2029 HOH A O   1 
HETATM 791 O O   . HOH C 3 .  ? 5.715   -11.188 4.066   1.00 23.20  ? 2030 HOH A O   1 
HETATM 792 O O   . HOH C 3 .  ? 0.712   -13.804 9.302   1.00 109.04 ? 2031 HOH A O   1 
HETATM 793 O O   . HOH C 3 .  ? 3.388   -16.065 9.016   1.00 37.42  ? 2032 HOH A O   1 
HETATM 794 O O   . HOH C 3 .  ? 0.109   -15.172 5.981   1.00 32.72  ? 2033 HOH A O   1 
HETATM 795 O O   . HOH C 3 .  ? 1.969   -22.010 7.207   1.00 51.94  ? 2034 HOH A O   1 
HETATM 796 O O   . HOH C 3 .  ? 6.486   -16.614 2.769   1.00 39.41  ? 2035 HOH A O   1 
HETATM 797 O O   . HOH C 3 .  ? 2.366   -19.689 -1.264  1.00 45.90  ? 2036 HOH A O   1 
HETATM 798 O O   . HOH C 3 .  ? -0.019  -13.368 1.036   1.00 20.89  ? 2037 HOH A O   1 
HETATM 799 O O   . HOH C 3 .  ? -2.372  -14.052 -0.959  1.00 31.82  ? 2038 HOH A O   1 
HETATM 800 O O   . HOH C 3 .  ? 0.173   -13.138 -3.111  1.00 25.40  ? 2039 HOH A O   1 
HETATM 801 O O   . HOH C 3 .  ? -1.923  -17.914 4.913   1.00 36.11  ? 2040 HOH A O   1 
HETATM 802 O O   . HOH C 3 .  ? -1.174  -15.275 -6.319  1.00 46.21  ? 2041 HOH A O   1 
HETATM 803 O O   . HOH C 3 .  ? -2.162  -24.076 -6.998  1.00 30.18  ? 2042 HOH A O   1 
HETATM 804 O O   . HOH C 3 .  ? 0.824   -19.529 -15.734 1.00 44.11  ? 2043 HOH A O   1 
HETATM 805 O O   . HOH C 3 .  ? 2.838   -13.361 -12.940 1.00 28.70  ? 2044 HOH A O   1 
HETATM 806 O O   . HOH C 3 .  ? 3.824   -18.867 -20.974 1.00 59.16  ? 2045 HOH A O   1 
HETATM 807 O O   . HOH C 3 .  ? 2.642   -9.885  -13.153 1.00 27.62  ? 2046 HOH A O   1 
HETATM 808 O O   . HOH C 3 .  ? -3.724  -10.939 -9.211  1.00 39.87  ? 2047 HOH A O   1 
HETATM 809 O O   . HOH C 3 .  ? -0.898  -5.242  -10.991 1.00 43.62  ? 2048 HOH A O   1 
HETATM 810 O O   . HOH C 3 .  ? 2.029   -7.383  -12.186 1.00 27.35  ? 2049 HOH A O   1 
HETATM 811 O O   . HOH C 3 .  ? -7.866  -9.728  7.581   1.00 42.17  ? 2050 HOH A O   1 
HETATM 812 O O   . HOH C 3 .  ? 8.328   -3.646  -9.553  1.00 26.04  ? 2051 HOH A O   1 
HETATM 813 O O   . HOH C 3 .  ? -4.246  -2.988  -5.079  1.00 59.51  ? 2052 HOH A O   1 
HETATM 814 O O   . HOH C 3 .  ? 4.735   2.083   -4.396  1.00 22.87  ? 2053 HOH A O   1 
HETATM 815 O O   . HOH C 3 .  ? -9.033  -6.872  7.296   1.00 56.26  ? 2054 HOH A O   1 
# 
loop_
_atom_site_anisotrop.id 
_atom_site_anisotrop.type_symbol 
_atom_site_anisotrop.pdbx_label_atom_id 
_atom_site_anisotrop.pdbx_label_alt_id 
_atom_site_anisotrop.pdbx_label_comp_id 
_atom_site_anisotrop.pdbx_label_asym_id 
_atom_site_anisotrop.pdbx_label_seq_id 
_atom_site_anisotrop.pdbx_PDB_ins_code 
_atom_site_anisotrop.U[1][1] 
_atom_site_anisotrop.U[2][2] 
_atom_site_anisotrop.U[3][3] 
_atom_site_anisotrop.U[1][2] 
_atom_site_anisotrop.U[1][3] 
_atom_site_anisotrop.U[2][3] 
_atom_site_anisotrop.pdbx_auth_seq_id 
_atom_site_anisotrop.pdbx_auth_comp_id 
_atom_site_anisotrop.pdbx_auth_asym_id 
_atom_site_anisotrop.pdbx_auth_atom_id 
1   N N   . LYS A 8  ? 0.9089 0.8022 0.8290 -0.0443 -0.0368 -0.0252 26  LYS A N   
2   C CA  . LYS A 8  ? 0.8872 0.7921 0.8112 -0.0333 -0.0321 -0.0219 26  LYS A CA  
3   C C   . LYS A 8  ? 0.8151 0.7450 0.7504 -0.0346 -0.0289 -0.0163 26  LYS A C   
4   O O   . LYS A 8  ? 0.8259 0.7669 0.7652 -0.0422 -0.0308 -0.0161 26  LYS A O   
5   C CB  . LYS A 8  ? 0.9215 0.8263 0.8390 -0.0234 -0.0327 -0.0289 26  LYS A CB  
6   C CG  . LYS A 8  ? 0.9519 0.8721 0.8682 -0.0249 -0.0347 -0.0335 26  LYS A CG  
7   C CD  . LYS A 8  ? 1.0040 0.9112 0.9123 -0.0326 -0.0406 -0.0417 26  LYS A CD  
8   C CE  . LYS A 8  ? 1.0272 0.9521 0.9339 -0.0346 -0.0431 -0.0462 26  LYS A CE  
9   N NZ  . LYS A 8  ? 1.0614 0.9735 0.9598 -0.0420 -0.0495 -0.0559 26  LYS A NZ  
10  N N   . GLY A 9  ? 0.7091 0.6478 0.6502 -0.0271 -0.0245 -0.0116 27  GLY A N   
11  C CA  . GLY A 9  ? 0.5959 0.5558 0.5485 -0.0269 -0.0216 -0.0064 27  GLY A CA  
12  C C   . GLY A 9  ? 0.5029 0.4782 0.4566 -0.0241 -0.0228 -0.0078 27  GLY A C   
13  O O   . GLY A 9  ? 0.4912 0.4623 0.4362 -0.0231 -0.0258 -0.0138 27  GLY A O   
14  N N   . PRO A 10 ? 0.4456 0.4393 0.4103 -0.0226 -0.0207 -0.0024 28  PRO A N   
15  C CA  . PRO A 10 ? 0.3869 0.3970 0.3537 -0.0201 -0.0221 -0.0017 28  PRO A CA  
16  C C   . PRO A 10 ? 0.3537 0.3640 0.3149 -0.0113 -0.0206 -0.0025 28  PRO A C   
17  O O   . PRO A 10 ? 0.3333 0.3364 0.2948 -0.0059 -0.0176 -0.0014 28  PRO A O   
18  C CB  . PRO A 10 ? 0.3609 0.3867 0.3423 -0.0196 -0.0198 0.0055  28  PRO A CB  
19  C CG  . PRO A 10 ? 0.3983 0.4156 0.3836 -0.0176 -0.0158 0.0076  28  PRO A CG  
20  C CD  . PRO A 10 ? 0.4383 0.4377 0.4140 -0.0224 -0.0169 0.0032  28  PRO A CD  
21  N N   . ALA A 11 ? 0.3362 0.3569 0.2927 -0.0099 -0.0229 -0.0042 29  ALA A N   
22  C CA  . ALA A 11 ? 0.3348 0.3615 0.2875 -0.0017 -0.0208 -0.0035 29  ALA A CA  
23  C C   . ALA A 11 ? 0.2787 0.3182 0.2442 0.0018  -0.0175 0.0061  29  ALA A C   
24  O O   . ALA A 11 ? 0.2578 0.3059 0.2335 -0.0015 -0.0182 0.0112  29  ALA A O   
25  C CB  . ALA A 11 ? 0.3655 0.4023 0.3091 -0.0019 -0.0239 -0.0075 29  ALA A CB  
26  N N   . CYS A 12 ? 0.2464 0.2869 0.2122 0.0085  -0.0142 0.0085  30  CYS A N   
27  C CA  . CYS A 12 ? 0.2261 0.2760 0.2047 0.0114  -0.0113 0.0175  30  CYS A CA  
28  C C   . CYS A 12 ? 0.2184 0.2855 0.2035 0.0102  -0.0131 0.0244  30  CYS A C   
29  O O   . CYS A 12 ? 0.2182 0.2902 0.2164 0.0101  -0.0124 0.0311  30  CYS A O   
30  C CB  . CYS A 12 ? 0.2683 0.3186 0.2459 0.0178  -0.0078 0.0189  30  CYS A CB  
31  S SG  . CYS A 12 ? 0.4190 0.4511 0.3953 0.0199  -0.0058 0.0142  30  CYS A SG  
32  N N   . TYR A 13 ? 0.1851 0.2613 0.1613 0.0098  -0.0157 0.0227  31  TYR A N   
33  C CA  . TYR A 13 ? 0.2261 0.3198 0.2074 0.0091  -0.0182 0.0302  31  TYR A CA  
34  C C   . TYR A 13 ? 0.2296 0.3261 0.2195 0.0038  -0.0214 0.0311  31  TYR A C   
35  O O   . TYR A 13 ? 0.2393 0.3494 0.2376 0.0038  -0.0237 0.0385  31  TYR A O   
36  C CB  . TYR A 13 ? 0.2492 0.3540 0.2173 0.0098  -0.0203 0.0279  31  TYR A CB  
37  C CG  . TYR A 13 ? 0.2846 0.3852 0.2414 0.0050  -0.0246 0.0175  31  TYR A CG  
38  C CD1 . TYR A 13 ? 0.3391 0.4495 0.2982 -0.0003 -0.0296 0.0186  31  TYR A CD1 
39  C CD2 . TYR A 13 ? 0.3353 0.4223 0.2796 0.0058  -0.0241 0.0067  31  TYR A CD2 
40  C CE1 . TYR A 13 ? 0.3801 0.4869 0.3293 -0.0057 -0.0340 0.0089  31  TYR A CE1 
41  C CE2 . TYR A 13 ? 0.3756 0.4567 0.3099 0.0009  -0.0285 -0.0031 31  TYR A CE2 
42  C CZ  . TYR A 13 ? 0.4103 0.5014 0.3471 -0.0054 -0.0334 -0.0020 31  TYR A CZ  
43  O OH  . TYR A 13 ? 0.5016 0.5871 0.4292 -0.0113 -0.0383 -0.0121 31  TYR A OH  
44  N N   . GLN A 14 ? 0.2062 0.2903 0.1944 -0.0006 -0.0218 0.0242  32  GLN A N   
45  C CA  . GLN A 14 ? 0.2356 0.3231 0.2328 -0.0059 -0.0240 0.0246  32  GLN A CA  
46  C C   . GLN A 14 ? 0.2787 0.3616 0.2891 -0.0048 -0.0205 0.0281  32  GLN A C   
47  O O   . GLN A 14 ? 0.3037 0.3912 0.3235 -0.0081 -0.0211 0.0288  32  GLN A O   
48  C CB  . GLN A 14 ? 0.2584 0.3367 0.2464 -0.0129 -0.0267 0.0158  32  GLN A CB  
49  C CG  . GLN A 14 ? 0.3170 0.3988 0.2914 -0.0144 -0.0308 0.0103  32  GLN A CG  
50  C CD  . GLN A 14 ? 0.4242 0.4925 0.3892 -0.0212 -0.0335 0.0007  32  GLN A CD  
51  O OE1 . GLN A 14 ? 0.4745 0.5257 0.4380 -0.0224 -0.0314 -0.0024 32  GLN A OE1 
52  N NE2 . GLN A 14 ? 0.4577 0.5330 0.4164 -0.0262 -0.0388 -0.0038 32  GLN A NE2 
53  N N   . VAL A 15 ? 0.2533 0.3287 0.2646 0.0001  -0.0167 0.0298  33  VAL A N   
54  C CA  . VAL A 15 ? 0.2041 0.2748 0.2267 0.0015  -0.0134 0.0316  33  VAL A CA  
55  C C   . VAL A 15 ? 0.1905 0.2697 0.2258 0.0063  -0.0125 0.0399  33  VAL A C   
56  O O   . VAL A 15 ? 0.1911 0.2713 0.2246 0.0101  -0.0114 0.0436  33  VAL A O   
57  C CB  . VAL A 15 ? 0.2147 0.2701 0.2306 0.0030  -0.0103 0.0276  33  VAL A CB  
58  C CG1 . VAL A 15 ? 0.2177 0.2696 0.2444 0.0045  -0.0074 0.0293  33  VAL A CG1 
59  C CG2 . VAL A 15 ? 0.2393 0.2834 0.2437 -0.0018 -0.0117 0.0204  33  VAL A CG2 
60  N N   . SER A 16 ? 0.1780 0.2635 0.2269 0.0061  -0.0129 0.0427  34  SER A N   
61  C CA  . SER A 16 ? 0.1662 0.2572 0.2291 0.0108  -0.0124 0.0502  34  SER A CA  
62  C C   . SER A 16 ? 0.1787 0.2592 0.2462 0.0136  -0.0088 0.0495  34  SER A C   
63  O O   . SER A 16 ? 0.1649 0.2358 0.2270 0.0117  -0.0066 0.0431  34  SER A O   
64  C CB  . SER A 16 ? 0.2266 0.3272 0.3036 0.0109  -0.0142 0.0521  34  SER A CB  
65  O OG  . SER A 16 ? 0.2318 0.3270 0.3137 0.0094  -0.0115 0.0463  34  SER A OG  
66  N N   . ASP A 17 ? 0.1621 0.2446 0.2397 0.0174  -0.0085 0.0564  35  ASP A N   
67  C CA  . ASP A 17 ? 0.1876 0.2611 0.2716 0.0195  -0.0058 0.0558  35  ASP A CA  
68  C C   . ASP A 17 ? 0.1990 0.2672 0.2888 0.0186  -0.0040 0.0490  35  ASP A C   
69  O O   . ASP A 17 ? 0.2025 0.2621 0.2897 0.0183  -0.0017 0.0442  35  ASP A O   
70  C CB  . ASP A 17 ? 0.2401 0.3165 0.3373 0.0228  -0.0066 0.0647  35  ASP A CB  
71  C CG  . ASP A 17 ? 0.3185 0.3988 0.4092 0.0233  -0.0067 0.0715  35  ASP A CG  
72  O OD1 . ASP A 17 ? 0.2831 0.3649 0.3592 0.0219  -0.0062 0.0684  35  ASP A OD1 
73  O OD2 . ASP A 17 ? 0.3529 0.4332 0.4517 0.0241  -0.0067 0.0786  35  ASP A OD2 
74  N N   . GLU A 18 ? 0.1782 0.2537 0.2762 0.0185  -0.0053 0.0486  36  GLU A N   
75  C CA  . GLU A 18 ? 0.2097 0.2838 0.3140 0.0180  -0.0032 0.0422  36  GLU A CA  
76  C C   . GLU A 18 ? 0.1819 0.2513 0.2730 0.0129  -0.0014 0.0353  36  GLU A C   
77  O O   . GLU A 18 ? 0.1759 0.2392 0.2663 0.0122  0.0013  0.0302  36  GLU A O   
78  C CB  . GLU A 18 ? 0.3210 0.4066 0.4381 0.0194  -0.0049 0.0438  36  GLU A CB  
79  C CG  . GLU A 18 ? 0.4138 0.5005 0.5415 0.0209  -0.0022 0.0377  36  GLU A CG  
80  C CD  . GLU A 18 ? 0.5309 0.6215 0.6514 0.0155  -0.0002 0.0313  36  GLU A CD  
81  O OE1 . GLU A 18 ? 0.5817 0.6736 0.6905 0.0105  -0.0017 0.0318  36  GLU A OE1 
82  O OE2 . GLU A 18 ? 0.5690 0.6620 0.6957 0.0160  0.0029  0.0257  36  GLU A OE2 
83  N N   . GLN A 19 ? 0.1812 0.2529 0.2615 0.0090  -0.0033 0.0353  37  GLN A N   
84  C CA  . GLN A 19 ? 0.1617 0.2265 0.2289 0.0038  -0.0024 0.0299  37  GLN A CA  
85  C C   . GLN A 19 ? 0.1271 0.1793 0.1852 0.0050  -0.0008 0.0280  37  GLN A C   
86  O O   . GLN A 19 ? 0.1582 0.2033 0.2111 0.0026  0.0010  0.0239  37  GLN A O   
87  C CB  . GLN A 19 ? 0.1770 0.2451 0.2346 -0.0002 -0.0056 0.0299  37  GLN A CB  
88  C CG  . GLN A 19 ? 0.2274 0.3087 0.2922 -0.0034 -0.0076 0.0304  37  GLN A CG  
89  C CD  . GLN A 19 ? 0.2686 0.3536 0.3240 -0.0075 -0.0116 0.0301  37  GLN A CD  
90  O OE1 . GLN A 19 ? 0.2502 0.3369 0.3010 -0.0048 -0.0138 0.0331  37  GLN A OE1 
91  N NE2 . GLN A 19 ? 0.3153 0.4018 0.3673 -0.0145 -0.0126 0.0264  37  GLN A NE2 
92  N N   . ALA A 20 ? 0.1322 0.1828 0.1883 0.0085  -0.0015 0.0314  38  ALA A N   
93  C CA  . ALA A 20 ? 0.1443 0.1855 0.1936 0.0105  -0.0001 0.0301  38  ALA A CA  
94  C C   . ALA A 20 ? 0.1567 0.1939 0.2134 0.0119  0.0020  0.0285  38  ALA A C   
95  O O   . ALA A 20 ? 0.1661 0.1953 0.2160 0.0112  0.0031  0.0249  38  ALA A O   
96  C CB  . ALA A 20 ? 0.1391 0.1838 0.1876 0.0139  -0.0008 0.0349  38  ALA A CB  
97  N N   . ARG A 21 ? 0.1633 0.2058 0.2341 0.0142  0.0023  0.0309  39  ARG A N   
98  C CA  . ARG A 21 ? 0.1754 0.2142 0.2538 0.0157  0.0040  0.0281  39  ARG A CA  
99  C C   . ARG A 21 ? 0.1815 0.2191 0.2565 0.0127  0.0058  0.0219  39  ARG A C   
100 O O   . ARG A 21 ? 0.1718 0.2041 0.2438 0.0124  0.0071  0.0181  39  ARG A O   
101 C CB  . ARG A 21 ? 0.1679 0.2115 0.2632 0.0189  0.0035  0.0313  39  ARG A CB  
102 C CG  . ARG A 21 ? 0.2250 0.2692 0.3247 0.0212  0.0021  0.0387  39  ARG A CG  
103 C CD  . ARG A 21 ? 0.2748 0.3195 0.3918 0.0242  0.0012  0.0418  39  ARG A CD  
104 N NE  . ARG A 21 ? 0.3261 0.3688 0.4458 0.0246  0.0003  0.0485  39  ARG A NE  
105 C CZ  . ARG A 21 ? 0.3750 0.4211 0.4969 0.0244  -0.0013 0.0560  39  ARG A CZ  
106 N NH1 . ARG A 21 ? 0.3907 0.4430 0.5142 0.0252  -0.0028 0.0582  39  ARG A NH1 
107 N NH2 . ARG A 21 ? 0.3817 0.4265 0.5048 0.0234  -0.0012 0.0619  39  ARG A NH2 
108 N N   . THR A 22 ? 0.1565 0.2007 0.2317 0.0100  0.0057  0.0213  40  THR A N   
109 C CA  . THR A 22 ? 0.1729 0.2183 0.2446 0.0062  0.0078  0.0164  40  THR A CA  
110 C C   . THR A 22 ? 0.1628 0.1986 0.2187 0.0025  0.0079  0.0148  40  THR A C   
111 O O   . THR A 22 ? 0.1727 0.2053 0.2247 0.0009  0.0097  0.0115  40  THR A O   
112 C CB  . THR A 22 ? 0.2038 0.2598 0.2794 0.0032  0.0075  0.0167  40  THR A CB  
113 O OG1 . THR A 22 ? 0.1793 0.2443 0.2707 0.0076  0.0070  0.0184  40  THR A OG1 
114 C CG2 . THR A 22 ? 0.2487 0.3078 0.3208 -0.0017 0.0102  0.0124  40  THR A CG2 
115 N N   . PHE A 23 ? 0.1734 0.2044 0.2202 0.0015  0.0056  0.0171  41  PHE A N   
116 C CA  . PHE A 23 ? 0.1759 0.1957 0.2086 -0.0009 0.0050  0.0158  41  PHE A CA  
117 C C   . PHE A 23 ? 0.1717 0.1847 0.2023 0.0026  0.0056  0.0151  41  PHE A C   
118 O O   . PHE A 23 ? 0.1914 0.1981 0.2142 0.0008  0.0060  0.0134  41  PHE A O   
119 C CB  . PHE A 23 ? 0.1782 0.1941 0.2027 -0.0013 0.0024  0.0172  41  PHE A CB  
120 C CG  . PHE A 23 ? 0.2224 0.2256 0.2330 -0.0038 0.0012  0.0154  41  PHE A CG  
121 C CD1 . PHE A 23 ? 0.2184 0.2126 0.2232 0.0001  0.0010  0.0150  41  PHE A CD1 
122 C CD2 . PHE A 23 ? 0.2545 0.2546 0.2587 -0.0102 -0.0002 0.0144  41  PHE A CD2 
123 C CE1 . PHE A 23 ? 0.2387 0.2201 0.2316 -0.0015 -0.0007 0.0138  41  PHE A CE1 
124 C CE2 . PHE A 23 ? 0.3141 0.3001 0.3060 -0.0127 -0.0019 0.0133  41  PHE A CE2 
125 C CZ  . PHE A 23 ? 0.2753 0.2514 0.2616 -0.0078 -0.0022 0.0131  41  PHE A CZ  
126 N N   . VAL A 24 ? 0.1389 0.1542 0.1767 0.0073  0.0054  0.0170  42  VAL A N   
127 C CA  . VAL A 24 ? 0.1213 0.1320 0.1588 0.0105  0.0055  0.0165  42  VAL A CA  
128 C C   . VAL A 24 ? 0.1761 0.1877 0.2180 0.0100  0.0070  0.0130  42  VAL A C   
129 O O   . VAL A 24 ? 0.1967 0.2034 0.2330 0.0102  0.0067  0.0112  42  VAL A O   
130 C CB  . VAL A 24 ? 0.1533 0.1676 0.1986 0.0146  0.0050  0.0200  42  VAL A CB  
131 C CG1 . VAL A 24 ? 0.1953 0.2070 0.2433 0.0170  0.0051  0.0192  42  VAL A CG1 
132 C CG2 . VAL A 24 ? 0.1259 0.1398 0.1638 0.0157  0.0038  0.0224  42  VAL A CG2 
133 N N   . LYS A 25 ? 0.1288 0.1475 0.1809 0.0095  0.0083  0.0116  43  LYS A N   
134 C CA  . LYS A 25 ? 0.1225 0.1434 0.1789 0.0094  0.0100  0.0066  43  LYS A CA  
135 C C   . LYS A 25 ? 0.1689 0.1888 0.2136 0.0050  0.0113  0.0044  43  LYS A C   
136 O O   . LYS A 25 ? 0.2122 0.2298 0.2519 0.0046  0.0117  0.0016  43  LYS A O   
137 C CB  . LYS A 25 ? 0.1559 0.1847 0.2265 0.0110  0.0113  0.0050  43  LYS A CB  
138 C CG  . LYS A 25 ? 0.2005 0.2325 0.2759 0.0116  0.0134  -0.0018 43  LYS A CG  
139 C CD  . LYS A 25 ? 0.2426 0.2811 0.3345 0.0150  0.0142  -0.0039 43  LYS A CD  
140 C CE  . LYS A 25 ? 0.2985 0.3411 0.3945 0.0160  0.0167  -0.0127 43  LYS A CE  
141 N NZ  . LYS A 25 ? 0.3066 0.3535 0.4200 0.0209  0.0171  -0.0155 43  LYS A NZ  
142 N N   . ASN A 26 ? 0.1271 0.1487 0.1672 0.0011  0.0116  0.0061  44  ASN A N   
143 C CA  . ASN A 26 ? 0.1808 0.2009 0.2099 -0.0043 0.0126  0.0056  44  ASN A CA  
144 C C   . ASN A 26 ? 0.2003 0.2090 0.2168 -0.0042 0.0107  0.0070  44  ASN A C   
145 O O   . ASN A 26 ? 0.2111 0.2188 0.2208 -0.0060 0.0113  0.0059  44  ASN A O   
146 C CB  . ASN A 26 ? 0.1579 0.1798 0.1840 -0.0093 0.0123  0.0079  44  ASN A CB  
147 C CG  . ASN A 26 ? 0.1894 0.2253 0.2269 -0.0103 0.0147  0.0063  44  ASN A CG  
148 O OD1 . ASN A 26 ? 0.2249 0.2685 0.2711 -0.0077 0.0171  0.0025  44  ASN A OD1 
149 N ND2 . ASN A 26 ? 0.1649 0.2046 0.2029 -0.0141 0.0136  0.0085  44  ASN A ND2 
150 N N   . ASP A 27 ? 0.1503 0.1516 0.1638 -0.0018 0.0080  0.0097  45  ASP A N   
151 C CA  . ASP A 27 ? 0.1609 0.1514 0.1637 -0.0004 0.0057  0.0112  45  ASP A CA  
152 C C   . ASP A 27 ? 0.1767 0.1679 0.1813 0.0031  0.0054  0.0096  45  ASP A C   
153 O O   . ASP A 27 ? 0.1883 0.1746 0.1839 0.0023  0.0043  0.0101  45  ASP A O   
154 C CB  . ASP A 27 ? 0.2165 0.2019 0.2181 0.0029  0.0037  0.0130  45  ASP A CB  
155 C CG  . ASP A 27 ? 0.3041 0.2783 0.2955 0.0055  0.0012  0.0140  45  ASP A CG  
156 O OD1 . ASP A 27 ? 0.3975 0.3623 0.3791 0.0025  -0.0003 0.0149  45  ASP A OD1 
157 O OD2 . ASP A 27 ? 0.2961 0.2713 0.2906 0.0105  0.0005  0.0139  45  ASP A OD2 
158 N N   . TYR A 28 ? 0.1500 0.1473 0.1664 0.0066  0.0060  0.0081  46  TYR A N   
159 C CA  . TYR A 28 ? 0.1789 0.1775 0.1988 0.0093  0.0052  0.0059  46  TYR A CA  
160 C C   . TYR A 28 ? 0.1936 0.1956 0.2102 0.0066  0.0065  0.0021  46  TYR A C   
161 O O   . TYR A 28 ? 0.1923 0.1922 0.2019 0.0068  0.0048  0.0016  46  TYR A O   
162 C CB  . TYR A 28 ? 0.1445 0.1483 0.1791 0.0122  0.0056  0.0053  46  TYR A CB  
163 C CG  . TYR A 28 ? 0.1862 0.1918 0.2264 0.0137  0.0046  0.0021  46  TYR A CG  
164 C CD1 . TYR A 28 ? 0.2122 0.2160 0.2513 0.0161  0.0022  0.0039  46  TYR A CD1 
165 C CD2 . TYR A 28 ? 0.2008 0.2108 0.2480 0.0129  0.0058  -0.0033 46  TYR A CD2 
166 C CE1 . TYR A 28 ? 0.2195 0.2259 0.2645 0.0167  0.0007  0.0007  46  TYR A CE1 
167 C CE2 . TYR A 28 ? 0.2062 0.2174 0.2585 0.0137  0.0043  -0.0073 46  TYR A CE2 
168 C CZ  . TYR A 28 ? 0.1989 0.2084 0.2502 0.0151  0.0016  -0.0049 46  TYR A CZ  
169 O OH  . TYR A 28 ? 0.2229 0.2345 0.2799 0.0151  -0.0004 -0.0091 46  TYR A OH  
170 N N   . LEU A 29 ? 0.1767 0.1856 0.1986 0.0044  0.0093  -0.0008 47  LEU A N   
171 C CA  . LEU A 29 ? 0.1865 0.2013 0.2050 0.0019  0.0112  -0.0053 47  LEU A CA  
172 C C   . LEU A 29 ? 0.2234 0.2346 0.2261 -0.0023 0.0108  -0.0022 47  LEU A C   
173 O O   . LEU A 29 ? 0.2348 0.2476 0.2303 -0.0032 0.0103  -0.0039 47  LEU A O   
174 C CB  . LEU A 29 ? 0.1710 0.1953 0.1990 0.0011  0.0148  -0.0092 47  LEU A CB  
175 C CG  . LEU A 29 ? 0.1894 0.2165 0.2336 0.0057  0.0148  -0.0131 47  LEU A CG  
176 C CD1 . LEU A 29 ? 0.2264 0.2629 0.2804 0.0060  0.0181  -0.0169 47  LEU A CD1 
177 C CD2 . LEU A 29 ? 0.1792 0.2055 0.2252 0.0077  0.0134  -0.0184 47  LEU A CD2 
178 N N   . GLN A 30 ? 0.2107 0.2171 0.2079 -0.0054 0.0107  0.0025  48  GLN A N   
179 C CA  . GLN A 30 ? 0.2901 0.2909 0.2729 -0.0102 0.0099  0.0067  48  GLN A CA  
180 C C   . GLN A 30 ? 0.2735 0.2654 0.2480 -0.0072 0.0060  0.0092  48  GLN A C   
181 O O   . GLN A 30 ? 0.2851 0.2763 0.2494 -0.0095 0.0052  0.0111  48  GLN A O   
182 C CB  . GLN A 30 ? 0.3834 0.3779 0.3628 -0.0140 0.0096  0.0110  48  GLN A CB  
183 C CG  . GLN A 30 ? 0.5608 0.5415 0.5350 -0.0110 0.0055  0.0145  48  GLN A CG  
184 C CD  . GLN A 30 ? 0.6958 0.6695 0.6662 -0.0153 0.0046  0.0172  48  GLN A CD  
185 O OE1 . GLN A 30 ? 0.7415 0.7208 0.7126 -0.0215 0.0067  0.0176  48  GLN A OE1 
186 N NE2 . GLN A 30 ? 0.7264 0.6885 0.6933 -0.0119 0.0013  0.0184  48  GLN A NE2 
187 N N   . ARG A 31 ? 0.2958 0.2822 0.2751 -0.0018 0.0036  0.0096  49  ARG A N   
188 C CA  . ARG A 31 ? 0.3257 0.3055 0.2994 0.0021  -0.0003 0.0118  49  ARG A CA  
189 C C   . ARG A 31 ? 0.3127 0.2998 0.2874 0.0034  -0.0010 0.0085  49  ARG A C   
190 O O   . ARG A 31 ? 0.3916 0.3761 0.3565 0.0033  -0.0036 0.0109  49  ARG A O   
191 C CB  . ARG A 31 ? 0.3927 0.3687 0.3729 0.0077  -0.0019 0.0123  49  ARG A CB  
192 C CG  . ARG A 31 ? 0.4976 0.4647 0.4735 0.0072  -0.0025 0.0151  49  ARG A CG  
193 C CD  . ARG A 31 ? 0.5942 0.5590 0.5743 0.0135  -0.0039 0.0152  49  ARG A CD  
194 N NE  . ARG A 31 ? 0.6621 0.6179 0.6366 0.0136  -0.0048 0.0164  49  ARG A NE  
195 C CZ  . ARG A 31 ? 0.7191 0.6726 0.6948 0.0189  -0.0058 0.0160  49  ARG A CZ  
196 N NH1 . ARG A 31 ? 0.7297 0.6901 0.7126 0.0243  -0.0058 0.0156  49  ARG A NH1 
197 N NH2 . ARG A 31 ? 0.7606 0.7054 0.7304 0.0187  -0.0068 0.0157  49  ARG A NH2 
198 N N   . MET A 32 ? 0.2928 0.2885 0.2791 0.0046  0.0009  0.0031  50  MET A N   
199 C CA  . MET A 32 ? 0.3024 0.3053 0.2904 0.0052  -0.0001 -0.0018 50  MET A CA  
200 C C   . MET A 32 ? 0.2858 0.2923 0.2612 0.0009  0.0008  -0.0019 50  MET A C   
201 O O   . MET A 32 ? 0.3140 0.3211 0.2812 0.0012  -0.0023 -0.0011 50  MET A O   
202 C CB  . MET A 32 ? 0.3191 0.3292 0.3216 0.0059  0.0024  -0.0084 50  MET A CB  
203 C CG  . MET A 32 ? 0.3584 0.3663 0.3734 0.0097  0.0012  -0.0074 50  MET A CG  
204 S SD  . MET A 32 ? 0.4012 0.4116 0.4219 0.0121  -0.0028 -0.0100 50  MET A SD  
205 C CE  . MET A 32 ? 0.3562 0.3735 0.3851 0.0104  -0.0014 -0.0198 50  MET A CE  
206 N N   . LYS A 33 ? 0.2146 0.2248 0.1885 -0.0033 0.0048  -0.0024 51  LYS A N   
207 C CA  . LYS A 33 ? 0.2970 0.3129 0.2591 -0.0083 0.0066  -0.0019 51  LYS A CA  
208 C C   . LYS A 33 ? 0.2995 0.3068 0.2466 -0.0102 0.0030  0.0066  51  LYS A C   
209 O O   . LYS A 33 ? 0.3411 0.3518 0.2785 -0.0111 0.0011  0.0072  51  LYS A O   
210 C CB  . LYS A 33 ? 0.3306 0.3523 0.2949 -0.0128 0.0116  -0.0023 51  LYS A CB  
211 C CG  . LYS A 33 ? 0.4441 0.4721 0.3954 -0.0193 0.0139  0.0007  51  LYS A CG  
212 C CD  . LYS A 33 ? 0.5206 0.5572 0.4769 -0.0235 0.0192  -0.0004 51  LYS A CD  
213 C CE  . LYS A 33 ? 0.5658 0.6136 0.5369 -0.0195 0.0226  -0.0102 51  LYS A CE  
214 N NZ  . LYS A 33 ? 0.6066 0.6615 0.5869 -0.0217 0.0265  -0.0107 51  LYS A NZ  
215 N N   . ARG A 34 ? 0.3207 0.3162 0.2657 -0.0107 0.0018  0.0128  52  ARG A N   
216 C CA  . ARG A 34 ? 0.3418 0.3259 0.2734 -0.0124 -0.0019 0.0211  52  ARG A CA  
217 C C   . ARG A 34 ? 0.2914 0.2722 0.2188 -0.0071 -0.0072 0.0228  52  ARG A C   
218 O O   . ARG A 34 ? 0.3116 0.2924 0.2273 -0.0090 -0.0096 0.0274  52  ARG A O   
219 C CB  . ARG A 34 ? 0.4146 0.3853 0.3468 -0.0125 -0.0029 0.0253  52  ARG A CB  
220 C CG  . ARG A 34 ? 0.5158 0.4884 0.4478 -0.0198 0.0009  0.0266  52  ARG A CG  
221 C CD  . ARG A 34 ? 0.5915 0.5510 0.5249 -0.0198 -0.0008 0.0290  52  ARG A CD  
222 N NE  . ARG A 34 ? 0.6526 0.6159 0.5877 -0.0271 0.0025  0.0295  52  ARG A NE  
223 C CZ  . ARG A 34 ? 0.7102 0.6706 0.6518 -0.0273 0.0026  0.0279  52  ARG A CZ  
224 N NH1 . ARG A 34 ? 0.7249 0.6787 0.6709 -0.0204 0.0002  0.0258  52  ARG A NH1 
225 N NH2 . ARG A 34 ? 0.7277 0.6937 0.6715 -0.0343 0.0052  0.0285  52  ARG A NH2 
226 N N   . TRP A 35 ? 0.2582 0.2375 0.1956 -0.0007 -0.0091 0.0198  53  TRP A N   
227 C CA  . TRP A 35 ? 0.2925 0.2699 0.2282 0.0048  -0.0143 0.0215  53  TRP A CA  
228 C C   . TRP A 35 ? 0.3330 0.3229 0.2666 0.0040  -0.0154 0.0176  53  TRP A C   
229 O O   . TRP A 35 ? 0.3754 0.3652 0.2999 0.0051  -0.0198 0.0216  53  TRP A O   
230 C CB  . TRP A 35 ? 0.2823 0.2571 0.2296 0.0113  -0.0155 0.0195  53  TRP A CB  
231 C CG  . TRP A 35 ? 0.3441 0.3064 0.2903 0.0128  -0.0155 0.0232  53  TRP A CG  
232 C CD1 . TRP A 35 ? 0.4130 0.3740 0.3663 0.0122  -0.0124 0.0211  53  TRP A CD1 
233 C CD2 . TRP A 35 ? 0.4148 0.3636 0.3520 0.0153  -0.0195 0.0293  53  TRP A CD2 
234 N NE1 . TRP A 35 ? 0.4317 0.3798 0.3802 0.0138  -0.0139 0.0246  53  TRP A NE1 
235 C CE2 . TRP A 35 ? 0.4547 0.3941 0.3937 0.0159  -0.0183 0.0293  53  TRP A CE2 
236 C CE3 . TRP A 35 ? 0.4473 0.3907 0.3750 0.0173  -0.0244 0.0348  53  TRP A CE3 
237 C CZ2 . TRP A 35 ? 0.4948 0.4185 0.4270 0.0185  -0.0216 0.0335  53  TRP A CZ2 
238 C CZ3 . TRP A 35 ? 0.4918 0.4190 0.4132 0.0204  -0.0278 0.0399  53  TRP A CZ3 
239 C CH2 . TRP A 35 ? 0.4947 0.4116 0.4185 0.0210  -0.0263 0.0387  53  TRP A CH2 
240 N N   . ASP A 36 ? 0.3490 0.3497 0.2910 0.0025  -0.0118 0.0095  54  ASP A N   
241 C CA  . ASP A 36 ? 0.3774 0.3899 0.3167 0.0013  -0.0127 0.0041  54  ASP A CA  
242 C C   . ASP A 36 ? 0.3464 0.3620 0.2689 -0.0036 -0.0127 0.0083  54  ASP A C   
243 O O   . ASP A 36 ? 0.3679 0.3883 0.2815 -0.0033 -0.0167 0.0097  54  ASP A O   
244 C CB  . ASP A 36 ? 0.4413 0.4632 0.3921 0.0003  -0.0086 -0.0060 54  ASP A CB  
245 C CG  . ASP A 36 ? 0.5109 0.5441 0.4595 -0.0003 -0.0102 -0.0137 54  ASP A CG  
246 O OD1 . ASP A 36 ? 0.5320 0.5663 0.4820 0.0024  -0.0154 -0.0139 54  ASP A OD1 
247 O OD2 . ASP A 36 ? 0.5251 0.5673 0.4709 -0.0035 -0.0064 -0.0197 54  ASP A OD2 
248 N N   . ASN A 37 ? 0.3414 0.3557 0.2597 -0.0084 -0.0081 0.0111  55  ASN A N   
249 C CA  . ASN A 37 ? 0.3527 0.3706 0.2552 -0.0143 -0.0073 0.0166  55  ASN A CA  
250 C C   . ASN A 37 ? 0.3809 0.3886 0.2714 -0.0132 -0.0136 0.0272  55  ASN A C   
251 O O   . ASN A 37 ? 0.3719 0.3863 0.2507 -0.0147 -0.0161 0.0299  55  ASN A O   
252 C CB  . ASN A 37 ? 0.3915 0.4091 0.2929 -0.0204 -0.0016 0.0190  55  ASN A CB  
253 C CG  . ASN A 37 ? 0.4389 0.4710 0.3493 -0.0217 0.0046  0.0087  55  ASN A CG  
254 O OD1 . ASN A 37 ? 0.4531 0.4932 0.3709 -0.0180 0.0045  -0.0006 55  ASN A OD1 
255 N ND2 . ASN A 37 ? 0.4325 0.4680 0.3436 -0.0268 0.0097  0.0102  55  ASN A ND2 
256 N N   . ASP A 38 ? 0.3374 0.3293 0.2308 -0.0100 -0.0162 0.0329  56  ASP A N   
257 C CA  . ASP A 38 ? 0.3113 0.2917 0.1950 -0.0076 -0.0226 0.0427  56  ASP A CA  
258 C C   . ASP A 38 ? 0.3130 0.3005 0.1957 -0.0023 -0.0282 0.0414  56  ASP A C   
259 O O   . ASP A 38 ? 0.3263 0.3130 0.1966 -0.0026 -0.0328 0.0491  56  ASP A O   
260 C CB  . ASP A 38 ? 0.3659 0.3284 0.2544 -0.0036 -0.0245 0.0465  56  ASP A CB  
261 C CG  . ASP A 38 ? 0.4534 0.4049 0.3364 -0.0101 -0.0221 0.0524  56  ASP A CG  
262 O OD1 . ASP A 38 ? 0.4537 0.4132 0.3303 -0.0180 -0.0182 0.0537  56  ASP A OD1 
263 O OD2 . ASP A 38 ? 0.4750 0.4107 0.3602 -0.0076 -0.0240 0.0552  56  ASP A OD2 
264 N N   . VAL A 39 ? 0.3262 0.3213 0.2219 0.0022  -0.0280 0.0325  57  VAL A N   
265 C CA  . VAL A 39 ? 0.3104 0.3141 0.2068 0.0064  -0.0337 0.0305  57  VAL A CA  
266 C C   . VAL A 39 ? 0.3549 0.3728 0.2398 0.0016  -0.0339 0.0284  57  VAL A C   
267 O O   . VAL A 39 ? 0.3617 0.3828 0.2366 0.0027  -0.0398 0.0337  57  VAL A O   
268 C CB  . VAL A 39 ? 0.3127 0.3224 0.2265 0.0106  -0.0333 0.0214  57  VAL A CB  
269 C CG1 . VAL A 39 ? 0.3415 0.3629 0.2561 0.0129  -0.0389 0.0181  57  VAL A CG1 
270 C CG2 . VAL A 39 ? 0.3028 0.3011 0.2262 0.0162  -0.0338 0.0242  57  VAL A CG2 
271 N N   . GLN A 40 ? 0.3505 0.3777 0.2369 -0.0033 -0.0279 0.0205  58  GLN A N   
272 C CA  . GLN A 40 ? 0.3934 0.4360 0.2686 -0.0077 -0.0272 0.0167  58  GLN A CA  
273 C C   . GLN A 40 ? 0.3652 0.4065 0.2212 -0.0122 -0.0284 0.0285  58  GLN A C   
274 O O   . GLN A 40 ? 0.3774 0.4304 0.2209 -0.0143 -0.0310 0.0293  58  GLN A O   
275 C CB  . GLN A 40 ? 0.4959 0.5483 0.3773 -0.0111 -0.0198 0.0055  58  GLN A CB  
276 C CG  . GLN A 40 ? 0.6612 0.7077 0.5425 -0.0151 -0.0134 0.0096  58  GLN A CG  
277 C CD  . GLN A 40 ? 0.7940 0.8518 0.6822 -0.0176 -0.0063 -0.0013 58  GLN A CD  
278 O OE1 . GLN A 40 ? 0.8504 0.9158 0.7477 -0.0150 -0.0059 -0.0129 58  GLN A OE1 
279 N NE2 . GLN A 40 ? 0.8257 0.8846 0.7106 -0.0226 -0.0006 0.0021  58  GLN A NE2 
280 N N   . LEU A 41 ? 0.3316 0.3587 0.1853 -0.0141 -0.0268 0.0378  59  LEU A N   
281 C CA  . LEU A 41 ? 0.3623 0.3855 0.1988 -0.0195 -0.0279 0.0506  59  LEU A CA  
282 C C   . LEU A 41 ? 0.3411 0.3554 0.1695 -0.0152 -0.0367 0.0615  59  LEU A C   
283 O O   . LEU A 41 ? 0.3849 0.4040 0.1975 -0.0186 -0.0398 0.0699  59  LEU A O   
284 C CB  . LEU A 41 ? 0.4774 0.4868 0.3157 -0.0237 -0.0238 0.0565  59  LEU A CB  
285 C CG  . LEU A 41 ? 0.5896 0.6079 0.4331 -0.0295 -0.0149 0.0496  59  LEU A CG  
286 C CD1 . LEU A 41 ? 0.5784 0.6171 0.4267 -0.0289 -0.0111 0.0359  59  LEU A CD1 
287 C CD2 . LEU A 41 ? 0.6421 0.6473 0.4997 -0.0275 -0.0130 0.0477  59  LEU A CD2 
288 N N   . LEU A 42 ? 0.3085 0.3104 0.1476 -0.0076 -0.0408 0.0618  60  LEU A N   
289 C CA  . LEU A 42 ? 0.2968 0.2899 0.1309 -0.0017 -0.0495 0.0715  60  LEU A CA  
290 C C   . LEU A 42 ? 0.2977 0.3074 0.1308 0.0017  -0.0547 0.0671  60  LEU A C   
291 O O   . LEU A 42 ? 0.3527 0.3626 0.1763 0.0043  -0.0619 0.0759  60  LEU A O   
292 C CB  . LEU A 42 ? 0.2888 0.2650 0.1355 0.0060  -0.0516 0.0721  60  LEU A CB  
293 C CG  . LEU A 42 ? 0.3584 0.3159 0.2053 0.0032  -0.0483 0.0769  60  LEU A CG  
294 C CD1 . LEU A 42 ? 0.3478 0.2916 0.2069 0.0117  -0.0504 0.0750  60  LEU A CD1 
295 C CD2 . LEU A 42 ? 0.4189 0.3651 0.2497 -0.0017 -0.0514 0.0910  60  LEU A CD2 
296 N N   . GLY A 43 ? 0.2227 0.2664 0.1713 -0.0571 -0.0237 -0.0999 61  GLY A N   
297 C CA  . GLY A 43 ? 0.2684 0.3106 0.2093 -0.0648 -0.0329 -0.1074 61  GLY A CA  
298 C C   . GLY A 43 ? 0.3054 0.3487 0.2666 -0.0657 -0.0461 -0.0986 61  GLY A C   
299 O O   . GLY A 43 ? 0.3400 0.3856 0.2980 -0.0729 -0.0572 -0.1022 61  GLY A O   
300 N N   . THR A 44 ? 0.2706 0.3129 0.2533 -0.0588 -0.0449 -0.0869 62  THR A N   
301 C CA  . THR A 44 ? 0.2705 0.3134 0.2751 -0.0594 -0.0541 -0.0768 62  THR A CA  
302 C C   . THR A 44 ? 0.2691 0.3043 0.2967 -0.0509 -0.0454 -0.0703 62  THR A C   
303 O O   . THR A 44 ? 0.2504 0.2840 0.2772 -0.0437 -0.0374 -0.0690 62  THR A O   
304 C CB  . THR A 44 ? 0.3023 0.3610 0.3050 -0.0593 -0.0677 -0.0615 62  THR A CB  
305 O OG1 . THR A 44 ? 0.3125 0.3725 0.3414 -0.0598 -0.0754 -0.0514 62  THR A OG1 
306 C CG2 . THR A 44 ? 0.2531 0.3178 0.2505 -0.0521 -0.0626 -0.0501 62  THR A CG2 
307 N N   . GLU A 45 ? 0.2642 0.2953 0.3124 -0.0514 -0.0466 -0.0665 63  GLU A N   
308 C CA  . GLU A 45 ? 0.3019 0.3259 0.3715 -0.0411 -0.0394 -0.0582 63  GLU A CA  
309 C C   . GLU A 45 ? 0.2895 0.3241 0.3636 -0.0372 -0.0440 -0.0409 63  GLU A C   
310 O O   . GLU A 45 ? 0.3083 0.3355 0.3932 -0.0273 -0.0388 -0.0326 63  GLU A O   
311 C CB  . GLU A 45 ? 0.3971 0.4115 0.4872 -0.0415 -0.0365 -0.0603 63  GLU A CB  
312 C CG  . GLU A 45 ? 0.4848 0.4837 0.5818 -0.0371 -0.0258 -0.0716 63  GLU A CG  
313 C CD  . GLU A 45 ? 0.5472 0.5366 0.6667 -0.0362 -0.0218 -0.0703 63  GLU A CD  
314 O OE1 . GLU A 45 ? 0.5682 0.5631 0.6975 -0.0402 -0.0274 -0.0628 63  GLU A OE1 
315 O OE2 . GLU A 45 ? 0.5604 0.5379 0.6891 -0.0315 -0.0124 -0.0756 63  GLU A OE2 
316 N N   . ILE A 46 ? 0.2551 0.3071 0.3208 -0.0444 -0.0536 -0.0351 64  ILE A N   
317 C CA  . ILE A 46 ? 0.2506 0.3132 0.3243 -0.0375 -0.0555 -0.0195 64  ILE A CA  
318 C C   . ILE A 46 ? 0.2467 0.3213 0.3039 -0.0360 -0.0609 -0.0156 64  ILE A C   
319 O O   . ILE A 46 ? 0.2830 0.3685 0.3381 -0.0370 -0.0693 -0.0095 64  ILE A O   
320 C CB  . ILE A 46 ? 0.3095 0.3802 0.3998 -0.0399 -0.0604 -0.0145 64  ILE A CB  
321 C CG1 . ILE A 46 ? 0.3363 0.3928 0.4425 -0.0421 -0.0557 -0.0206 64  ILE A CG1 
322 C CG2 . ILE A 46 ? 0.3207 0.3901 0.4204 -0.0304 -0.0589 0.0042  64  ILE A CG2 
323 C CD1 . ILE A 46 ? 0.4025 0.4694 0.5242 -0.0492 -0.0614 -0.0207 64  ILE A CD1 
324 N N   . PRO A 47 ? 0.2235 0.2919 0.2688 -0.0332 -0.0565 -0.0163 65  PRO A N   
325 C CA  . PRO A 47 ? 0.2255 0.2998 0.2503 -0.0332 -0.0587 -0.0074 65  PRO A CA  
326 C C   . PRO A 47 ? 0.2237 0.2995 0.2559 -0.0265 -0.0583 0.0130  65  PRO A C   
327 O O   . PRO A 47 ? 0.2062 0.2739 0.2561 -0.0206 -0.0536 0.0190  65  PRO A O   
328 C CB  . PRO A 47 ? 0.2308 0.2991 0.2470 -0.0326 -0.0498 -0.0129 65  PRO A CB  
329 C CG  . PRO A 47 ? 0.2498 0.3048 0.2873 -0.0262 -0.0440 -0.0162 65  PRO A CG  
330 C CD  . PRO A 47 ? 0.2428 0.2969 0.2916 -0.0305 -0.0477 -0.0219 65  PRO A CD  
331 N N   . LYS A 48 ? 0.2627 0.3463 0.2800 -0.0273 -0.0611 0.0235  66  LYS A N   
332 C CA  . LYS A 48 ? 0.2948 0.3762 0.3197 -0.0208 -0.0577 0.0420  66  LYS A CA  
333 C C   . LYS A 48 ? 0.2848 0.3558 0.3087 -0.0166 -0.0476 0.0459  66  LYS A C   
334 O O   . LYS A 48 ? 0.2569 0.3304 0.2659 -0.0201 -0.0460 0.0403  66  LYS A O   
335 C CB  . LYS A 48 ? 0.3738 0.4668 0.3851 -0.0227 -0.0636 0.0522  66  LYS A CB  
336 C CG  . LYS A 48 ? 0.5295 0.6355 0.5403 -0.0274 -0.0761 0.0482  66  LYS A CG  
337 C CD  . LYS A 48 ? 0.5819 0.6891 0.6196 -0.0239 -0.0778 0.0537  66  LYS A CD  
338 C CE  . LYS A 48 ? 0.6476 0.7710 0.6875 -0.0291 -0.0917 0.0499  66  LYS A CE  
339 N NZ  . LYS A 48 ? 0.7072 0.8431 0.7294 -0.0302 -0.1001 0.0592  66  LYS A NZ  
340 N N   . ILE A 49 ? 0.2757 0.3352 0.3143 -0.0102 -0.0397 0.0536  67  ILE A N   
341 C CA  . ILE A 49 ? 0.2795 0.3273 0.3178 -0.0065 -0.0300 0.0543  67  ILE A CA  
342 C C   . ILE A 49 ? 0.3076 0.3533 0.3451 -0.0041 -0.0237 0.0645  67  ILE A C   
343 O O   . ILE A 49 ? 0.3042 0.3508 0.3517 -0.0017 -0.0222 0.0704  67  ILE A O   
344 C CB  . ILE A 49 ? 0.2819 0.3156 0.3319 -0.0023 -0.0228 0.0485  67  ILE A CB  
345 C CG1 . ILE A 49 ? 0.2707 0.3039 0.3246 -0.0031 -0.0272 0.0386  67  ILE A CG1 
346 C CG2 . ILE A 49 ? 0.2623 0.2858 0.3092 0.0004  -0.0145 0.0452  67  ILE A CG2 
347 C CD1 . ILE A 49 ? 0.2845 0.3234 0.3333 -0.0057 -0.0308 0.0282  67  ILE A CD1 
348 N N   . THR A 50 ? 0.2492 0.2925 0.2760 -0.0050 -0.0193 0.0659  68  THR A N   
349 C CA  A THR A 50 ? 0.2697 0.3061 0.2969 -0.0020 -0.0115 0.0723  68  THR A CA  
350 C CA  B THR A 50 ? 0.2702 0.3068 0.2969 -0.0021 -0.0116 0.0724  68  THR A CA  
351 C C   . THR A 50 ? 0.2866 0.3080 0.3167 -0.0001 -0.0022 0.0650  68  THR A C   
352 O O   . THR A 50 ? 0.2700 0.2892 0.2971 -0.0027 -0.0010 0.0589  68  THR A O   
353 C CB  A THR A 50 ? 0.2961 0.3390 0.3063 -0.0054 -0.0122 0.0801  68  THR A CB  
354 C CB  B THR A 50 ? 0.2908 0.3334 0.2994 -0.0060 -0.0116 0.0791  68  THR A CB  
355 O OG1 A THR A 50 ? 0.2715 0.3188 0.2658 -0.0116 -0.0115 0.0744  68  THR A OG1 
356 O OG1 B THR A 50 ? 0.3332 0.3909 0.3336 -0.0086 -0.0221 0.0837  68  THR A OG1 
357 C CG2 A THR A 50 ? 0.3398 0.3970 0.3463 -0.0064 -0.0223 0.0875  68  THR A CG2 
358 C CG2 B THR A 50 ? 0.3034 0.3355 0.3135 -0.0027 -0.0031 0.0859  68  THR A CG2 
359 N N   . TRP A 51 ? 0.2785 0.2910 0.3146 0.0037  0.0037  0.0656  69  TRP A N   
360 C CA  . TRP A 51 ? 0.2909 0.2900 0.3277 0.0044  0.0106  0.0573  69  TRP A CA  
361 C C   . TRP A 51 ? 0.3281 0.3184 0.3601 0.0017  0.0175  0.0593  69  TRP A C   
362 O O   . TRP A 51 ? 0.3837 0.3751 0.4132 0.0018  0.0191  0.0687  69  TRP A O   
363 C CB  . TRP A 51 ? 0.2810 0.2771 0.3271 0.0088  0.0138  0.0554  69  TRP A CB  
364 C CG  . TRP A 51 ? 0.2779 0.2824 0.3308 0.0098  0.0099  0.0537  69  TRP A CG  
365 C CD1 . TRP A 51 ? 0.3158 0.3308 0.3803 0.0108  0.0080  0.0611  69  TRP A CD1 
366 C CD2 . TRP A 51 ? 0.2669 0.2696 0.3164 0.0087  0.0079  0.0448  69  TRP A CD2 
367 N NE1 . TRP A 51 ? 0.3002 0.3186 0.3687 0.0096  0.0058  0.0569  69  TRP A NE1 
368 C CE2 . TRP A 51 ? 0.3054 0.3159 0.3643 0.0088  0.0059  0.0471  69  TRP A CE2 
369 C CE3 . TRP A 51 ? 0.2240 0.2189 0.2646 0.0075  0.0076  0.0363  69  TRP A CE3 
370 C CZ2 . TRP A 51 ? 0.2933 0.3026 0.3513 0.0078  0.0046  0.0410  69  TRP A CZ2 
371 C CZ3 . TRP A 51 ? 0.2695 0.2648 0.3095 0.0077  0.0052  0.0308  69  TRP A CZ3 
372 C CH2 . TRP A 51 ? 0.2986 0.3002 0.3463 0.0078  0.0043  0.0332  69  TRP A CH2 
373 N N   . GLU A 52 ? 0.2873 0.2696 0.3186 -0.0014 0.0217  0.0511  70  GLU A N   
374 C CA  . GLU A 52 ? 0.3445 0.3182 0.3753 -0.0059 0.0292  0.0507  70  GLU A CA  
375 C C   . GLU A 52 ? 0.3432 0.3057 0.3793 -0.0043 0.0332  0.0442  70  GLU A C   
376 O O   . GLU A 52 ? 0.3013 0.2632 0.3378 -0.0013 0.0303  0.0385  70  GLU A O   
377 C CB  . GLU A 52 ? 0.4082 0.3864 0.4377 -0.0135 0.0318  0.0456  70  GLU A CB  
378 C CG  . GLU A 52 ? 0.5116 0.5030 0.5334 -0.0157 0.0296  0.0510  70  GLU A CG  
379 C CD  . GLU A 52 ? 0.6008 0.6018 0.6245 -0.0235 0.0351  0.0436  70  GLU A CD  
380 O OE1 . GLU A 52 ? 0.5924 0.5909 0.6272 -0.0268 0.0383  0.0333  70  GLU A OE1 
381 O OE2 . GLU A 52 ? 0.6492 0.6630 0.6637 -0.0260 0.0358  0.0467  70  GLU A OE2 
382 N N   . LYS A 53 ? 0.3434 0.2964 0.3823 -0.0065 0.0407  0.0453  71  LYS A N   
383 C CA  . LYS A 53 ? 0.3692 0.3106 0.4124 -0.0054 0.0462  0.0394  71  LYS A CA  
384 C C   . LYS A 53 ? 0.3348 0.2732 0.3765 -0.0091 0.0445  0.0271  71  LYS A C   
385 O O   . LYS A 53 ? 0.3608 0.3028 0.4041 -0.0153 0.0432  0.0215  71  LYS A O   
386 C CB  . LYS A 53 ? 0.4723 0.4029 0.5209 -0.0084 0.0559  0.0416  71  LYS A CB  
387 C CG  . LYS A 53 ? 0.5489 0.4655 0.6012 -0.0089 0.0633  0.0338  71  LYS A CG  
388 C CD  . LYS A 53 ? 0.6417 0.5463 0.7013 -0.0124 0.0742  0.0351  71  LYS A CD  
389 C CE  . LYS A 53 ? 0.6784 0.5867 0.7398 -0.0203 0.0747  0.0351  71  LYS A CE  
390 N NZ  . LYS A 53 ? 0.7237 0.6191 0.7938 -0.0274 0.0852  0.0291  71  LYS A NZ  
391 N N   . ILE A 54 ? 0.3305 0.2630 0.3695 -0.0057 0.0450  0.0230  72  ILE A N   
392 C CA  . ILE A 54 ? 0.3451 0.2720 0.3796 -0.0091 0.0429  0.0118  72  ILE A CA  
393 C C   . ILE A 54 ? 0.4010 0.3146 0.4370 -0.0159 0.0500  0.0028  72  ILE A C   
394 O O   . ILE A 54 ? 0.4169 0.3202 0.4537 -0.0142 0.0582  0.0045  72  ILE A O   
395 C CB  . ILE A 54 ? 0.3515 0.2770 0.3786 -0.0030 0.0406  0.0118  72  ILE A CB  
396 C CG1 . ILE A 54 ? 0.2869 0.2271 0.3141 0.0018  0.0327  0.0177  72  ILE A CG1 
397 C CG2 . ILE A 54 ? 0.3927 0.3083 0.4109 -0.0062 0.0385  0.0003  72  ILE A CG2 
398 C CD1 . ILE A 54 ? 0.2593 0.2009 0.2830 0.0069  0.0326  0.0186  72  ILE A CD1 
399 N N   . GLU A 55 ? 0.3651 0.2802 0.4035 -0.0243 0.0465  -0.0079 73  GLU A N   
400 C CA  . GLU A 55 ? 0.4066 0.3120 0.4465 -0.0328 0.0501  -0.0197 73  GLU A CA  
401 C C   . GLU A 55 ? 0.3526 0.2518 0.3800 -0.0339 0.0433  -0.0316 73  GLU A C   
402 O O   . GLU A 55 ? 0.3494 0.2584 0.3741 -0.0351 0.0323  -0.0383 73  GLU A O   
403 C CB  . GLU A 55 ? 0.4565 0.3724 0.5088 -0.0422 0.0483  -0.0260 73  GLU A CB  
404 C CG  . GLU A 55 ? 0.5234 0.4430 0.5847 -0.0420 0.0557  -0.0151 73  GLU A CG  
405 C CD  . GLU A 55 ? 0.6468 0.5519 0.7077 -0.0382 0.0663  -0.0066 73  GLU A CD  
406 O OE1 . GLU A 55 ? 0.6752 0.5668 0.7356 -0.0409 0.0717  -0.0139 73  GLU A OE1 
407 O OE2 . GLU A 55 ? 0.7217 0.6297 0.7829 -0.0323 0.0687  0.0069  73  GLU A OE2 
408 N N   . ARG A 56 ? 0.3447 0.2281 0.3638 -0.0328 0.0500  -0.0345 74  ARG A N   
409 C CA  . ARG A 56 ? 0.3517 0.2269 0.3542 -0.0342 0.0442  -0.0468 74  ARG A CA  
410 C C   . ARG A 56 ? 0.3429 0.2041 0.3432 -0.0424 0.0501  -0.0585 74  ARG A C   
411 O O   . ARG A 56 ? 0.3504 0.2032 0.3603 -0.0434 0.0627  -0.0538 74  ARG A O   
412 C CB  . ARG A 56 ? 0.3841 0.2532 0.3743 -0.0238 0.0472  -0.0396 74  ARG A CB  
413 C CG  . ARG A 56 ? 0.4030 0.2660 0.3995 -0.0181 0.0611  -0.0278 74  ARG A CG  
414 C CD  . ARG A 56 ? 0.3774 0.2447 0.3691 -0.0081 0.0620  -0.0178 74  ARG A CD  
415 N NE  . ARG A 56 ? 0.3978 0.2542 0.3702 -0.0070 0.0612  -0.0259 74  ARG A NE  
416 C CZ  . ARG A 56 ? 0.3800 0.2380 0.3457 0.0004  0.0628  -0.0188 74  ARG A CZ  
417 N NH1 . ARG A 56 ? 0.3245 0.1983 0.3043 0.0063  0.0631  -0.0054 74  ARG A NH1 
418 N NH2 . ARG A 56 ? 0.3545 0.2000 0.2989 0.0014  0.0637  -0.0261 74  ARG A NH2 
419 N N   . SER A 57 ? 0.3520 0.2114 0.3393 -0.0479 0.0400  -0.0740 75  SER A N   
420 C CA  . SER A 57 ? 0.4449 0.2920 0.4292 -0.0572 0.0431  -0.0876 75  SER A CA  
421 C C   . SER A 57 ? 0.4948 0.3203 0.4710 -0.0532 0.0594  -0.0855 75  SER A C   
422 O O   . SER A 57 ? 0.4983 0.3183 0.4606 -0.0445 0.0623  -0.0808 75  SER A O   
423 C CB  . SER A 57 ? 0.5071 0.3589 0.4751 -0.0625 0.0261  -0.1041 75  SER A CB  
424 O OG  . SER A 57 ? 0.5734 0.4164 0.5413 -0.0737 0.0266  -0.1184 75  SER A OG  
425 N N   . LEU A 58 ? 0.4714 0.2850 0.4581 -0.0595 0.0713  -0.0885 76  LEU A N   
426 C CA  . LEU A 58 ? 0.5220 0.3146 0.5037 -0.0565 0.0883  -0.0875 76  LEU A CA  
427 C C   . LEU A 58 ? 0.5611 0.3382 0.5224 -0.0635 0.0865  -0.1073 76  LEU A C   
428 O O   . LEU A 58 ? 0.6352 0.3934 0.5876 -0.0612 0.1004  -0.1094 76  LEU A O   
429 C CB  . LEU A 58 ? 0.5277 0.3138 0.5310 -0.0584 0.1035  -0.0805 76  LEU A CB  
430 C CG  . LEU A 58 ? 0.5410 0.3407 0.5611 -0.0495 0.1069  -0.0601 76  LEU A CG  
431 C CD1 . LEU A 58 ? 0.5657 0.3569 0.6042 -0.0504 0.1219  -0.0539 76  LEU A CD1 
432 C CD2 . LEU A 58 ? 0.5622 0.3657 0.5761 -0.0367 0.1092  -0.0470 76  LEU A CD2 
433 N N   . THR A 59 ? 0.5494 0.3357 0.5034 -0.0717 0.0691  -0.1219 77  THR A N   
434 C CA  . THR A 59 ? 0.6325 0.4072 0.5643 -0.0788 0.0633  -0.1422 77  THR A CA  
435 C C   . THR A 59 ? 0.6190 0.4077 0.5289 -0.0757 0.0427  -0.1487 77  THR A C   
436 O O   . THR A 59 ? 0.5306 0.3399 0.4483 -0.0728 0.0298  -0.1415 77  THR A O   
437 C CB  . THR A 59 ? 0.6780 0.4508 0.6216 -0.0938 0.0600  -0.1568 77  THR A CB  
438 O OG1 . THR A 59 ? 0.6373 0.4338 0.5989 -0.0984 0.0459  -0.1537 77  THR A OG1 
439 C CG2 . THR A 59 ? 0.7105 0.4654 0.6724 -0.0967 0.0825  -0.1526 77  THR A CG2 
440 N N   . ASP A 60 ? 0.6856 0.4627 0.5669 -0.0761 0.0404  -0.1625 78  ASP A N   
441 C CA  . ASP A 60 ? 0.7224 0.5125 0.5788 -0.0722 0.0211  -0.1692 78  ASP A CA  
442 C C   . ASP A 60 ? 0.6329 0.4363 0.4906 -0.0595 0.0202  -0.1520 78  ASP A C   
443 O O   . ASP A 60 ? 0.6119 0.4358 0.4672 -0.0569 0.0023  -0.1510 78  ASP A O   
444 C CB  . ASP A 60 ? 0.8083 0.6165 0.6703 -0.0819 -0.0022 -0.1797 78  ASP A CB  
445 C CG  . ASP A 60 ? 0.9363 0.7330 0.8053 -0.0968 -0.0004 -0.1951 78  ASP A CG  
446 O OD1 . ASP A 60 ? 0.9711 0.7459 0.8224 -0.0994 0.0103  -0.2068 78  ASP A OD1 
447 O OD2 . ASP A 60 ? 0.9812 0.7905 0.8742 -0.1064 -0.0081 -0.1956 78  ASP A OD2 
448 N N   . VAL A 61 ? 0.5957 0.3870 0.4583 -0.0518 0.0396  -0.1379 79  VAL A N   
449 C CA  . VAL A 61 ? 0.5242 0.3258 0.3934 -0.0410 0.0411  -0.1199 79  VAL A CA  
450 C C   . VAL A 61 ? 0.4945 0.3034 0.3375 -0.0340 0.0320  -0.1206 79  VAL A C   
451 O O   . VAL A 61 ? 0.4535 0.2754 0.3015 -0.0273 0.0270  -0.1089 79  VAL A O   
452 C CB  . VAL A 61 ? 0.5407 0.3285 0.4209 -0.0344 0.0627  -0.1039 79  VAL A CB  
453 C CG1 . VAL A 61 ? 0.5675 0.3529 0.4749 -0.0396 0.0717  -0.0995 79  VAL A CG1 
454 C CG2 . VAL A 61 ? 0.5709 0.3376 0.4286 -0.0324 0.0765  -0.1091 79  VAL A CG2 
455 N N   . GLU A 62 ? 0.5720 0.3723 0.3856 -0.0356 0.0306  -0.1338 80  GLU A N   
456 C CA  . GLU A 62 ? 0.6564 0.4640 0.4411 -0.0293 0.0235  -0.1329 80  GLU A CA  
457 C C   . GLU A 62 ? 0.6728 0.5094 0.4588 -0.0308 -0.0007 -0.1371 80  GLU A C   
458 O O   . GLU A 62 ? 0.6484 0.4963 0.4140 -0.0255 -0.0080 -0.1319 80  GLU A O   
459 C CB  . GLU A 62 ? 0.7415 0.5329 0.4920 -0.0309 0.0292  -0.1458 80  GLU A CB  
460 C CG  . GLU A 62 ? 0.8045 0.5689 0.5525 -0.0268 0.0551  -0.1383 80  GLU A CG  
461 C CD  . GLU A 62 ? 0.9423 0.6874 0.6610 -0.0311 0.0628  -0.1549 80  GLU A CD  
462 O OE1 . GLU A 62 ? 1.0319 0.7846 0.7334 -0.0381 0.0471  -0.1735 80  GLU A OE1 
463 O OE2 . GLU A 62 ? 0.9514 0.6746 0.6654 -0.0274 0.0845  -0.1493 80  GLU A OE2 
464 N N   . ASP A 63 ? 0.6892 0.5368 0.4995 -0.0381 -0.0122 -0.1438 81  ASP A N   
465 C CA  . ASP A 63 ? 0.7172 0.5941 0.5369 -0.0392 -0.0353 -0.1466 81  ASP A CA  
466 C C   . ASP A 63 ? 0.6615 0.5539 0.5054 -0.0346 -0.0358 -0.1314 81  ASP A C   
467 O O   . ASP A 63 ? 0.6847 0.6066 0.5410 -0.0360 -0.0500 -0.1296 81  ASP A O   
468 C CB  . ASP A 63 ? 0.7756 0.6504 0.6071 -0.0502 -0.0489 -0.1583 81  ASP A CB  
469 C CG  . ASP A 63 ? 0.8858 0.7464 0.6931 -0.0568 -0.0504 -0.1762 81  ASP A CG  
470 O OD1 . ASP A 63 ? 0.9323 0.7925 0.7095 -0.0513 -0.0485 -0.1811 81  ASP A OD1 
471 O OD2 . ASP A 63 ? 0.9163 0.7668 0.7342 -0.0691 -0.0517 -0.1850 81  ASP A OD2 
472 N N   . GLU A 64 ? 0.6193 0.4955 0.4728 -0.0304 -0.0180 -0.1180 82  GLU A N   
473 C CA  . GLU A 64 ? 0.5755 0.4628 0.4500 -0.0263 -0.0181 -0.1044 82  GLU A CA  
474 C C   . GLU A 64 ? 0.5049 0.3974 0.3592 -0.0180 -0.0223 -0.0934 82  GLU A C   
475 O O   . GLU A 64 ? 0.5108 0.3847 0.3432 -0.0102 -0.0119 -0.0860 82  GLU A O   
476 C CB  . GLU A 64 ? 0.6635 0.5326 0.5517 -0.0226 0.0010  -0.0915 82  GLU A CB  
477 C CG  . GLU A 64 ? 0.7620 0.6237 0.6708 -0.0301 0.0087  -0.0931 82  GLU A CG  
478 C CD  . GLU A 64 ? 0.8230 0.6731 0.7439 -0.0247 0.0271  -0.0776 82  GLU A CD  
479 O OE1 . GLU A 64 ? 0.8244 0.6638 0.7328 -0.0173 0.0368  -0.0709 82  GLU A OE1 
480 O OE2 . GLU A 64 ? 0.8388 0.6929 0.7822 -0.0277 0.0316  -0.0709 82  GLU A OE2 
481 N N   . LYS A 65 ? 0.4192 0.3342 0.2816 -0.0178 -0.0379 -0.0891 83  LYS A N   
482 C CA  . LYS A 65 ? 0.4240 0.3408 0.2745 -0.0041 -0.0446 -0.0741 83  LYS A CA  
483 C C   . LYS A 65 ? 0.4135 0.3290 0.2848 0.0042  -0.0409 -0.0623 83  LYS A C   
484 O O   . LYS A 65 ? 0.3935 0.3080 0.2599 0.0162  -0.0410 -0.0492 83  LYS A O   
485 C CB  . LYS A 65 ? 0.4808 0.4246 0.3311 -0.0039 -0.0649 -0.0733 83  LYS A CB  
486 C CG  . LYS A 65 ? 0.5331 0.4792 0.3566 -0.0114 -0.0702 -0.0836 83  LYS A CG  
487 C CD  . LYS A 65 ? 0.5957 0.5188 0.3829 -0.0027 -0.0601 -0.0788 83  LYS A CD  
488 C CE  . LYS A 65 ? 0.6744 0.6015 0.4327 -0.0098 -0.0654 -0.0905 83  LYS A CE  
489 N NZ  . LYS A 65 ? 0.6921 0.6046 0.4470 -0.0189 -0.0526 -0.1090 83  LYS A NZ  
490 N N   . THR A 66 ? 0.3961 0.3141 0.2943 -0.0030 -0.0351 -0.0657 84  THR A N   
491 C CA  . THR A 66 ? 0.4118 0.3391 0.3375 0.0021  -0.0311 -0.0536 84  THR A CA  
492 C C   . THR A 66 ? 0.3945 0.3108 0.3364 -0.0038 -0.0159 -0.0526 84  THR A C   
493 O O   . THR A 66 ? 0.3960 0.3067 0.3413 -0.0146 -0.0127 -0.0636 84  THR A O   
494 C CB  . THR A 66 ? 0.4736 0.4304 0.4237 0.0007  -0.0459 -0.0550 84  THR A CB  
495 O OG1 . THR A 66 ? 0.5247 0.4927 0.4636 0.0090  -0.0601 -0.0517 84  THR A OG1 
496 C CG2 . THR A 66 ? 0.4729 0.4379 0.4482 0.0044  -0.0396 -0.0448 84  THR A CG2 
497 N N   . LEU A 67 ? 0.3049 0.2183 0.2573 0.0031  -0.0070 -0.0388 85  LEU A N   
498 C CA  . LEU A 67 ? 0.2769 0.1848 0.2465 -0.0007 0.0050  -0.0339 85  LEU A CA  
499 C C   . LEU A 67 ? 0.2348 0.1638 0.2265 -0.0008 0.0000  -0.0282 85  LEU A C   
500 O O   . LEU A 67 ? 0.2457 0.1846 0.2404 0.0065  -0.0049 -0.0213 85  LEU A O   
501 C CB  . LEU A 67 ? 0.2626 0.1637 0.2328 0.0064  0.0161  -0.0204 85  LEU A CB  
502 C CG  . LEU A 67 ? 0.3030 0.1887 0.2579 0.0064  0.0250  -0.0233 85  LEU A CG  
503 C CD1 . LEU A 67 ? 0.2691 0.1588 0.2324 0.0115  0.0343  -0.0095 85  LEU A CD1 
504 C CD2 . LEU A 67 ? 0.3338 0.2125 0.2902 -0.0026 0.0281  -0.0335 85  LEU A CD2 
505 N N   . LEU A 68 ? 0.2320 0.1666 0.2387 -0.0093 0.0029  -0.0314 86  LEU A N   
506 C CA  . LEU A 68 ? 0.2307 0.1840 0.2549 -0.0102 0.0008  -0.0269 86  LEU A CA  
507 C C   . LEU A 68 ? 0.2049 0.1514 0.2333 -0.0081 0.0109  -0.0137 86  LEU A C   
508 O O   . LEU A 68 ? 0.2155 0.1552 0.2441 -0.0115 0.0191  -0.0099 86  LEU A O   
509 C CB  . LEU A 68 ? 0.2805 0.2456 0.3191 -0.0208 -0.0007 -0.0366 86  LEU A CB  
510 C CG  . LEU A 68 ? 0.3070 0.2920 0.3628 -0.0224 -0.0009 -0.0342 86  LEU A CG  
511 C CD1 . LEU A 68 ? 0.3182 0.3186 0.3762 -0.0144 -0.0109 -0.0344 86  LEU A CD1 
512 C CD2 . LEU A 68 ? 0.3416 0.3371 0.4106 -0.0318 0.0005  -0.0413 86  LEU A CD2 
513 N N   . VAL A 69 ? 0.1553 0.1094 0.1851 -0.0013 0.0080  -0.0054 87  VAL A N   
514 C CA  . VAL A 69 ? 0.1649 0.1226 0.1952 0.0009  0.0123  0.0066  87  VAL A CA  
515 C C   . VAL A 69 ? 0.1568 0.1271 0.1974 -0.0019 0.0105  0.0084  87  VAL A C   
516 O O   . VAL A 69 ? 0.1841 0.1649 0.2259 0.0013  0.0040  0.0064  87  VAL A O   
517 C CB  . VAL A 69 ? 0.1610 0.1223 0.1826 0.0070  0.0087  0.0109  87  VAL A CB  
518 C CG1 . VAL A 69 ? 0.1998 0.1695 0.2245 0.0072  0.0104  0.0179  87  VAL A CG1 
519 C CG2 . VAL A 69 ? 0.2157 0.1660 0.2277 0.0091  0.0102  0.0084  87  VAL A CG2 
520 N N   . PRO A 70 ? 0.1849 0.1568 0.2291 -0.0079 0.0166  0.0116  88  PRO A N   
521 C CA  . PRO A 70 ? 0.1886 0.1754 0.2344 -0.0110 0.0162  0.0134  88  PRO A CA  
522 C C   . PRO A 70 ? 0.2001 0.1894 0.2413 -0.0072 0.0146  0.0257  88  PRO A C   
523 O O   . PRO A 70 ? 0.1795 0.1626 0.2166 -0.0030 0.0156  0.0320  88  PRO A O   
524 C CB  . PRO A 70 ? 0.2033 0.1873 0.2530 -0.0187 0.0256  0.0147  88  PRO A CB  
525 C CG  . PRO A 70 ? 0.2403 0.2089 0.2847 -0.0155 0.0284  0.0178  88  PRO A CG  
526 C CD  . PRO A 70 ? 0.2015 0.1634 0.2436 -0.0111 0.0238  0.0119  88  PRO A CD  
527 N N   . PHE A 71 ? 0.1655 0.1686 0.2037 -0.0079 0.0099  0.0232  89  PHE A N   
528 C CA  . PHE A 71 ? 0.1410 0.1496 0.1738 -0.0066 0.0062  0.0335  89  PHE A CA  
529 C C   . PHE A 71 ? 0.1756 0.1981 0.2001 -0.0110 0.0043  0.0276  89  PHE A C   
530 O O   . PHE A 71 ? 0.1520 0.1793 0.1788 -0.0131 0.0061  0.0151  89  PHE A O   
531 C CB  . PHE A 71 ? 0.1655 0.1713 0.2035 -0.0007 0.0000  0.0361  89  PHE A CB  
532 C CG  . PHE A 71 ? 0.1817 0.1905 0.2225 0.0010  -0.0048 0.0239  89  PHE A CG  
533 C CD1 . PHE A 71 ? 0.1849 0.1860 0.2289 0.0043  -0.0040 0.0172  89  PHE A CD1 
534 C CD2 . PHE A 71 ? 0.1802 0.1986 0.2199 -0.0007 -0.0103 0.0195  89  PHE A CD2 
535 C CE1 . PHE A 71 ? 0.1729 0.1762 0.2205 0.0074  -0.0082 0.0092  89  PHE A CE1 
536 C CE2 . PHE A 71 ? 0.1622 0.1805 0.2072 0.0016  -0.0129 0.0094  89  PHE A CE2 
537 C CZ  . PHE A 71 ? 0.1842 0.1949 0.2338 0.0064  -0.0116 0.0056  89  PHE A CZ  
538 N N   . LYS A 72 ? 0.1841 0.2136 0.1992 -0.0124 0.0006  0.0366  90  LYS A N   
539 C CA  . LYS A 72 ? 0.2223 0.2639 0.2241 -0.0172 -0.0016 0.0299  90  LYS A CA  
540 C C   . LYS A 72 ? 0.2348 0.2825 0.2364 -0.0165 -0.0127 0.0286  90  LYS A C   
541 O O   . LYS A 72 ? 0.2565 0.3042 0.2643 -0.0135 -0.0185 0.0406  90  LYS A O   
542 C CB  . LYS A 72 ? 0.2531 0.2992 0.2386 -0.0212 0.0026  0.0413  90  LYS A CB  
543 C CG  . LYS A 72 ? 0.3168 0.3579 0.3034 -0.0243 0.0157  0.0409  90  LYS A CG  
544 C CD  . LYS A 72 ? 0.4535 0.4950 0.4257 -0.0267 0.0215  0.0577  90  LYS A CD  
545 C CE  . LYS A 72 ? 0.5466 0.5755 0.5281 -0.0198 0.0185  0.0700  90  LYS A CE  
546 N NZ  . LYS A 72 ? 0.6112 0.6344 0.5825 -0.0192 0.0229  0.0802  90  LYS A NZ  
547 N N   . ALA A 73 ? 0.2049 0.2574 0.2029 -0.0194 -0.0145 0.0135  91  ALA A N   
548 C CA  . ALA A 73 ? 0.2140 0.2718 0.2125 -0.0213 -0.0244 0.0094  91  ALA A CA  
549 C C   . ALA A 73 ? 0.2182 0.2868 0.1940 -0.0291 -0.0271 0.0041  91  ALA A C   
550 O O   . ALA A 73 ? 0.2213 0.2902 0.1852 -0.0321 -0.0185 -0.0061 91  ALA A O   
551 C CB  . ALA A 73 ? 0.2286 0.2798 0.2410 -0.0188 -0.0236 -0.0044 91  ALA A CB  
552 N N   . GLU A 74 ? 0.2088 0.2874 0.1786 -0.0324 -0.0388 0.0107  92  GLU A N   
553 C CA  . GLU A 74 ? 0.2742 0.3645 0.2165 -0.0404 -0.0439 0.0075  92  GLU A CA  
554 C C   . GLU A 74 ? 0.2569 0.3477 0.2032 -0.0438 -0.0524 -0.0047 92  GLU A C   
555 O O   . GLU A 74 ? 0.2904 0.3825 0.2545 -0.0411 -0.0607 0.0020  92  GLU A O   
556 C CB  . GLU A 74 ? 0.4181 0.5130 0.3522 -0.0378 -0.0468 0.0286  92  GLU A CB  
557 C CG  . GLU A 74 ? 0.5585 0.6476 0.4939 -0.0333 -0.0366 0.0430  92  GLU A CG  
558 C CD  . GLU A 74 ? 0.6326 0.7159 0.5912 -0.0252 -0.0380 0.0604  92  GLU A CD  
559 O OE1 . GLU A 74 ? 0.6700 0.7570 0.6268 -0.0231 -0.0417 0.0715  92  GLU A OE1 
560 O OE2 . GLU A 74 ? 0.5967 0.6709 0.5747 -0.0205 -0.0341 0.0610  92  GLU A OE2 
561 N N   . GLY A 75 ? 0.2301 0.3182 0.1616 -0.0492 -0.0481 -0.0233 93  GLY A N   
562 C CA  . GLY A 75 ? 0.2419 0.3287 0.1720 -0.0539 -0.0554 -0.0356 93  GLY A CA  
563 C C   . GLY A 75 ? 0.3367 0.4304 0.2365 -0.0594 -0.0588 -0.0372 93  GLY A C   
564 O O   . GLY A 75 ? 0.3720 0.4701 0.2522 -0.0589 -0.0541 -0.0277 93  GLY A O   
565 N N   . PRO A 76 ? 0.3320 0.4255 0.2270 -0.0648 -0.0669 -0.0491 94  PRO A N   
566 C CA  . PRO A 76 ? 0.3628 0.4617 0.2254 -0.0704 -0.0703 -0.0533 94  PRO A CA  
567 C C   . PRO A 76 ? 0.3704 0.4608 0.2113 -0.0725 -0.0541 -0.0669 94  PRO A C   
568 O O   . PRO A 76 ? 0.4272 0.5213 0.2378 -0.0750 -0.0523 -0.0655 94  PRO A O   
569 C CB  . PRO A 76 ? 0.4327 0.5319 0.3003 -0.0763 -0.0830 -0.0656 94  PRO A CB  
570 C CG  . PRO A 76 ? 0.4116 0.4989 0.3103 -0.0748 -0.0788 -0.0738 94  PRO A CG  
571 C CD  . PRO A 76 ? 0.3348 0.4224 0.2533 -0.0665 -0.0733 -0.0588 94  PRO A CD  
572 N N   . ASP A 77 ? 0.3325 0.4113 0.1900 -0.0707 -0.0418 -0.0793 95  ASP A N   
573 C CA  . ASP A 77 ? 0.3727 0.4437 0.2174 -0.0711 -0.0245 -0.0925 95  ASP A CA  
574 C C   . ASP A 77 ? 0.3493 0.4219 0.1962 -0.0662 -0.0112 -0.0839 95  ASP A C   
575 O O   . ASP A 77 ? 0.3122 0.3806 0.1490 -0.0662 0.0038  -0.0918 95  ASP A O   
576 C CB  . ASP A 77 ? 0.4933 0.5508 0.3579 -0.0704 -0.0169 -0.1104 95  ASP A CB  
577 C CG  . ASP A 77 ? 0.6938 0.7466 0.5500 -0.0774 -0.0248 -0.1240 95  ASP A CG  
578 O OD1 . ASP A 77 ? 0.7731 0.8348 0.6176 -0.0820 -0.0408 -0.1182 95  ASP A OD1 
579 O OD2 . ASP A 77 ? 0.7648 0.8053 0.6275 -0.0781 -0.0150 -0.1401 95  ASP A OD2 
580 N N   . GLY A 78 ? 0.2611 0.3393 0.1225 -0.0622 -0.0160 -0.0678 96  GLY A N   
581 C CA  . GLY A 78 ? 0.2775 0.3561 0.1439 -0.0584 -0.0035 -0.0613 96  GLY A CA  
582 C C   . GLY A 78 ? 0.2453 0.3277 0.1296 -0.0542 -0.0089 -0.0458 96  GLY A C   
583 O O   . GLY A 78 ? 0.3026 0.3884 0.1961 -0.0532 -0.0229 -0.0361 96  GLY A O   
584 N N   . LYS A 79 ? 0.2288 0.3105 0.1204 -0.0514 0.0033  -0.0434 97  LYS A N   
585 C CA  . LYS A 79 ? 0.2589 0.3377 0.1717 -0.0448 0.0010  -0.0256 97  LYS A CA  
586 C C   . LYS A 79 ? 0.2349 0.3073 0.1722 -0.0397 0.0127  -0.0321 97  LYS A C   
587 O O   . LYS A 79 ? 0.2220 0.2956 0.1561 -0.0414 0.0257  -0.0426 97  LYS A O   
588 C CB  . LYS A 79 ? 0.3904 0.4735 0.2849 -0.0461 0.0028  -0.0060 97  LYS A CB  
589 C CG  . LYS A 79 ? 0.4683 0.5470 0.3807 -0.0402 -0.0012 0.0137  97  LYS A CG  
590 C CD  . LYS A 79 ? 0.5490 0.6326 0.4415 -0.0413 -0.0032 0.0349  97  LYS A CD  
591 C CE  . LYS A 79 ? 0.5921 0.6688 0.5047 -0.0347 -0.0046 0.0543  97  LYS A CE  
592 N NZ  . LYS A 79 ? 0.6399 0.7161 0.5471 -0.0307 -0.0104 0.0702  97  LYS A NZ  
593 N N   . ARG A 80 ? 0.2028 0.2694 0.1642 -0.0335 0.0082  -0.0258 98  ARG A N   
594 C CA  . ARG A 80 ? 0.2111 0.2743 0.1952 -0.0288 0.0156  -0.0315 98  ARG A CA  
595 C C   . ARG A 80 ? 0.1945 0.2524 0.1920 -0.0251 0.0133  -0.0186 98  ARG A C   
596 O O   . ARG A 80 ? 0.2269 0.2802 0.2260 -0.0225 0.0047  -0.0088 98  ARG A O   
597 C CB  . ARG A 80 ? 0.2648 0.3242 0.2652 -0.0244 0.0127  -0.0447 98  ARG A CB  
598 C CG  . ARG A 80 ? 0.3564 0.4155 0.3809 -0.0185 0.0179  -0.0498 98  ARG A CG  
599 C CD  . ARG A 80 ? 0.4473 0.5101 0.4779 -0.0181 0.0279  -0.0657 98  ARG A CD  
600 N NE  . ARG A 80 ? 0.5114 0.5746 0.5697 -0.0100 0.0281  -0.0702 98  ARG A NE  
601 C CZ  . ARG A 80 ? 0.5808 0.6508 0.6552 -0.0085 0.0334  -0.0705 98  ARG A CZ  
602 N NH1 . ARG A 80 ? 0.6094 0.6861 0.6776 -0.0145 0.0421  -0.0688 98  ARG A NH1 
603 N NH2 . ARG A 80 ? 0.6105 0.6768 0.7024 -0.0019 0.0275  -0.0688 98  ARG A NH2 
604 N N   . MET A 81 ? 0.1769 0.2355 0.1855 -0.0253 0.0217  -0.0195 99  MET A N   
605 C CA  . MET A 81 ? 0.1955 0.2475 0.2169 -0.0232 0.0206  -0.0116 99  MET A CA  
606 C C   . MET A 81 ? 0.1817 0.2314 0.2213 -0.0174 0.0150  -0.0192 99  MET A C   
607 O O   . MET A 81 ? 0.2022 0.2581 0.2525 -0.0154 0.0166  -0.0304 99  MET A O   
608 C CB  . MET A 81 ? 0.2640 0.3183 0.2897 -0.0284 0.0320  -0.0100 99  MET A CB  
609 C CG  . MET A 81 ? 0.2971 0.3449 0.3391 -0.0280 0.0316  -0.0080 99  MET A CG  
610 S SD  . MET A 81 ? 0.4292 0.4624 0.4624 -0.0277 0.0310  0.0096  99  MET A SD  
611 C CE  . MET A 81 ? 0.3258 0.3606 0.3482 -0.0348 0.0446  0.0194  99  MET A CE  
612 N N   . TYR A 82 ? 0.1777 0.2182 0.2207 -0.0137 0.0092  -0.0123 100 TYR A N   
613 C CA  . TYR A 82 ? 0.1828 0.2199 0.2377 -0.0080 0.0038  -0.0172 100 TYR A CA  
614 C C   . TYR A 82 ? 0.1833 0.2125 0.2408 -0.0085 0.0037  -0.0131 100 TYR A C   
615 O O   . TYR A 82 ? 0.1700 0.1911 0.2206 -0.0110 0.0073  -0.0040 100 TYR A O   
616 C CB  . TYR A 82 ? 0.1973 0.2279 0.2497 -0.0024 -0.0031 -0.0143 100 TYR A CB  
617 C CG  . TYR A 82 ? 0.2043 0.2394 0.2552 -0.0024 -0.0042 -0.0203 100 TYR A CG  
618 C CD1 . TYR A 82 ? 0.2022 0.2393 0.2411 -0.0069 -0.0051 -0.0166 100 TYR A CD1 
619 C CD2 . TYR A 82 ? 0.2463 0.2828 0.3080 0.0020  -0.0046 -0.0297 100 TYR A CD2 
620 C CE1 . TYR A 82 ? 0.2269 0.2671 0.2630 -0.0088 -0.0066 -0.0249 100 TYR A CE1 
621 C CE2 . TYR A 82 ? 0.2371 0.2742 0.2982 0.0012  -0.0039 -0.0371 100 TYR A CE2 
622 C CZ  . TYR A 82 ? 0.2609 0.2995 0.3083 -0.0051 -0.0049 -0.0360 100 TYR A CZ  
623 O OH  . TYR A 82 ? 0.3238 0.3622 0.3689 -0.0078 -0.0046 -0.0461 100 TYR A OH  
624 N N   . TYR A 83 ? 0.1834 0.2143 0.2503 -0.0059 -0.0006 -0.0199 101 TYR A N   
625 C CA  . TYR A 83 ? 0.2135 0.2341 0.2780 -0.0058 -0.0028 -0.0185 101 TYR A CA  
626 C C   . TYR A 83 ? 0.2250 0.2409 0.2864 0.0025  -0.0106 -0.0186 101 TYR A C   
627 O O   . TYR A 83 ? 0.2819 0.3065 0.3514 0.0063  -0.0164 -0.0243 101 TYR A O   
628 C CB  . TYR A 83 ? 0.2695 0.2984 0.3460 -0.0116 -0.0028 -0.0270 101 TYR A CB  
629 C CG  . TYR A 83 ? 0.3033 0.3381 0.3864 -0.0201 0.0071  -0.0271 101 TYR A CG  
630 C CD1 . TYR A 83 ? 0.3578 0.4053 0.4462 -0.0203 0.0109  -0.0301 101 TYR A CD1 
631 C CD2 . TYR A 83 ? 0.3243 0.3482 0.4050 -0.0268 0.0145  -0.0228 101 TYR A CD2 
632 C CE1 . TYR A 83 ? 0.3881 0.4390 0.4780 -0.0271 0.0214  -0.0286 101 TYR A CE1 
633 C CE2 . TYR A 83 ? 0.3415 0.3683 0.4248 -0.0331 0.0243  -0.0201 101 TYR A CE2 
634 C CZ  . TYR A 83 ? 0.4040 0.4447 0.4911 -0.0333 0.0276  -0.0227 101 TYR A CZ  
635 O OH  . TYR A 83 ? 0.4744 0.5164 0.5612 -0.0390 0.0381  -0.0189 101 TYR A OH  
636 N N   . GLY A 84 ? 0.2067 0.2093 0.2581 0.0061  -0.0098 -0.0106 102 GLY A N   
637 C CA  . GLY A 84 ? 0.1900 0.1843 0.2354 0.0134  -0.0143 -0.0090 102 GLY A CA  
638 C C   . GLY A 84 ? 0.2614 0.2495 0.2992 0.0121  -0.0163 -0.0135 102 GLY A C   
639 O O   . GLY A 84 ? 0.3126 0.2908 0.3454 0.0074  -0.0104 -0.0128 102 GLY A O   
640 N N   . MET A 85 ? 0.2374 0.2302 0.2737 0.0160  -0.0245 -0.0179 103 MET A N   
641 C CA  . MET A 85 ? 0.2552 0.2401 0.2778 0.0145  -0.0276 -0.0222 103 MET A CA  
642 C C   . MET A 85 ? 0.2348 0.2072 0.2408 0.0235  -0.0282 -0.0156 103 MET A C   
643 O O   . MET A 85 ? 0.2424 0.2201 0.2496 0.0309  -0.0344 -0.0123 103 MET A O   
644 C CB  . MET A 85 ? 0.3066 0.3081 0.3378 0.0112  -0.0380 -0.0319 103 MET A CB  
645 C CG  . MET A 85 ? 0.3322 0.3514 0.3869 0.0060  -0.0365 -0.0360 103 MET A CG  
646 S SD  . MET A 85 ? 1.0863 1.1252 1.1533 0.0038  -0.0441 -0.0421 103 MET A SD  
647 C CE  . MET A 85 ? 1.0225 1.0679 1.0975 0.0132  -0.0428 -0.0357 103 MET A CE  
648 N N   . TYR A 86 ? 0.2145 0.1688 0.2067 0.0230  -0.0196 -0.0125 104 TYR A N   
649 C CA  . TYR A 86 ? 0.2438 0.1830 0.2206 0.0306  -0.0148 -0.0048 104 TYR A CA  
650 C C   . TYR A 86 ? 0.2773 0.2085 0.2298 0.0311  -0.0189 -0.0109 104 TYR A C   
651 O O   . TYR A 86 ? 0.2360 0.1582 0.1784 0.0245  -0.0154 -0.0192 104 TYR A O   
652 C CB  . TYR A 86 ? 0.2453 0.1839 0.2309 0.0246  -0.0011 0.0015  104 TYR A CB  
653 C CG  . TYR A 86 ? 0.2583 0.1930 0.2366 0.0263  0.0051  0.0067  104 TYR A CG  
654 C CD1 . TYR A 86 ? 0.2398 0.1748 0.2109 0.0308  0.0035  0.0102  104 TYR A CD1 
655 C CD2 . TYR A 86 ? 0.2951 0.2256 0.2734 0.0239  0.0133  0.0084  104 TYR A CD2 
656 C CE1 . TYR A 86 ? 0.2795 0.2090 0.2429 0.0327  0.0113  0.0143  104 TYR A CE1 
657 C CE2 . TYR A 86 ? 0.3109 0.2376 0.2826 0.0264  0.0211  0.0124  104 TYR A CE2 
658 C CZ  . TYR A 86 ? 0.3385 0.2638 0.3021 0.0306  0.0207  0.0151  104 TYR A CZ  
659 O OH  . TYR A 86 ? 0.3657 0.2856 0.3225 0.0337  0.0309  0.0191  104 TYR A OH  
660 N N   . HIS A 87 ? 0.2598 0.1934 0.2013 0.0387  -0.0263 -0.0070 105 HIS A N   
661 C CA  . HIS A 87 ? 0.3188 0.2449 0.2308 0.0398  -0.0312 -0.0114 105 HIS A CA  
662 C C   . HIS A 87 ? 0.3363 0.2399 0.2286 0.0457  -0.0170 -0.0031 105 HIS A C   
663 O O   . HIS A 87 ? 0.3529 0.2534 0.2449 0.0544  -0.0142 0.0088  105 HIS A O   
664 C CB  . HIS A 87 ? 0.3267 0.2678 0.2365 0.0464  -0.0467 -0.0083 105 HIS A CB  
665 C CG  . HIS A 87 ? 0.3090 0.2748 0.2454 0.0424  -0.0589 -0.0148 105 HIS A CG  
666 N ND1 . HIS A 87 ? 0.3475 0.3295 0.2825 0.0383  -0.0733 -0.0230 105 HIS A ND1 
667 C CD2 . HIS A 87 ? 0.2832 0.2613 0.2501 0.0410  -0.0570 -0.0143 105 HIS A CD2 
668 C CE1 . HIS A 87 ? 0.3320 0.3346 0.2993 0.0343  -0.0757 -0.0256 105 HIS A CE1 
669 N NE2 . HIS A 87 ? 0.3139 0.3136 0.2979 0.0366  -0.0671 -0.0215 105 HIS A NE2 
670 N N   . CYS A 88 ? 0.3241 0.2109 0.2007 0.0409  -0.0069 -0.0098 106 CYS A N   
671 C CA  . CYS A 88 ? 0.3717 0.2373 0.2391 0.0457  0.0116  -0.0023 106 CYS A CA  
672 C C   . CYS A 88 ? 0.4075 0.2621 0.2455 0.0543  0.0143  0.0049  106 CYS A C   
673 O O   . CYS A 88 ? 0.4262 0.2798 0.2740 0.0595  0.0248  0.0163  106 CYS A O   
674 C CB  . CYS A 88 ? 0.3766 0.2256 0.2360 0.0387  0.0233  -0.0123 106 CYS A CB  
675 S SG  . CYS A 88 ? 0.4542 0.3188 0.3470 0.0269  0.0197  -0.0190 106 CYS A SG  
676 N N   . GLU A 89 ? 0.4478 0.3014 0.2543 0.0529  0.0044  -0.0035 107 GLU A N   
677 C CA  . GLU A 89 ? 0.5296 0.3738 0.3050 0.0603  0.0064  0.0036  107 GLU A CA  
678 C C   . GLU A 89 ? 0.5431 0.4026 0.3380 0.0679  0.0000  0.0175  107 GLU A C   
679 O O   . GLU A 89 ? 0.5435 0.3976 0.3372 0.0729  0.0105  0.0262  107 GLU A O   
680 C CB  . GLU A 89 ? 0.6373 0.4872 0.3882 0.0533  -0.0059 -0.0089 107 GLU A CB  
681 C CG  . GLU A 89 ? 0.7614 0.5957 0.4987 0.0443  0.0058  -0.0224 107 GLU A CG  
682 C CD  . GLU A 89 ? 0.8604 0.7073 0.5834 0.0335  -0.0088 -0.0386 107 GLU A CD  
683 O OE1 . GLU A 89 ? 0.9049 0.7755 0.6366 0.0316  -0.0288 -0.0402 107 GLU A OE1 
684 O OE2 . GLU A 89 ? 0.8624 0.6976 0.5693 0.0268  0.0002  -0.0498 107 GLU A OE2 
685 N N   . GLU A 90 ? 0.5410 0.4220 0.3604 0.0668  -0.0151 0.0169  108 GLU A N   
686 C CA  A GLU A 90 ? 0.5527 0.4514 0.3991 0.0696  -0.0182 0.0261  108 GLU A CA  
687 C CA  B GLU A 90 ? 0.5564 0.4551 0.4028 0.0695  -0.0183 0.0260  108 GLU A CA  
688 C C   . GLU A 90 ? 0.4938 0.3989 0.3762 0.0652  -0.0055 0.0304  108 GLU A C   
689 O O   . GLU A 90 ? 0.4709 0.3844 0.3710 0.0646  -0.0037 0.0372  108 GLU A O   
690 C CB  A GLU A 90 ? 0.5796 0.5009 0.4434 0.0677  -0.0362 0.0225  108 GLU A CB  
691 C CB  B GLU A 90 ? 0.5827 0.5040 0.4466 0.0676  -0.0361 0.0225  108 GLU A CB  
692 C CG  A GLU A 90 ? 0.6620 0.5913 0.5023 0.0670  -0.0517 0.0177  108 GLU A CG  
693 C CG  B GLU A 90 ? 0.6587 0.5881 0.4994 0.0670  -0.0517 0.0176  108 GLU A CG  
694 C CD  A GLU A 90 ? 0.6992 0.6384 0.5420 0.0583  -0.0629 0.0021  108 GLU A CD  
695 C CD  B GLU A 90 ? 0.6933 0.6322 0.5357 0.0583  -0.0627 0.0021  108 GLU A CD  
696 O OE1 A GLU A 90 ? 0.7062 0.6299 0.5304 0.0525  -0.0569 -0.0080 108 GLU A OE1 
697 O OE1 B GLU A 90 ? 0.7071 0.6301 0.5302 0.0527  -0.0566 -0.0079 108 GLU A OE1 
698 O OE2 A GLU A 90 ? 0.7024 0.6653 0.5698 0.0555  -0.0751 -0.0004 108 GLU A OE2 
699 O OE2 B GLU A 90 ? 0.6948 0.6572 0.5620 0.0554  -0.0748 -0.0007 108 GLU A OE2 
700 N N   . GLY A 91 ? 0.4294 0.3328 0.3235 0.0597  0.0018  0.0258  109 GLY A N   
701 C CA  . GLY A 91 ? 0.3694 0.2874 0.2986 0.0510  0.0089  0.0278  109 GLY A CA  
702 C C   . GLY A 91 ? 0.3661 0.3026 0.3256 0.0446  0.0000  0.0271  109 GLY A C   
703 O O   . GLY A 91 ? 0.3784 0.3178 0.3493 0.0437  0.0035  0.0300  109 GLY A O   
704 N N   . TYR A 92 ? 0.3307 0.2731 0.2929 0.0446  -0.0082 0.0228  110 TYR A N   
705 C CA  . TYR A 92 ? 0.3017 0.2584 0.2899 0.0396  -0.0123 0.0216  110 TYR A CA  
706 C C   . TYR A 92 ? 0.2669 0.2306 0.2613 0.0363  -0.0143 0.0156  110 TYR A C   
707 O O   . TYR A 92 ? 0.2537 0.2085 0.2295 0.0401  -0.0183 0.0103  110 TYR A O   
708 C CB  . TYR A 92 ? 0.3186 0.2804 0.3104 0.0443  -0.0185 0.0253  110 TYR A CB  
709 C CG  . TYR A 92 ? 0.3453 0.3121 0.3252 0.0500  -0.0289 0.0218  110 TYR A CG  
710 C CD1 . TYR A 92 ? 0.4026 0.3614 0.3536 0.0571  -0.0359 0.0220  110 TYR A CD1 
711 C CD2 . TYR A 92 ? 0.3614 0.3419 0.3573 0.0481  -0.0335 0.0168  110 TYR A CD2 
712 C CE1 . TYR A 92 ? 0.4621 0.4307 0.4058 0.0592  -0.0503 0.0165  110 TYR A CE1 
713 C CE2 . TYR A 92 ? 0.3962 0.3860 0.3880 0.0511  -0.0463 0.0112  110 TYR A CE2 
714 C CZ  . TYR A 92 ? 0.4635 0.4493 0.4315 0.0555  -0.0558 0.0109  110 TYR A CZ  
715 O OH  . TYR A 92 ? 0.5323 0.5333 0.5006 0.0544  -0.0695 0.0050  110 TYR A OH  
716 N N   . VAL A 93 ? 0.2419 0.2150 0.2531 0.0326  -0.0121 0.0148  111 VAL A N   
717 C CA  . VAL A 93 ? 0.2129 0.1921 0.2263 0.0299  -0.0128 0.0092  111 VAL A CA  
718 C C   . VAL A 93 ? 0.2551 0.2438 0.2760 0.0311  -0.0176 0.0057  111 VAL A C   
719 O O   . VAL A 93 ? 0.2502 0.2391 0.2754 0.0335  -0.0154 0.0084  111 VAL A O   
720 C CB  . VAL A 93 ? 0.2037 0.1827 0.2190 0.0261  -0.0061 0.0098  111 VAL A CB  
721 C CG1 . VAL A 93 ? 0.2005 0.1843 0.2189 0.0225  -0.0090 0.0042  111 VAL A CG1 
722 C CG2 . VAL A 93 ? 0.2044 0.1779 0.2238 0.0210  -0.0074 0.0105  111 VAL A CG2 
723 N N   . GLU A 94 ? 0.2591 0.2540 0.2845 0.0305  -0.0258 -0.0025 112 GLU A N   
724 C CA  . GLU A 94 ? 0.3383 0.3441 0.3769 0.0300  -0.0276 -0.0063 112 GLU A CA  
725 C C   . GLU A 94 ? 0.2725 0.2830 0.3195 0.0243  -0.0263 -0.0131 112 GLU A C   
726 O O   . GLU A 94 ? 0.2688 0.2791 0.3163 0.0220  -0.0285 -0.0168 112 GLU A O   
727 C CB  . GLU A 94 ? 0.4962 0.5116 0.5402 0.0342  -0.0368 -0.0087 112 GLU A CB  
728 C CG  . GLU A 94 ? 0.6784 0.6999 0.7235 0.0315  -0.0450 -0.0169 112 GLU A CG  
729 C CD  . GLU A 94 ? 0.8667 0.8758 0.8938 0.0330  -0.0484 -0.0168 112 GLU A CD  
730 O OE1 . GLU A 94 ? 0.9361 0.9330 0.9486 0.0379  -0.0451 -0.0089 112 GLU A OE1 
731 O OE2 . GLU A 94 ? 0.9233 0.9340 0.9500 0.0281  -0.0531 -0.0249 112 GLU A OE2 
732 N N   . TYR A 95 ? 0.2679 0.2821 0.3221 0.0226  -0.0224 -0.0148 113 TYR A N   
733 C CA  . TYR A 95 ? 0.3019 0.3203 0.3624 0.0177  -0.0194 -0.0198 113 TYR A CA  
734 C C   . TYR A 95 ? 0.3615 0.3924 0.4358 0.0163  -0.0191 -0.0271 113 TYR A C   
735 O O   . TYR A 95 ? 0.3568 0.3923 0.4383 0.0197  -0.0202 -0.0281 113 TYR A O   
736 C CB  . TYR A 95 ? 0.2942 0.3087 0.3525 0.0164  -0.0154 -0.0184 113 TYR A CB  
737 C CG  . TYR A 95 ? 0.2562 0.2616 0.3034 0.0162  -0.0140 -0.0106 113 TYR A CG  
738 C CD1 . TYR A 95 ? 0.2612 0.2610 0.3036 0.0193  -0.0131 -0.0061 113 TYR A CD1 
739 C CD2 . TYR A 95 ? 0.2466 0.2500 0.2913 0.0138  -0.0127 -0.0077 113 TYR A CD2 
740 C CE1 . TYR A 95 ? 0.2417 0.2353 0.2780 0.0191  -0.0110 -0.0009 113 TYR A CE1 
741 C CE2 . TYR A 95 ? 0.2375 0.2348 0.2733 0.0139  -0.0100 -0.0009 113 TYR A CE2 
742 C CZ  . TYR A 95 ? 0.2424 0.2353 0.2759 0.0160  -0.0095 0.0012  113 TYR A CZ  
743 O OH  . TYR A 95 ? 0.2657 0.2543 0.2965 0.0159  -0.0072 0.0058  113 TYR A OH  
744 N N   . ALA A 96 ? 0.4132 0.4501 0.4923 0.0111  -0.0161 -0.0308 114 ALA A N   
745 C CA  . ALA A 96 ? 0.4851 0.5345 0.5770 0.0078  -0.0120 -0.0368 114 ALA A CA  
746 C C   . ALA A 96 ? 0.5348 0.5875 0.6259 0.0021  -0.0035 -0.0384 114 ALA A C   
747 O O   . ALA A 96 ? 0.5147 0.5621 0.5973 0.0008  -0.0026 -0.0343 114 ALA A O   
748 C CB  . ALA A 96 ? 0.4843 0.5408 0.5834 0.0046  -0.0151 -0.0391 114 ALA A CB  
749 N N   . ASN A 97 ? 0.5605 0.6233 0.6611 -0.0018 0.0032  -0.0433 115 ASN A N   
750 C CA  . ASN A 97 ? 0.5751 0.6424 0.6720 -0.0079 0.0134  -0.0447 115 ASN A CA  
751 C C   . ASN A 97 ? 0.5370 0.6114 0.6411 -0.0148 0.0214  -0.0457 115 ASN A C   
752 O O   . ASN A 97 ? 0.5154 0.5951 0.6330 -0.0142 0.0192  -0.0485 115 ASN A O   
753 C CB  . ASN A 97 ? 0.6111 0.6810 0.7079 -0.0055 0.0179  -0.0511 115 ASN A CB  
754 C CG  . ASN A 97 ? 0.6264 0.6876 0.7175 0.0000  0.0110  -0.0501 115 ASN A CG  
755 O OD1 . ASN A 97 ? 0.6600 0.7159 0.7564 0.0059  0.0060  -0.0502 115 ASN A OD1 
756 N ND2 . ASN A 97 ? 0.5958 0.6559 0.6763 -0.0026 0.0112  -0.0477 115 ASN A ND2 
# 
